data_7QKO
#
_entry.id   7QKO
#
_cell.length_a   1.00
_cell.length_b   1.00
_cell.length_c   1.00
_cell.angle_alpha   90.00
_cell.angle_beta   90.00
_cell.angle_gamma   90.00
#
_symmetry.space_group_name_H-M   'P 1'
#
loop_
_entity.id
_entity.type
_entity.pdbx_description
1 polymer 'Acetylcholine receptor subunit alpha'
2 polymer 'Acetylcholine receptor subunit beta'
3 polymer 'Acetylcholine receptor subunit delta'
4 polymer 'Acetylcholine receptor subunit gamma'
5 branched alpha-D-mannopyranose-(1-3)-[alpha-D-mannopyranose-(1-6)]alpha-D-mannopyranose-(1-6)-[alpha-D-mannopyranose-(1-3)]beta-D-mannopyranose-(1-4)-2-acetamido-2-deoxy-beta-D-glucopyranose-(1-4)-2-acetamido-2-deoxy-beta-D-glucopyranose
6 branched alpha-D-mannopyranose-(1-3)-[alpha-D-mannopyranose-(1-6)]beta-D-mannopyranose-(1-4)-2-acetamido-2-deoxy-beta-D-glucopyranose-(1-4)-2-acetamido-2-deoxy-beta-D-glucopyranose
7 branched alpha-D-mannopyranose-(1-2)-alpha-D-mannopyranose-(1-3)-[alpha-D-mannopyranose-(1-6)]beta-D-mannopyranose-(1-4)-2-acetamido-2-deoxy-beta-D-glucopyranose-(1-4)-2-acetamido-2-deoxy-beta-D-glucopyranose
8 branched beta-D-mannopyranose-(1-4)-2-acetamido-2-deoxy-beta-D-glucopyranose-(1-4)-2-acetamido-2-deoxy-beta-D-glucopyranose
9 non-polymer '(2S)-3-(hexadecanoyloxy)-2-[(9Z)-octadec-9-enoyloxy]propyl 2-(trimethylammonio)ethyl phosphate'
#
loop_
_entity_poly.entity_id
_entity_poly.type
_entity_poly.pdbx_seq_one_letter_code
_entity_poly.pdbx_strand_id
1 'polypeptide(L)'
;SEHETRLVANLLENYNKVIRPVEHHTHFVDITVGLQLIQLISVDEVNQIVETNVRLRQQWIDVRLRWNPADYGGIKKIRL
PSDDVWLPDLVLYNNADGDFAIVHMTKLLLDYTGKIMWTPPAIFKSYCEIIVTHFPFDQQNCTMKLGIWTYDGTKVSISP
ESDRPDLSTFMESGEWVMKDYRGWKHWVYYTCCPDTPYLDITYHFIMQRIPLYFVVNVIIPCLLFSFLTGLVFYLPTDSG
EKMTLSISVLLSLTVFLLVIVELIPSTSSAVPLIGKYMLFTMIFVISSIIITVVVINTHHRSPSTHTMPQWVRKIFIDTI
PNVMFFSTMKRASKEKQENKIFADDIDISDISGKQVTGEVIFQTPLIKNPDVKSAIEGVKYIAEHMKSDEESSNAAEEWK
YVAMVIDHILLCVFMLICIIGTVSVFAGRLIELSQEG
;
A,D
2 'polypeptide(L)'
;SVMEDTLLSVLFETYNPKVRPAQTVGDKVTVRVGLTLTNLLILNEKIEEMTTNVFLNLAWTDYRLQWDPAAYEGIKDLRI
PSSDVWQPDIVLMNNNDGSFEITLHVNVLVQHTGAVSWQPSAIYRSSCTIKVMYFPFDWQNCTMVFKSYTYDTSEVTLQH
ALDAKGEREVKEIVINKDAFTENGQWSIEHKPSRKNWRSDDPSYEDVTFYLIIQRKPLFYIVYTIIPCILISILAILVFY
LPPDAGEKMSLSISALLAVTVFLLLLADKVPETSLSVPIIIRYLMFIMILVAFSVILSVVVLNLHHRSPNTHTMPNWIRQ
IFIETLPPFLWIQRPVTTPSPDSKPTIISRANDEYFIRKPAGDFVCPVDNARVAVQPERLFSEMKWHLNGLTQPVTLPQD
LKEAVEAIKYIAEQLESASEFDDLKKDWQYVAMVADRLFLYVFFVICSIGTFSIFLDASHNVPPDNPFA
;
B
3 'polypeptide(L)'
;VNEEERLINDLLIVNKYNKHVRPVKHNNEVVNIALSLTLSNLISLKETDETLTSNVWMDHAWYDHRLTWNASEYSDISIL
RLPPELVWIPDIVLQNNNDGQYHVAYFCNVLVRPNGYVTWLPPAIFRSSCPINVLYFPFDWQNCSLKFTALNYDANEITM
DLMTDTIDGKDYPIEWIIIDPEAFTENGEWEIIHKPAKKNIYPDKFPNGTNYQDVTFYLIIRRKPLFYVINFITPCVLIS
FLASLAFYLPAESGEKMSTAISVLLAQAVFLLLTSQRLPETALAVPLIGKYLMFIMSLVTGVIVNCGIVLNFHFRTPSTH
VLSTRVKQIFLEKLPRILHMSRADESEQPDWQNDLKLRRSSSVGYISKAQEYFNIKSRSELMFEKQSERHGLVPRVTPRI
GFGNNNENIAASDQLHDEIKSGIDSTNYIVKQIKEKNAYDEEVGNWNLVGQTIDRLSMFIITPVMVLGTIFIFVMGNFNH
PPAKPFEGDPFDYSSDHPRCA
;
C
4 'polypeptide(L)'
;ENEEGRLIEKLLGDYDKRIIPAKTLDHIIDVTLKLTLTNLISLNEKEEALTTNVWIEIQWNDYRLSWNTSEYEGIDLVRI
PSELLWLPDVVLENNVDGQFEVAYYANVLVYNDGSMYWLPPAIYRSTCPIAVTYFPFDWQNCSLVFRSQTYNAHEVNLQL
SAEEGEAVEWIHIDPEDFTENGEWTIRHRPAKKNYNWQLTKDDTDFQEIIFFLIIQRKPLFYIINIIAPCVLISSLVVLV
YFLPAQAGGQKCTLSISVLLAQTIFLFLIAQKVPETSLNVPLIGKYLIFVMFVSMLIVMNCVIVLNVSLRTPNTHSLSEK
IKHLFLGFLPKYLGMQLEPSEETPEKPQPRRRSSFGIMIKAEEYILKKPRSELMFEEQKDRHGLKRVNKMTSDIDIGTTV
DLYKDLANFAPEIKSCVEACNFIAKSTKEQNDSGSENENWVLIGKVIDKACFWIALLLFSIGTLAIFLTGHFNQVPEFPF
PGDPRKYVP
;
E
#
loop_
_chem_comp.id
_chem_comp.type
_chem_comp.name
_chem_comp.formula
BMA D-saccharide, beta linking beta-D-mannopyranose 'C6 H12 O6'
MAN D-saccharide, alpha linking alpha-D-mannopyranose 'C6 H12 O6'
NAG D-saccharide, beta linking 2-acetamido-2-deoxy-beta-D-glucopyranose 'C8 H15 N O6'
POV non-polymer '(2S)-3-(hexadecanoyloxy)-2-[(9Z)-octadec-9-enoyloxy]propyl 2-(trimethylammonio)ethyl phosphate' 'C42 H82 N O8 P'
#
# COMPACT_ATOMS: atom_id res chain seq x y z
N SER A 1 34.00 40.97 -7.72
CA SER A 1 35.24 41.39 -8.34
C SER A 1 34.96 42.14 -9.64
N GLU A 2 35.45 43.38 -9.73
CA GLU A 2 35.25 44.15 -10.96
C GLU A 2 36.01 43.54 -12.13
N HIS A 3 37.19 42.96 -11.86
CA HIS A 3 37.91 42.26 -12.91
C HIS A 3 37.10 41.08 -13.43
N GLU A 4 36.48 40.32 -12.52
CA GLU A 4 35.69 39.17 -12.96
C GLU A 4 34.43 39.60 -13.67
N THR A 5 33.80 40.70 -13.24
CA THR A 5 32.64 41.21 -13.96
C THR A 5 33.03 41.61 -15.38
N ARG A 6 34.14 42.32 -15.53
CA ARG A 6 34.60 42.71 -16.85
C ARG A 6 34.91 41.49 -17.71
N LEU A 7 35.56 40.48 -17.12
CA LEU A 7 35.89 39.28 -17.87
C LEU A 7 34.62 38.54 -18.32
N VAL A 8 33.64 38.39 -17.43
CA VAL A 8 32.43 37.68 -17.78
C VAL A 8 31.64 38.43 -18.85
N ALA A 9 31.58 39.76 -18.73
CA ALA A 9 30.91 40.55 -19.76
C ALA A 9 31.63 40.44 -21.10
N ASN A 10 32.98 40.38 -21.07
CA ASN A 10 33.75 40.34 -22.31
C ASN A 10 33.64 38.98 -22.99
N LEU A 11 33.63 37.89 -22.21
CA LEU A 11 33.58 36.56 -22.81
C LEU A 11 32.27 36.33 -23.53
N LEU A 12 31.15 36.70 -22.92
CA LEU A 12 29.82 36.42 -23.46
C LEU A 12 29.31 37.54 -24.36
N GLU A 13 30.18 38.44 -24.81
CA GLU A 13 29.77 39.50 -25.72
C GLU A 13 29.24 38.92 -27.03
N ASN A 14 30.10 38.20 -27.76
CA ASN A 14 29.70 37.51 -28.98
C ASN A 14 29.94 36.02 -28.75
N TYR A 15 28.97 35.35 -28.17
CA TYR A 15 29.06 33.92 -27.87
C TYR A 15 27.71 33.29 -28.15
N ASN A 16 27.70 32.27 -29.01
CA ASN A 16 26.48 31.57 -29.39
C ASN A 16 26.54 30.16 -28.79
N LYS A 17 25.69 29.90 -27.79
CA LYS A 17 25.67 28.61 -27.14
C LYS A 17 25.13 27.50 -28.04
N VAL A 18 24.52 27.86 -29.17
CA VAL A 18 24.02 26.85 -30.10
C VAL A 18 25.17 26.16 -30.82
N ILE A 19 26.23 26.89 -31.11
CA ILE A 19 27.27 26.45 -32.04
C ILE A 19 28.29 25.58 -31.30
N ARG A 20 28.72 24.51 -31.96
CA ARG A 20 29.71 23.61 -31.39
C ARG A 20 31.02 24.35 -31.19
N PRO A 21 31.71 24.12 -30.07
CA PRO A 21 32.94 24.87 -29.73
C PRO A 21 34.22 24.30 -30.37
N VAL A 22 34.38 24.55 -31.67
CA VAL A 22 35.52 24.03 -32.41
C VAL A 22 36.05 25.12 -33.33
N GLU A 23 37.34 25.02 -33.65
CA GLU A 23 37.98 26.03 -34.49
C GLU A 23 37.53 25.92 -35.94
N HIS A 24 37.47 24.70 -36.48
CA HIS A 24 36.99 24.46 -37.83
C HIS A 24 35.95 23.35 -37.80
N HIS A 25 34.96 23.45 -38.70
CA HIS A 25 33.85 22.50 -38.66
C HIS A 25 34.31 21.07 -38.88
N THR A 26 35.41 20.88 -39.60
CA THR A 26 35.92 19.53 -39.85
C THR A 26 36.38 18.85 -38.56
N HIS A 27 36.95 19.63 -37.63
CA HIS A 27 37.47 19.05 -36.40
C HIS A 27 36.32 18.60 -35.50
N PHE A 28 36.69 17.89 -34.43
CA PHE A 28 35.75 17.37 -33.45
C PHE A 28 36.14 17.84 -32.06
N VAL A 29 35.13 18.01 -31.20
CA VAL A 29 35.36 18.31 -29.79
C VAL A 29 35.49 17.00 -29.03
N ASP A 30 36.52 16.90 -28.20
CA ASP A 30 36.86 15.67 -27.50
C ASP A 30 36.51 15.83 -26.01
N ILE A 31 35.28 15.46 -25.66
CA ILE A 31 34.84 15.50 -24.27
C ILE A 31 35.33 14.24 -23.57
N THR A 32 36.06 14.42 -22.48
CA THR A 32 36.44 13.30 -21.62
C THR A 32 35.38 13.17 -20.53
N VAL A 33 34.76 12.00 -20.46
CA VAL A 33 33.61 11.77 -19.59
C VAL A 33 34.00 10.78 -18.50
N GLY A 34 33.85 11.20 -17.25
CA GLY A 34 33.98 10.31 -16.12
C GLY A 34 32.67 10.27 -15.35
N LEU A 35 32.44 9.17 -14.65
CA LEU A 35 31.23 9.00 -13.86
C LEU A 35 31.62 8.55 -12.47
N GLN A 36 31.09 9.20 -11.44
CA GLN A 36 31.33 8.80 -10.07
C GLN A 36 30.02 8.47 -9.38
N LEU A 37 29.95 7.30 -8.75
CA LEU A 37 28.75 6.80 -8.12
C LEU A 37 28.76 7.20 -6.65
N ILE A 38 27.77 7.96 -6.21
CA ILE A 38 27.70 8.39 -4.82
C ILE A 38 26.95 7.38 -3.97
N GLN A 39 25.83 6.86 -4.46
CA GLN A 39 25.08 5.85 -3.73
C GLN A 39 24.23 5.06 -4.71
N LEU A 40 23.79 3.89 -4.28
CA LEU A 40 22.87 3.05 -5.03
C LEU A 40 21.49 3.26 -4.43
N ILE A 41 20.65 4.04 -5.12
CA ILE A 41 19.36 4.43 -4.55
C ILE A 41 18.47 3.21 -4.36
N SER A 42 18.31 2.40 -5.41
CA SER A 42 17.42 1.24 -5.31
C SER A 42 17.63 0.33 -6.49
N VAL A 43 17.14 -0.90 -6.36
CA VAL A 43 17.08 -1.87 -7.44
C VAL A 43 15.69 -2.50 -7.41
N ASP A 44 14.88 -2.23 -8.42
CA ASP A 44 13.53 -2.75 -8.53
C ASP A 44 13.53 -3.89 -9.56
N GLU A 45 13.32 -5.11 -9.08
CA GLU A 45 13.36 -6.28 -9.95
C GLU A 45 12.05 -6.51 -10.69
N VAL A 46 10.96 -5.89 -10.25
CA VAL A 46 9.68 -6.07 -10.92
C VAL A 46 9.70 -5.38 -12.28
N ASN A 47 10.17 -4.13 -12.32
CA ASN A 47 10.30 -3.38 -13.56
C ASN A 47 11.72 -3.38 -14.11
N GLN A 48 12.66 -4.00 -13.41
CA GLN A 48 14.06 -4.09 -13.83
C GLN A 48 14.66 -2.70 -14.03
N ILE A 49 14.62 -1.91 -12.95
CA ILE A 49 15.12 -0.54 -12.97
C ILE A 49 16.07 -0.35 -11.79
N VAL A 50 17.28 0.11 -12.07
CA VAL A 50 18.27 0.39 -11.04
C VAL A 50 18.42 1.90 -10.95
N GLU A 51 18.09 2.45 -9.79
CA GLU A 51 18.16 3.89 -9.55
C GLU A 51 19.45 4.18 -8.80
N THR A 52 20.30 5.01 -9.39
CA THR A 52 21.59 5.36 -8.82
C THR A 52 21.73 6.87 -8.76
N ASN A 53 22.48 7.33 -7.76
CA ASN A 53 22.85 8.74 -7.66
C ASN A 53 24.29 8.88 -8.15
N VAL A 54 24.48 9.65 -9.22
CA VAL A 54 25.77 9.74 -9.87
C VAL A 54 26.12 11.22 -10.06
N ARG A 55 27.40 11.46 -10.32
CA ARG A 55 27.88 12.75 -10.76
C ARG A 55 28.72 12.55 -12.02
N LEU A 56 28.35 13.26 -13.08
CA LEU A 56 29.14 13.23 -14.30
C LEU A 56 30.32 14.19 -14.17
N ARG A 57 31.31 13.98 -15.03
CA ARG A 57 32.50 14.83 -15.08
C ARG A 57 32.87 14.94 -16.55
N GLN A 58 32.40 15.99 -17.20
CA GLN A 58 32.75 16.27 -18.59
C GLN A 58 33.84 17.31 -18.63
N GLN A 59 34.92 17.02 -19.36
CA GLN A 59 35.98 17.99 -19.59
C GLN A 59 36.13 18.18 -21.08
N TRP A 60 36.05 19.43 -21.53
CA TRP A 60 36.31 19.74 -22.93
C TRP A 60 37.01 21.08 -23.01
N ILE A 61 37.29 21.53 -24.23
CA ILE A 61 38.03 22.77 -24.45
C ILE A 61 37.20 23.65 -25.37
N ASP A 62 36.77 24.79 -24.85
CA ASP A 62 36.06 25.80 -25.63
C ASP A 62 37.04 26.91 -25.95
N VAL A 63 37.52 26.95 -27.20
CA VAL A 63 38.54 27.90 -27.59
C VAL A 63 38.02 29.33 -27.58
N ARG A 64 36.70 29.53 -27.63
CA ARG A 64 36.14 30.87 -27.65
C ARG A 64 36.20 31.55 -26.29
N LEU A 65 36.43 30.80 -25.22
CA LEU A 65 36.43 31.34 -23.87
C LEU A 65 37.83 31.59 -23.32
N ARG A 66 38.86 31.44 -24.15
CA ARG A 66 40.22 31.70 -23.69
C ARG A 66 40.45 33.18 -23.48
N TRP A 67 41.24 33.51 -22.46
CA TRP A 67 41.57 34.89 -22.17
C TRP A 67 42.98 34.95 -21.60
N ASN A 68 43.53 36.17 -21.52
CA ASN A 68 44.86 36.39 -21.00
C ASN A 68 44.74 36.75 -19.52
N PRO A 69 45.20 35.89 -18.60
CA PRO A 69 45.05 36.21 -17.17
C PRO A 69 45.74 37.49 -16.74
N ALA A 70 46.88 37.81 -17.34
CA ALA A 70 47.58 39.05 -16.98
C ALA A 70 46.81 40.29 -17.37
N ASP A 71 45.82 40.16 -18.27
CA ASP A 71 45.02 41.30 -18.71
C ASP A 71 43.82 41.56 -17.82
N TYR A 72 43.52 40.68 -16.87
CA TYR A 72 42.37 40.82 -15.99
C TYR A 72 42.79 40.68 -14.54
N GLY A 73 43.98 41.16 -14.19
CA GLY A 73 44.42 41.14 -12.82
C GLY A 73 44.89 39.80 -12.30
N GLY A 74 45.09 38.82 -13.17
CA GLY A 74 45.60 37.53 -12.75
C GLY A 74 44.57 36.45 -12.54
N ILE A 75 43.32 36.65 -12.98
CA ILE A 75 42.29 35.63 -12.82
C ILE A 75 42.69 34.38 -13.60
N LYS A 76 42.66 33.24 -12.92
CA LYS A 76 42.99 31.96 -13.54
C LYS A 76 41.79 31.08 -13.79
N LYS A 77 40.81 31.08 -12.89
CA LYS A 77 39.61 30.27 -13.05
C LYS A 77 38.40 31.12 -12.70
N ILE A 78 37.27 30.83 -13.35
CA ILE A 78 35.99 31.44 -13.02
C ILE A 78 34.93 30.35 -13.00
N ARG A 79 33.74 30.73 -12.55
CA ARG A 79 32.59 29.84 -12.52
C ARG A 79 31.49 30.47 -13.38
N LEU A 80 30.95 29.68 -14.30
CA LEU A 80 29.90 30.19 -15.16
C LEU A 80 28.69 29.27 -15.11
N PRO A 81 27.48 29.83 -15.14
CA PRO A 81 26.28 28.98 -15.24
C PRO A 81 26.30 28.17 -16.53
N SER A 82 25.88 26.92 -16.42
CA SER A 82 25.89 26.03 -17.59
C SER A 82 24.94 26.50 -18.68
N ASP A 83 23.92 27.28 -18.34
CA ASP A 83 22.97 27.78 -19.32
C ASP A 83 23.56 28.88 -20.20
N ASP A 84 24.84 29.23 -20.02
CA ASP A 84 25.46 30.30 -20.77
C ASP A 84 26.43 29.82 -21.84
N VAL A 85 26.87 28.57 -21.78
CA VAL A 85 27.88 28.05 -22.71
C VAL A 85 27.37 26.76 -23.33
N TRP A 86 28.01 26.38 -24.43
CA TRP A 86 27.66 25.14 -25.13
C TRP A 86 27.94 23.95 -24.23
N LEU A 87 27.01 22.99 -24.22
CA LEU A 87 27.14 21.78 -23.43
C LEU A 87 26.89 20.56 -24.31
N PRO A 88 27.64 19.48 -24.08
CA PRO A 88 27.35 18.24 -24.81
C PRO A 88 26.11 17.57 -24.27
N ASP A 89 25.26 17.11 -25.19
CA ASP A 89 23.98 16.52 -24.81
C ASP A 89 24.14 15.01 -24.59
N LEU A 90 24.83 14.68 -23.49
CA LEU A 90 24.95 13.29 -23.09
C LEU A 90 23.59 12.77 -22.64
N VAL A 91 23.22 11.59 -23.13
CA VAL A 91 21.94 10.98 -22.84
C VAL A 91 22.19 9.54 -22.40
N LEU A 92 21.50 9.13 -21.34
CA LEU A 92 21.46 7.73 -20.93
C LEU A 92 20.65 6.94 -21.94
N TYR A 93 21.30 6.05 -22.68
CA TYR A 93 20.61 5.34 -23.75
C TYR A 93 19.59 4.33 -23.25
N ASN A 94 19.75 3.83 -22.02
CA ASN A 94 18.86 2.83 -21.46
C ASN A 94 18.06 3.40 -20.30
N ASN A 95 17.59 4.63 -20.46
CA ASN A 95 16.80 5.28 -19.42
C ASN A 95 15.44 4.63 -19.28
N ALA A 96 14.87 4.70 -18.07
CA ALA A 96 13.55 4.18 -17.81
C ALA A 96 12.94 4.96 -16.66
N ASP A 97 11.87 5.70 -16.94
CA ASP A 97 11.12 6.52 -15.99
C ASP A 97 11.92 7.69 -15.44
N GLY A 98 13.16 7.88 -15.88
CA GLY A 98 13.98 8.98 -15.40
C GLY A 98 14.28 9.99 -16.50
N ASP A 99 15.02 11.02 -16.11
CA ASP A 99 15.45 12.03 -17.06
C ASP A 99 16.51 11.47 -18.00
N PHE A 100 16.38 11.79 -19.28
CA PHE A 100 17.32 11.27 -20.27
C PHE A 100 18.68 11.96 -20.21
N ALA A 101 18.72 13.24 -19.84
CA ALA A 101 19.97 13.98 -19.79
C ALA A 101 20.04 14.76 -18.48
N ILE A 102 21.10 15.55 -18.34
CA ILE A 102 21.30 16.36 -17.14
C ILE A 102 20.29 17.49 -17.13
N VAL A 103 19.54 17.60 -16.03
CA VAL A 103 18.51 18.61 -15.89
C VAL A 103 18.79 19.61 -14.77
N HIS A 104 19.81 19.39 -13.95
CA HIS A 104 20.06 20.29 -12.83
C HIS A 104 20.81 21.54 -13.27
N MET A 105 21.78 21.40 -14.17
CA MET A 105 22.48 22.53 -14.78
C MET A 105 23.15 23.42 -13.74
N THR A 106 24.10 22.83 -13.01
CA THR A 106 24.86 23.57 -12.02
C THR A 106 25.91 24.43 -12.73
N LYS A 107 26.74 25.13 -11.97
CA LYS A 107 27.79 25.95 -12.56
C LYS A 107 28.98 25.08 -12.97
N LEU A 108 29.85 25.65 -13.79
CA LEU A 108 31.01 24.93 -14.31
C LEU A 108 32.24 25.80 -14.19
N LEU A 109 33.38 25.15 -13.92
CA LEU A 109 34.65 25.83 -13.80
C LEU A 109 35.25 26.06 -15.19
N LEU A 110 35.89 27.22 -15.36
CA LEU A 110 36.49 27.58 -16.64
C LEU A 110 37.85 28.19 -16.38
N ASP A 111 38.89 27.57 -16.94
CA ASP A 111 40.26 28.07 -16.86
C ASP A 111 40.48 29.16 -17.90
N TYR A 112 41.66 29.79 -17.83
CA TYR A 112 42.02 30.81 -18.81
C TYR A 112 42.39 30.21 -20.16
N THR A 113 42.56 28.89 -20.24
CA THR A 113 42.87 28.22 -21.48
C THR A 113 41.64 27.68 -22.19
N GLY A 114 40.45 27.96 -21.67
CA GLY A 114 39.23 27.48 -22.29
C GLY A 114 38.82 26.08 -21.92
N LYS A 115 39.38 25.52 -20.85
CA LYS A 115 39.05 24.17 -20.42
C LYS A 115 37.81 24.22 -19.54
N ILE A 116 36.70 23.69 -20.05
CA ILE A 116 35.48 23.56 -19.27
C ILE A 116 35.53 22.23 -18.53
N MET A 117 35.27 22.29 -17.22
CA MET A 117 35.21 21.12 -16.35
C MET A 117 33.86 21.18 -15.64
N TRP A 118 32.89 20.40 -16.11
CA TRP A 118 31.52 20.45 -15.64
C TRP A 118 31.21 19.15 -14.91
N THR A 119 30.74 19.27 -13.67
CA THR A 119 30.47 18.11 -12.82
C THR A 119 29.04 18.19 -12.29
N PRO A 120 28.05 17.92 -13.14
CA PRO A 120 26.66 17.99 -12.70
C PRO A 120 26.21 16.69 -12.07
N PRO A 121 25.28 16.75 -11.11
CA PRO A 121 24.74 15.53 -10.51
C PRO A 121 23.56 15.01 -11.32
N ALA A 122 23.17 13.78 -11.02
CA ALA A 122 22.02 13.18 -11.67
C ALA A 122 21.55 11.98 -10.87
N ILE A 123 20.28 11.63 -11.07
CA ILE A 123 19.72 10.37 -10.62
C ILE A 123 19.35 9.58 -11.86
N PHE A 124 20.07 8.49 -12.10
CA PHE A 124 19.88 7.67 -13.28
C PHE A 124 19.02 6.46 -12.92
N LYS A 125 17.84 6.36 -13.53
CA LYS A 125 17.01 5.18 -13.40
C LYS A 125 17.24 4.28 -14.61
N SER A 126 18.38 3.60 -14.59
CA SER A 126 18.81 2.78 -15.70
C SER A 126 17.95 1.54 -15.82
N TYR A 127 17.67 1.13 -17.07
CA TYR A 127 16.94 -0.08 -17.35
C TYR A 127 17.95 -1.17 -17.72
N CYS A 128 18.16 -2.11 -16.80
CA CYS A 128 19.08 -3.21 -17.02
C CYS A 128 18.39 -4.53 -16.68
N GLU A 129 18.74 -5.57 -17.41
CA GLU A 129 18.11 -6.87 -17.21
C GLU A 129 18.41 -7.41 -15.83
N ILE A 130 17.36 -7.91 -15.16
CA ILE A 130 17.48 -8.49 -13.83
C ILE A 130 17.29 -10.00 -14.00
N ILE A 131 18.36 -10.77 -13.74
CA ILE A 131 18.31 -12.22 -13.86
C ILE A 131 17.94 -12.76 -12.48
N VAL A 132 16.63 -12.86 -12.24
CA VAL A 132 16.12 -13.37 -10.97
C VAL A 132 15.97 -14.89 -11.15
N THR A 133 17.05 -15.59 -10.92
CA THR A 133 17.06 -17.05 -10.94
C THR A 133 17.65 -17.64 -9.67
N HIS A 134 18.70 -17.01 -9.13
CA HIS A 134 19.33 -17.43 -7.88
C HIS A 134 18.92 -16.55 -6.72
N PHE A 135 17.83 -15.80 -6.86
CA PHE A 135 17.35 -14.95 -5.77
C PHE A 135 17.07 -15.79 -4.54
N PRO A 136 17.45 -15.33 -3.33
CA PRO A 136 18.09 -14.04 -3.05
C PRO A 136 19.61 -14.05 -3.14
N PHE A 137 20.22 -15.19 -3.46
CA PHE A 137 21.66 -15.26 -3.63
C PHE A 137 22.05 -14.96 -5.07
N ASP A 138 21.58 -13.83 -5.58
CA ASP A 138 21.75 -13.48 -6.98
C ASP A 138 22.87 -12.45 -7.15
N GLN A 139 23.40 -12.40 -8.37
CA GLN A 139 24.43 -11.44 -8.73
C GLN A 139 23.97 -10.71 -9.99
N GLN A 140 23.60 -9.44 -9.83
CA GLN A 140 23.02 -8.65 -10.91
C GLN A 140 24.11 -7.86 -11.61
N ASN A 141 24.22 -8.04 -12.92
CA ASN A 141 25.11 -7.23 -13.75
C ASN A 141 24.25 -6.13 -14.39
N CYS A 142 24.59 -4.88 -14.09
CA CYS A 142 23.74 -3.77 -14.52
C CYS A 142 24.59 -2.68 -15.13
N THR A 143 24.07 -2.08 -16.21
CA THR A 143 24.86 -1.17 -17.03
C THR A 143 24.15 0.16 -17.17
N MET A 144 24.93 1.16 -17.60
CA MET A 144 24.45 2.50 -17.88
C MET A 144 25.15 2.97 -19.13
N LYS A 145 24.38 3.23 -20.19
CA LYS A 145 24.90 3.46 -21.54
C LYS A 145 24.77 4.95 -21.85
N LEU A 146 25.84 5.70 -21.57
CA LEU A 146 25.87 7.12 -21.91
C LEU A 146 26.31 7.28 -23.36
N GLY A 147 25.71 8.24 -24.04
CA GLY A 147 26.07 8.49 -25.42
C GLY A 147 25.73 9.91 -25.82
N ILE A 148 26.49 10.43 -26.78
CA ILE A 148 26.20 11.74 -27.34
C ILE A 148 25.07 11.56 -28.36
N TRP A 149 23.96 12.26 -28.14
CA TRP A 149 22.72 11.90 -28.81
C TRP A 149 22.68 12.40 -30.25
N THR A 150 22.72 13.71 -30.44
CA THR A 150 22.57 14.27 -31.78
C THR A 150 23.83 14.13 -32.61
N TYR A 151 25.00 14.28 -31.99
CA TYR A 151 26.25 14.27 -32.71
C TYR A 151 26.82 12.85 -32.78
N ASP A 152 28.06 12.72 -33.26
CA ASP A 152 28.67 11.42 -33.48
C ASP A 152 30.18 11.62 -33.53
N GLY A 153 30.90 10.56 -33.86
CA GLY A 153 32.33 10.68 -34.07
C GLY A 153 32.63 11.62 -35.22
N THR A 154 33.80 12.25 -35.15
CA THR A 154 34.28 13.27 -36.09
C THR A 154 33.47 14.55 -35.96
N LYS A 155 32.46 14.54 -35.10
CA LYS A 155 31.72 15.74 -34.73
C LYS A 155 31.81 16.04 -33.24
N VAL A 156 31.50 15.06 -32.39
CA VAL A 156 31.66 15.17 -30.95
C VAL A 156 32.20 13.83 -30.46
N SER A 157 33.47 13.80 -30.06
CA SER A 157 34.12 12.58 -29.63
C SER A 157 34.07 12.48 -28.12
N ILE A 158 33.46 11.41 -27.62
CA ILE A 158 33.38 11.14 -26.19
C ILE A 158 34.50 10.18 -25.82
N SER A 159 35.06 10.36 -24.63
CA SER A 159 36.15 9.51 -24.16
C SER A 159 35.95 9.22 -22.68
N PRO A 160 36.39 8.05 -22.21
CA PRO A 160 36.30 7.75 -20.78
C PRO A 160 37.46 8.37 -20.02
N GLU A 161 37.15 9.04 -18.90
CA GLU A 161 38.19 9.67 -18.09
C GLU A 161 39.11 8.64 -17.48
N SER A 162 38.56 7.53 -17.00
CA SER A 162 39.35 6.48 -16.38
C SER A 162 38.80 5.12 -16.80
N ASP A 163 39.63 4.10 -16.61
CA ASP A 163 39.22 2.74 -16.95
C ASP A 163 38.03 2.29 -16.12
N ARG A 164 37.89 2.80 -14.91
CA ARG A 164 36.81 2.41 -14.01
C ARG A 164 36.09 3.64 -13.48
N PRO A 165 34.81 3.52 -13.18
CA PRO A 165 34.10 4.64 -12.54
C PRO A 165 34.64 4.90 -11.15
N ASP A 166 34.54 6.15 -10.72
CA ASP A 166 35.09 6.56 -9.43
C ASP A 166 34.13 6.19 -8.31
N LEU A 167 34.57 5.31 -7.41
CA LEU A 167 33.76 4.91 -6.28
C LEU A 167 34.43 5.26 -4.94
N SER A 168 35.31 6.26 -4.94
CA SER A 168 36.00 6.64 -3.71
C SER A 168 35.02 7.14 -2.66
N THR A 169 34.13 8.05 -3.04
CA THR A 169 33.12 8.59 -2.14
C THR A 169 31.82 7.79 -2.17
N PHE A 170 31.87 6.54 -2.62
CA PHE A 170 30.65 5.74 -2.71
C PHE A 170 30.16 5.38 -1.31
N MET A 171 28.87 5.61 -1.07
CA MET A 171 28.27 5.24 0.20
C MET A 171 27.87 3.77 0.17
N GLU A 172 28.17 3.06 1.26
CA GLU A 172 27.85 1.64 1.32
C GLU A 172 26.35 1.42 1.17
N SER A 173 25.98 0.49 0.30
CA SER A 173 24.57 0.32 -0.07
C SER A 173 23.75 -0.20 1.11
N GLY A 174 24.28 -1.15 1.87
CA GLY A 174 23.51 -1.82 2.88
C GLY A 174 22.68 -2.98 2.38
N GLU A 175 22.55 -3.14 1.07
CA GLU A 175 21.88 -4.29 0.48
C GLU A 175 22.65 -4.91 -0.68
N TRP A 176 23.65 -4.23 -1.24
CA TRP A 176 24.45 -4.76 -2.34
C TRP A 176 25.91 -4.44 -2.08
N VAL A 177 26.79 -5.21 -2.72
CA VAL A 177 28.23 -4.99 -2.66
C VAL A 177 28.77 -4.97 -4.09
N MET A 178 29.56 -3.94 -4.40
CA MET A 178 30.11 -3.77 -5.74
C MET A 178 31.31 -4.69 -5.91
N LYS A 179 31.10 -5.84 -6.55
CA LYS A 179 32.19 -6.77 -6.78
C LYS A 179 33.18 -6.23 -7.80
N ASP A 180 32.67 -5.70 -8.92
CA ASP A 180 33.55 -5.22 -9.98
C ASP A 180 32.81 -4.17 -10.79
N TYR A 181 33.47 -3.06 -11.07
CA TYR A 181 32.90 -1.95 -11.82
C TYR A 181 33.86 -1.55 -12.93
N ARG A 182 33.35 -1.40 -14.14
CA ARG A 182 34.20 -1.03 -15.26
C ARG A 182 33.41 -0.13 -16.22
N GLY A 183 34.16 0.48 -17.14
CA GLY A 183 33.57 1.31 -18.18
C GLY A 183 34.25 1.11 -19.51
N TRP A 184 33.48 0.78 -20.54
CA TRP A 184 34.02 0.49 -21.86
C TRP A 184 33.51 1.50 -22.87
N LYS A 185 34.33 1.77 -23.89
CA LYS A 185 34.01 2.73 -24.94
C LYS A 185 33.87 1.98 -26.26
N HIS A 186 32.66 2.03 -26.83
CA HIS A 186 32.34 1.27 -28.03
C HIS A 186 32.22 2.19 -29.23
N TRP A 187 32.94 1.84 -30.30
CA TRP A 187 32.73 2.38 -31.63
C TRP A 187 31.79 1.45 -32.38
N VAL A 188 30.76 2.02 -33.00
CA VAL A 188 29.80 1.27 -33.80
C VAL A 188 29.74 1.90 -35.18
N TYR A 189 29.90 1.07 -36.21
CA TYR A 189 29.80 1.51 -37.59
C TYR A 189 28.56 0.91 -38.24
N TYR A 190 27.84 1.72 -38.99
CA TYR A 190 26.69 1.27 -39.75
C TYR A 190 27.05 1.16 -41.23
N THR A 191 26.44 0.18 -41.90
CA THR A 191 26.82 -0.11 -43.28
C THR A 191 26.49 1.05 -44.22
N CYS A 192 25.49 1.86 -43.87
CA CYS A 192 25.15 3.01 -44.72
C CYS A 192 26.29 4.02 -44.77
N CYS A 193 26.90 4.31 -43.63
CA CYS A 193 28.04 5.22 -43.55
C CYS A 193 29.24 4.48 -42.98
N PRO A 194 30.18 4.04 -43.82
CA PRO A 194 31.28 3.19 -43.32
C PRO A 194 32.42 3.94 -42.68
N ASP A 195 32.44 5.28 -42.78
CA ASP A 195 33.52 6.08 -42.21
C ASP A 195 33.01 7.07 -41.17
N THR A 196 31.88 6.77 -40.53
CA THR A 196 31.27 7.66 -39.56
C THR A 196 31.05 6.89 -38.26
N PRO A 197 32.06 6.83 -37.40
CA PRO A 197 31.93 6.05 -36.16
C PRO A 197 30.97 6.69 -35.18
N TYR A 198 30.08 5.88 -34.60
CA TYR A 198 29.19 6.33 -33.55
C TYR A 198 29.73 5.82 -32.22
N LEU A 199 29.85 6.71 -31.24
CA LEU A 199 30.59 6.41 -30.02
C LEU A 199 29.63 6.33 -28.84
N ASP A 200 29.92 5.42 -27.92
CA ASP A 200 29.17 5.38 -26.67
C ASP A 200 30.06 4.83 -25.57
N ILE A 201 29.64 5.04 -24.33
CA ILE A 201 30.37 4.55 -23.15
C ILE A 201 29.39 3.84 -22.24
N THR A 202 29.67 2.57 -21.93
CA THR A 202 28.81 1.79 -21.05
C THR A 202 29.58 1.50 -19.77
N TYR A 203 28.98 1.89 -18.63
CA TYR A 203 29.53 1.60 -17.31
C TYR A 203 28.73 0.46 -16.70
N HIS A 204 29.40 -0.65 -16.40
CA HIS A 204 28.72 -1.80 -15.83
C HIS A 204 29.25 -2.08 -14.42
N PHE A 205 28.33 -2.42 -13.53
CA PHE A 205 28.63 -2.82 -12.17
C PHE A 205 28.07 -4.22 -11.92
N ILE A 206 28.83 -5.02 -11.18
CA ILE A 206 28.40 -6.34 -10.75
C ILE A 206 28.07 -6.24 -9.27
N MET A 207 26.79 -6.43 -8.93
CA MET A 207 26.30 -6.23 -7.58
C MET A 207 25.85 -7.56 -7.01
N GLN A 208 26.38 -7.93 -5.85
CA GLN A 208 26.03 -9.17 -5.18
C GLN A 208 25.07 -8.83 -4.04
N ARG A 209 23.86 -9.38 -4.10
CA ARG A 209 22.86 -9.09 -3.08
C ARG A 209 23.28 -9.71 -1.75
N ILE A 210 23.11 -8.96 -0.67
CA ILE A 210 23.34 -9.47 0.67
C ILE A 210 22.08 -10.20 1.11
N PRO A 211 22.14 -11.51 1.33
CA PRO A 211 20.91 -12.29 1.54
C PRO A 211 20.44 -12.39 2.97
N LEU A 212 21.07 -11.68 3.91
CA LEU A 212 20.72 -11.86 5.32
C LEU A 212 19.26 -11.50 5.59
N TYR A 213 18.78 -10.42 4.98
CA TYR A 213 17.39 -10.00 5.19
C TYR A 213 16.42 -11.06 4.68
N PHE A 214 16.59 -11.48 3.43
CA PHE A 214 15.65 -12.44 2.84
C PHE A 214 15.76 -13.81 3.51
N VAL A 215 16.97 -14.25 3.84
CA VAL A 215 17.14 -15.53 4.52
C VAL A 215 16.31 -15.56 5.80
N VAL A 216 16.61 -14.63 6.71
CA VAL A 216 15.93 -14.63 8.01
C VAL A 216 14.43 -14.42 7.84
N ASN A 217 14.03 -13.50 6.96
CA ASN A 217 12.63 -13.15 6.87
C ASN A 217 11.76 -14.18 6.15
N VAL A 218 12.35 -15.02 5.29
CA VAL A 218 11.52 -15.94 4.50
C VAL A 218 11.96 -17.38 4.68
N ILE A 219 13.25 -17.66 4.48
CA ILE A 219 13.70 -19.04 4.38
C ILE A 219 13.59 -19.74 5.74
N ILE A 220 13.91 -19.04 6.82
CA ILE A 220 13.83 -19.65 8.15
C ILE A 220 12.42 -20.11 8.50
N PRO A 221 11.37 -19.29 8.35
CA PRO A 221 10.01 -19.83 8.56
C PRO A 221 9.66 -20.95 7.59
N CYS A 222 10.14 -20.89 6.36
CA CYS A 222 9.94 -22.01 5.45
C CYS A 222 10.61 -23.27 5.98
N LEU A 223 11.82 -23.13 6.54
CA LEU A 223 12.49 -24.27 7.16
C LEU A 223 11.67 -24.81 8.32
N LEU A 224 11.11 -23.92 9.15
CA LEU A 224 10.31 -24.36 10.27
C LEU A 224 9.07 -25.13 9.82
N PHE A 225 8.38 -24.60 8.81
CA PHE A 225 7.19 -25.29 8.31
C PHE A 225 7.55 -26.63 7.70
N SER A 226 8.65 -26.69 6.93
CA SER A 226 9.07 -27.96 6.35
C SER A 226 9.43 -28.97 7.42
N PHE A 227 10.09 -28.51 8.49
CA PHE A 227 10.48 -29.42 9.57
C PHE A 227 9.26 -29.93 10.32
N LEU A 228 8.32 -29.04 10.64
CA LEU A 228 7.12 -29.46 11.36
C LEU A 228 6.23 -30.33 10.50
N THR A 229 6.34 -30.22 9.17
CA THR A 229 5.51 -31.02 8.28
C THR A 229 5.68 -32.51 8.54
N GLY A 230 6.92 -32.99 8.55
CA GLY A 230 7.17 -34.41 8.76
C GLY A 230 6.83 -34.90 10.14
N LEU A 231 6.69 -33.99 11.11
CA LEU A 231 6.46 -34.36 12.50
C LEU A 231 5.08 -34.97 12.73
N VAL A 232 4.15 -34.81 11.79
CA VAL A 232 2.80 -35.31 11.98
C VAL A 232 2.77 -36.83 12.09
N PHE A 233 3.80 -37.51 11.58
CA PHE A 233 3.78 -38.96 11.58
C PHE A 233 4.18 -39.55 12.91
N TYR A 234 4.90 -38.80 13.75
CA TYR A 234 5.18 -39.27 15.10
C TYR A 234 3.98 -39.10 16.02
N LEU A 235 2.99 -38.32 15.61
CA LEU A 235 1.77 -38.16 16.39
C LEU A 235 0.88 -39.38 16.21
N PRO A 236 0.47 -40.05 17.29
CA PRO A 236 -0.36 -41.24 17.15
C PRO A 236 -1.75 -40.90 16.62
N THR A 237 -2.32 -41.83 15.87
CA THR A 237 -3.65 -41.64 15.30
C THR A 237 -4.76 -41.70 16.35
N ASP A 238 -4.47 -42.23 17.54
CA ASP A 238 -5.49 -42.31 18.57
C ASP A 238 -5.97 -40.91 18.99
N SER A 239 -5.03 -39.99 19.14
CA SER A 239 -5.39 -38.58 19.28
C SER A 239 -6.02 -38.08 17.99
N GLY A 240 -7.05 -37.25 18.12
CA GLY A 240 -7.74 -36.72 16.95
C GLY A 240 -7.10 -35.46 16.42
N GLU A 241 -5.86 -35.19 16.83
CA GLU A 241 -5.19 -33.94 16.51
C GLU A 241 -4.23 -34.06 15.33
N LYS A 242 -4.20 -35.21 14.65
CA LYS A 242 -3.32 -35.37 13.50
C LYS A 242 -3.74 -34.44 12.37
N MET A 243 -5.01 -34.50 11.97
CA MET A 243 -5.48 -33.68 10.86
C MET A 243 -5.48 -32.20 11.22
N THR A 244 -5.82 -31.87 12.47
CA THR A 244 -5.77 -30.48 12.86
C THR A 244 -4.34 -29.94 12.78
N LEU A 245 -3.35 -30.75 13.18
CA LEU A 245 -1.96 -30.32 13.09
C LEU A 245 -1.55 -30.12 11.63
N SER A 246 -1.88 -31.08 10.76
CA SER A 246 -1.48 -30.96 9.37
C SER A 246 -2.11 -29.75 8.70
N ILE A 247 -3.44 -29.62 8.82
CA ILE A 247 -4.10 -28.52 8.15
C ILE A 247 -3.73 -27.18 8.77
N SER A 248 -3.41 -27.15 10.07
CA SER A 248 -3.03 -25.89 10.68
C SER A 248 -1.64 -25.45 10.26
N VAL A 249 -0.70 -26.40 10.12
CA VAL A 249 0.59 -26.01 9.57
C VAL A 249 0.41 -25.58 8.11
N LEU A 250 -0.55 -26.17 7.40
CA LEU A 250 -0.87 -25.70 6.05
C LEU A 250 -1.38 -24.26 6.07
N LEU A 251 -2.26 -23.93 7.03
CA LEU A 251 -2.79 -22.57 7.12
C LEU A 251 -1.68 -21.58 7.47
N SER A 252 -0.78 -21.97 8.36
CA SER A 252 0.37 -21.12 8.68
C SER A 252 1.22 -20.91 7.44
N LEU A 253 1.43 -21.97 6.65
CA LEU A 253 2.16 -21.82 5.40
C LEU A 253 1.44 -20.90 4.42
N THR A 254 0.10 -20.90 4.44
CA THR A 254 -0.64 -20.01 3.56
C THR A 254 -0.50 -18.54 3.98
N VAL A 255 -0.57 -18.28 5.28
CA VAL A 255 -0.34 -16.92 5.76
C VAL A 255 1.08 -16.48 5.43
N PHE A 256 2.05 -17.38 5.60
CA PHE A 256 3.40 -17.05 5.21
C PHE A 256 3.55 -16.91 3.71
N LEU A 257 2.69 -17.55 2.93
CA LEU A 257 2.68 -17.31 1.48
C LEU A 257 2.23 -15.90 1.18
N LEU A 258 1.22 -15.42 1.91
CA LEU A 258 0.88 -14.00 1.85
C LEU A 258 2.10 -13.14 2.13
N VAL A 259 2.84 -13.48 3.20
CA VAL A 259 4.03 -12.71 3.56
C VAL A 259 5.05 -12.72 2.41
N ILE A 260 5.29 -13.89 1.84
CA ILE A 260 6.28 -14.04 0.78
C ILE A 260 5.88 -13.21 -0.43
N VAL A 261 4.60 -13.28 -0.82
CA VAL A 261 4.12 -12.47 -1.93
C VAL A 261 4.33 -10.99 -1.64
N GLU A 262 4.13 -10.59 -0.39
CA GLU A 262 4.37 -9.19 -0.03
C GLU A 262 5.85 -8.83 -0.17
N LEU A 263 6.75 -9.70 0.28
CA LEU A 263 8.16 -9.33 0.38
C LEU A 263 8.89 -9.46 -0.96
N ILE A 264 8.96 -10.67 -1.50
CA ILE A 264 9.79 -10.93 -2.68
C ILE A 264 9.22 -10.20 -3.89
N PRO A 265 10.06 -9.80 -4.85
CA PRO A 265 9.54 -9.11 -6.03
C PRO A 265 8.68 -10.03 -6.88
N SER A 266 7.66 -9.45 -7.50
CA SER A 266 6.73 -10.19 -8.35
C SER A 266 7.22 -10.09 -9.79
N THR A 267 7.74 -11.20 -10.32
CA THR A 267 8.26 -11.21 -11.67
C THR A 267 8.07 -12.60 -12.27
N SER A 268 8.02 -12.65 -13.60
CA SER A 268 7.72 -13.88 -14.32
C SER A 268 8.83 -14.30 -15.27
N SER A 269 9.98 -13.64 -15.24
CA SER A 269 11.07 -14.01 -16.14
C SER A 269 11.57 -15.42 -15.85
N ALA A 270 11.71 -15.76 -14.58
CA ALA A 270 12.12 -17.10 -14.17
C ALA A 270 11.65 -17.35 -12.75
N VAL A 271 11.60 -18.62 -12.37
CA VAL A 271 11.20 -19.00 -11.03
C VAL A 271 12.38 -18.79 -10.10
N PRO A 272 12.28 -17.90 -9.11
CA PRO A 272 13.40 -17.68 -8.19
C PRO A 272 13.66 -18.92 -7.34
N LEU A 273 14.90 -19.00 -6.84
CA LEU A 273 15.25 -20.10 -5.94
C LEU A 273 14.35 -20.11 -4.72
N ILE A 274 14.06 -18.93 -4.18
CA ILE A 274 13.18 -18.84 -3.02
C ILE A 274 11.76 -19.27 -3.37
N GLY A 275 11.31 -18.95 -4.59
CA GLY A 275 10.02 -19.43 -5.04
C GLY A 275 9.98 -20.93 -5.23
N LYS A 276 11.06 -21.49 -5.79
CA LYS A 276 11.17 -22.93 -5.91
C LYS A 276 11.09 -23.61 -4.55
N TYR A 277 11.79 -23.05 -3.56
CA TYR A 277 11.75 -23.63 -2.22
C TYR A 277 10.36 -23.51 -1.60
N MET A 278 9.69 -22.37 -1.81
CA MET A 278 8.34 -22.22 -1.28
C MET A 278 7.38 -23.22 -1.90
N LEU A 279 7.47 -23.43 -3.22
CA LEU A 279 6.62 -24.42 -3.87
C LEU A 279 6.96 -25.83 -3.38
N PHE A 280 8.25 -26.09 -3.16
CA PHE A 280 8.65 -27.39 -2.62
C PHE A 280 8.04 -27.63 -1.25
N THR A 281 8.06 -26.61 -0.39
CA THR A 281 7.46 -26.74 0.94
C THR A 281 5.97 -26.95 0.85
N MET A 282 5.29 -26.22 -0.05
CA MET A 282 3.85 -26.39 -0.21
C MET A 282 3.51 -27.80 -0.65
N ILE A 283 4.22 -28.32 -1.65
CA ILE A 283 3.95 -29.67 -2.12
C ILE A 283 4.31 -30.69 -1.05
N PHE A 284 5.35 -30.43 -0.26
CA PHE A 284 5.71 -31.32 0.83
C PHE A 284 4.58 -31.42 1.85
N VAL A 285 3.99 -30.28 2.22
CA VAL A 285 2.90 -30.28 3.18
C VAL A 285 1.68 -30.99 2.59
N ILE A 286 1.39 -30.75 1.31
CA ILE A 286 0.24 -31.40 0.67
C ILE A 286 0.42 -32.91 0.66
N SER A 287 1.60 -33.38 0.29
CA SER A 287 1.87 -34.81 0.29
C SER A 287 1.80 -35.39 1.70
N SER A 288 2.26 -34.64 2.69
CA SER A 288 2.14 -35.09 4.07
C SER A 288 0.68 -35.26 4.47
N ILE A 289 -0.18 -34.32 4.06
CA ILE A 289 -1.61 -34.44 4.36
C ILE A 289 -2.21 -35.65 3.66
N ILE A 290 -1.85 -35.88 2.40
CA ILE A 290 -2.34 -37.06 1.69
C ILE A 290 -1.94 -38.33 2.43
N ILE A 291 -0.67 -38.42 2.81
CA ILE A 291 -0.16 -39.64 3.43
C ILE A 291 -0.78 -39.84 4.81
N THR A 292 -0.98 -38.76 5.56
CA THR A 292 -1.57 -38.92 6.88
C THR A 292 -3.06 -39.26 6.78
N VAL A 293 -3.73 -38.82 5.71
CA VAL A 293 -5.09 -39.28 5.48
C VAL A 293 -5.10 -40.78 5.19
N VAL A 294 -4.13 -41.24 4.40
CA VAL A 294 -4.03 -42.67 4.11
C VAL A 294 -3.80 -43.47 5.40
N VAL A 295 -2.90 -42.98 6.26
CA VAL A 295 -2.59 -43.72 7.48
C VAL A 295 -3.75 -43.65 8.48
N ILE A 296 -4.50 -42.56 8.50
CA ILE A 296 -5.71 -42.51 9.33
C ILE A 296 -6.74 -43.51 8.82
N ASN A 297 -6.92 -43.59 7.50
CA ASN A 297 -7.87 -44.54 6.94
C ASN A 297 -7.49 -45.97 7.26
N THR A 298 -6.20 -46.31 7.15
CA THR A 298 -5.78 -47.66 7.48
C THR A 298 -5.71 -47.90 8.98
N HIS A 299 -5.74 -46.84 9.79
CA HIS A 299 -5.82 -47.02 11.24
C HIS A 299 -7.20 -47.48 11.67
N HIS A 300 -8.25 -46.86 11.11
CA HIS A 300 -9.62 -47.18 11.45
C HIS A 300 -10.20 -48.29 10.58
N ARG A 301 -9.38 -48.91 9.72
CA ARG A 301 -9.84 -49.99 8.86
C ARG A 301 -10.52 -51.07 9.67
N SER A 302 -11.80 -51.28 9.41
CA SER A 302 -12.59 -52.20 10.22
C SER A 302 -12.05 -53.63 10.07
N PRO A 303 -11.94 -54.37 11.18
CA PRO A 303 -11.41 -55.74 11.07
C PRO A 303 -12.33 -56.69 10.35
N SER A 304 -13.63 -56.66 10.66
CA SER A 304 -14.56 -57.62 10.08
C SER A 304 -14.76 -57.37 8.59
N THR A 305 -14.95 -56.11 8.21
CA THR A 305 -15.27 -55.78 6.82
C THR A 305 -14.02 -55.71 5.92
N HIS A 306 -12.83 -55.78 6.49
CA HIS A 306 -11.59 -55.77 5.72
C HIS A 306 -10.71 -56.91 6.21
N THR A 307 -10.70 -58.01 5.47
CA THR A 307 -9.82 -59.13 5.79
C THR A 307 -8.37 -58.70 5.66
N MET A 308 -7.56 -59.08 6.63
CA MET A 308 -6.15 -58.69 6.66
C MET A 308 -5.39 -59.39 5.54
N PRO A 309 -4.80 -58.67 4.61
CA PRO A 309 -4.00 -59.33 3.56
C PRO A 309 -2.78 -60.01 4.14
N GLN A 310 -2.35 -61.08 3.47
CA GLN A 310 -1.18 -61.82 3.94
C GLN A 310 0.11 -61.07 3.66
N TRP A 311 0.22 -60.44 2.48
CA TRP A 311 1.45 -59.77 2.13
C TRP A 311 1.73 -58.58 3.04
N VAL A 312 0.70 -57.80 3.37
CA VAL A 312 0.91 -56.68 4.28
C VAL A 312 1.29 -57.17 5.66
N ARG A 313 0.70 -58.29 6.10
CA ARG A 313 1.10 -58.89 7.37
C ARG A 313 2.58 -59.24 7.36
N LYS A 314 3.02 -59.98 6.34
CA LYS A 314 4.40 -60.41 6.28
C LYS A 314 5.36 -59.23 6.21
N ILE A 315 4.97 -58.16 5.50
CA ILE A 315 5.86 -57.02 5.34
C ILE A 315 5.93 -56.21 6.63
N PHE A 316 4.79 -55.92 7.26
CA PHE A 316 4.72 -54.91 8.30
C PHE A 316 4.55 -55.48 9.71
N ILE A 317 4.69 -56.79 9.90
CA ILE A 317 4.59 -57.38 11.22
C ILE A 317 5.94 -57.86 11.74
N ASP A 318 6.74 -58.50 10.89
CA ASP A 318 8.01 -59.04 11.32
C ASP A 318 9.21 -58.48 10.58
N THR A 319 9.13 -58.34 9.26
CA THR A 319 10.27 -57.86 8.49
C THR A 319 10.67 -56.44 8.87
N ILE A 320 9.77 -55.47 8.66
CA ILE A 320 10.08 -54.08 8.96
C ILE A 320 10.32 -53.84 10.46
N PRO A 321 9.47 -54.33 11.38
CA PRO A 321 9.72 -54.03 12.80
C PRO A 321 11.06 -54.53 13.31
N ASN A 322 11.57 -55.65 12.80
CA ASN A 322 12.87 -56.13 13.24
C ASN A 322 14.01 -55.30 12.67
N VAL A 323 13.78 -54.59 11.55
CA VAL A 323 14.83 -53.75 10.98
C VAL A 323 15.11 -52.54 11.87
N MET A 324 14.06 -51.90 12.37
CA MET A 324 14.22 -50.68 13.15
C MET A 324 14.72 -50.99 14.55
N PHE A 325 16.04 -51.05 14.73
CA PHE A 325 16.64 -51.31 16.03
C PHE A 325 16.56 -50.11 16.97
N PHE A 326 16.49 -48.90 16.42
CA PHE A 326 16.44 -47.71 17.26
C PHE A 326 15.09 -47.53 17.94
N SER A 327 14.00 -47.94 17.28
CA SER A 327 12.67 -47.68 17.79
C SER A 327 12.39 -48.53 19.03
N THR A 328 11.19 -48.34 19.59
CA THR A 328 10.74 -49.07 20.76
C THR A 328 9.57 -49.98 20.43
N MET A 329 9.49 -50.43 19.18
CA MET A 329 8.37 -51.25 18.73
C MET A 329 8.32 -52.57 19.49
N LYS A 330 7.11 -53.07 19.68
CA LYS A 330 6.93 -54.41 20.23
C LYS A 330 7.26 -55.43 19.15
N ARG A 331 8.04 -56.45 19.51
CA ARG A 331 8.49 -57.42 18.53
C ARG A 331 8.71 -58.78 19.17
N PRO A 370 -37.15 -73.03 33.74
CA PRO A 370 -37.03 -72.06 32.65
C PRO A 370 -36.08 -70.91 32.97
N ASP A 371 -36.43 -70.12 34.00
CA ASP A 371 -35.57 -69.02 34.39
C ASP A 371 -34.33 -69.49 35.14
N VAL A 372 -34.41 -70.66 35.79
CA VAL A 372 -33.24 -71.18 36.52
C VAL A 372 -32.11 -71.49 35.55
N LYS A 373 -32.42 -72.15 34.44
CA LYS A 373 -31.40 -72.45 33.44
C LYS A 373 -31.01 -71.23 32.62
N SER A 374 -31.87 -70.21 32.56
CA SER A 374 -31.56 -69.02 31.79
C SER A 374 -30.47 -68.19 32.44
N ALA A 375 -30.40 -68.18 33.77
CA ALA A 375 -29.39 -67.39 34.47
C ALA A 375 -27.99 -67.88 34.14
N ILE A 376 -27.79 -69.19 34.09
CA ILE A 376 -26.48 -69.73 33.74
C ILE A 376 -26.17 -69.47 32.26
N GLU A 377 -27.18 -69.60 31.40
CA GLU A 377 -26.96 -69.36 29.97
C GLU A 377 -26.56 -67.92 29.70
N GLY A 378 -27.14 -66.97 30.44
CA GLY A 378 -26.81 -65.57 30.22
C GLY A 378 -25.34 -65.26 30.48
N VAL A 379 -24.77 -65.87 31.52
CA VAL A 379 -23.35 -65.67 31.81
C VAL A 379 -22.49 -66.26 30.69
N LYS A 380 -22.88 -67.42 30.17
CA LYS A 380 -22.18 -67.98 29.03
C LYS A 380 -22.28 -67.06 27.82
N TYR A 381 -23.44 -66.44 27.63
CA TYR A 381 -23.62 -65.51 26.52
C TYR A 381 -22.69 -64.31 26.64
N ILE A 382 -22.58 -63.73 27.84
CA ILE A 382 -21.70 -62.57 28.00
C ILE A 382 -20.25 -62.99 27.90
N ALA A 383 -19.92 -64.22 28.30
CA ALA A 383 -18.56 -64.72 28.10
C ALA A 383 -18.23 -64.83 26.62
N GLU A 384 -19.15 -65.38 25.82
CA GLU A 384 -18.94 -65.46 24.37
C GLU A 384 -18.82 -64.07 23.77
N HIS A 385 -19.65 -63.13 24.24
CA HIS A 385 -19.58 -61.76 23.75
C HIS A 385 -18.22 -61.14 24.07
N MET A 386 -17.71 -61.37 25.27
CA MET A 386 -16.40 -60.86 25.64
C MET A 386 -15.30 -61.46 24.78
N LYS A 387 -15.39 -62.77 24.50
CA LYS A 387 -14.37 -63.42 23.67
C LYS A 387 -14.40 -62.85 22.26
N SER A 388 -15.59 -62.69 21.67
CA SER A 388 -15.68 -62.14 20.33
C SER A 388 -15.17 -60.70 20.28
N ASP A 389 -15.52 -59.90 21.29
CA ASP A 389 -15.02 -58.53 21.34
C ASP A 389 -13.50 -58.49 21.47
N GLU A 390 -12.94 -59.40 22.27
CA GLU A 390 -11.49 -59.43 22.44
C GLU A 390 -10.80 -59.79 21.13
N GLU A 391 -11.34 -60.76 20.39
CA GLU A 391 -10.71 -61.12 19.12
C GLU A 391 -10.84 -59.99 18.09
N SER A 392 -12.01 -59.32 18.07
CA SER A 392 -12.18 -58.18 17.18
C SER A 392 -11.19 -57.06 17.52
N SER A 393 -11.00 -56.80 18.82
CA SER A 393 -10.03 -55.80 19.23
C SER A 393 -8.61 -56.22 18.89
N ASN A 394 -8.31 -57.53 18.92
CA ASN A 394 -6.99 -57.99 18.52
C ASN A 394 -6.74 -57.72 17.05
N ALA A 395 -7.74 -57.98 16.19
CA ALA A 395 -7.58 -57.64 14.78
C ALA A 395 -7.46 -56.13 14.58
N ALA A 396 -8.24 -55.36 15.33
CA ALA A 396 -8.17 -53.91 15.23
C ALA A 396 -6.78 -53.41 15.60
N GLU A 397 -6.21 -53.94 16.69
CA GLU A 397 -4.87 -53.52 17.09
C GLU A 397 -3.81 -54.03 16.13
N GLU A 398 -4.07 -55.13 15.41
CA GLU A 398 -3.19 -55.50 14.30
C GLU A 398 -3.18 -54.39 13.24
N TRP A 399 -4.35 -53.89 12.88
CA TRP A 399 -4.41 -52.78 11.94
C TRP A 399 -3.70 -51.55 12.50
N LYS A 400 -3.89 -51.28 13.79
CA LYS A 400 -3.22 -50.16 14.45
C LYS A 400 -1.70 -50.30 14.36
N TYR A 401 -1.18 -51.51 14.61
CA TYR A 401 0.25 -51.74 14.57
C TYR A 401 0.80 -51.54 13.17
N VAL A 402 0.09 -52.01 12.16
CA VAL A 402 0.53 -51.79 10.78
C VAL A 402 0.55 -50.30 10.47
N ALA A 403 -0.49 -49.57 10.90
CA ALA A 403 -0.53 -48.13 10.67
C ALA A 403 0.64 -47.43 11.35
N MET A 404 0.98 -47.85 12.57
CA MET A 404 2.09 -47.23 13.29
C MET A 404 3.43 -47.54 12.62
N VAL A 405 3.59 -48.76 12.12
CA VAL A 405 4.84 -49.12 11.44
C VAL A 405 5.03 -48.26 10.19
N ILE A 406 3.98 -48.13 9.38
CA ILE A 406 4.11 -47.30 8.19
C ILE A 406 4.27 -45.84 8.61
N ASP A 407 3.70 -45.44 9.75
CA ASP A 407 3.87 -44.09 10.25
C ASP A 407 5.34 -43.80 10.55
N HIS A 408 6.02 -44.74 11.21
CA HIS A 408 7.44 -44.55 11.51
C HIS A 408 8.27 -44.51 10.23
N ILE A 409 7.98 -45.41 9.28
CA ILE A 409 8.72 -45.42 8.02
C ILE A 409 8.57 -44.09 7.31
N LEU A 410 7.33 -43.59 7.24
CA LEU A 410 7.06 -42.33 6.56
C LEU A 410 7.69 -41.16 7.30
N LEU A 411 7.72 -41.20 8.64
CA LEU A 411 8.40 -40.15 9.39
C LEU A 411 9.87 -40.07 9.03
N CYS A 412 10.54 -41.23 9.00
CA CYS A 412 11.95 -41.25 8.65
C CYS A 412 12.18 -40.74 7.23
N VAL A 413 11.38 -41.25 6.28
CA VAL A 413 11.58 -40.84 4.89
C VAL A 413 11.26 -39.37 4.71
N PHE A 414 10.31 -38.82 5.48
CA PHE A 414 9.95 -37.42 5.34
C PHE A 414 11.02 -36.51 5.91
N MET A 415 11.59 -36.86 7.06
CA MET A 415 12.72 -36.08 7.57
C MET A 415 13.88 -36.11 6.59
N LEU A 416 14.20 -37.30 6.05
CA LEU A 416 15.31 -37.41 5.11
C LEU A 416 15.06 -36.59 3.86
N ILE A 417 13.84 -36.68 3.30
CA ILE A 417 13.56 -35.96 2.06
C ILE A 417 13.53 -34.46 2.31
N CYS A 418 13.08 -34.01 3.49
CA CYS A 418 13.15 -32.59 3.80
C CYS A 418 14.60 -32.11 3.80
N ILE A 419 15.47 -32.84 4.49
CA ILE A 419 16.88 -32.44 4.56
C ILE A 419 17.49 -32.41 3.17
N ILE A 420 17.29 -33.47 2.39
CA ILE A 420 17.93 -33.54 1.08
C ILE A 420 17.35 -32.51 0.13
N GLY A 421 16.05 -32.22 0.23
CA GLY A 421 15.46 -31.20 -0.62
C GLY A 421 15.99 -29.82 -0.33
N THR A 422 16.10 -29.47 0.95
CA THR A 422 16.67 -28.17 1.31
C THR A 422 18.11 -28.06 0.83
N VAL A 423 18.90 -29.12 1.04
CA VAL A 423 20.30 -29.09 0.62
C VAL A 423 20.40 -28.97 -0.90
N SER A 424 19.56 -29.72 -1.63
CA SER A 424 19.63 -29.71 -3.08
C SER A 424 19.23 -28.34 -3.63
N VAL A 425 18.19 -27.72 -3.07
CA VAL A 425 17.76 -26.44 -3.62
C VAL A 425 18.74 -25.33 -3.26
N PHE A 426 19.38 -25.39 -2.09
CA PHE A 426 20.22 -24.28 -1.66
C PHE A 426 21.72 -24.57 -1.74
N ALA A 427 22.12 -25.66 -2.38
CA ALA A 427 23.54 -25.93 -2.59
C ALA A 427 24.03 -25.51 -3.97
N GLY A 428 23.14 -25.09 -4.86
CA GLY A 428 23.58 -24.71 -6.20
C GLY A 428 24.42 -23.45 -6.20
N ARG A 429 24.07 -22.48 -5.34
CA ARG A 429 24.77 -21.20 -5.28
C ARG A 429 25.77 -21.12 -4.14
N LEU A 430 25.43 -21.67 -2.97
CA LEU A 430 26.34 -21.58 -1.82
C LEU A 430 27.68 -22.22 -2.14
N ILE A 431 27.68 -23.33 -2.86
CA ILE A 431 28.93 -23.93 -3.32
C ILE A 431 29.65 -22.99 -4.27
N GLU A 432 28.90 -22.39 -5.21
CA GLU A 432 29.51 -21.46 -6.15
C GLU A 432 30.01 -20.20 -5.45
N LEU A 433 29.26 -19.71 -4.46
CA LEU A 433 29.67 -18.51 -3.74
C LEU A 433 30.86 -18.75 -2.80
N SER A 434 31.26 -19.99 -2.60
CA SER A 434 32.39 -20.29 -1.74
C SER A 434 33.70 -19.79 -2.35
N SER B 1 8.60 59.60 -6.19
CA SER B 1 9.66 58.62 -6.42
C SER B 1 10.37 58.29 -5.12
N VAL B 2 10.00 57.16 -4.52
CA VAL B 2 10.65 56.71 -3.29
C VAL B 2 12.12 56.46 -3.58
N MET B 3 12.98 56.92 -2.68
CA MET B 3 14.42 56.84 -2.90
C MET B 3 14.95 55.42 -2.84
N GLU B 4 14.16 54.46 -2.37
CA GLU B 4 14.57 53.05 -2.45
C GLU B 4 14.74 52.62 -3.90
N ASP B 5 13.89 53.12 -4.80
CA ASP B 5 14.03 52.80 -6.21
C ASP B 5 15.34 53.34 -6.76
N THR B 6 15.69 54.58 -6.40
CA THR B 6 16.95 55.15 -6.86
C THR B 6 18.14 54.38 -6.28
N LEU B 7 18.05 53.97 -5.02
CA LEU B 7 19.11 53.19 -4.41
C LEU B 7 19.30 51.86 -5.14
N LEU B 8 18.19 51.18 -5.47
CA LEU B 8 18.29 49.94 -6.22
C LEU B 8 18.88 50.17 -7.60
N SER B 9 18.50 51.27 -8.26
CA SER B 9 19.06 51.58 -9.56
C SER B 9 20.57 51.83 -9.47
N VAL B 10 21.01 52.48 -8.40
CA VAL B 10 22.43 52.76 -8.24
C VAL B 10 23.20 51.48 -7.95
N LEU B 11 22.67 50.63 -7.07
CA LEU B 11 23.39 49.42 -6.68
C LEU B 11 23.60 48.47 -7.85
N PHE B 12 22.55 48.26 -8.66
CA PHE B 12 22.57 47.25 -9.72
C PHE B 12 22.76 47.85 -11.09
N GLU B 13 23.55 48.91 -11.23
CA GLU B 13 23.82 49.46 -12.55
C GLU B 13 24.80 48.58 -13.31
N THR B 14 25.80 48.04 -12.62
CA THR B 14 26.77 47.13 -13.23
C THR B 14 26.94 45.85 -12.41
N TYR B 15 26.13 45.66 -11.37
CA TYR B 15 26.23 44.47 -10.54
C TYR B 15 25.92 43.23 -11.37
N ASN B 16 26.78 42.21 -11.23
CA ASN B 16 26.61 40.94 -11.94
C ASN B 16 26.50 39.82 -10.92
N PRO B 17 25.35 39.19 -10.75
CA PRO B 17 25.21 38.15 -9.72
C PRO B 17 25.84 36.82 -10.10
N LYS B 18 26.61 36.80 -11.19
CA LYS B 18 27.27 35.59 -11.65
C LYS B 18 28.72 35.51 -11.21
N VAL B 19 29.22 36.48 -10.46
CA VAL B 19 30.59 36.49 -9.98
C VAL B 19 30.59 36.64 -8.46
N ARG B 20 31.48 35.92 -7.80
CA ARG B 20 31.56 36.09 -6.37
C ARG B 20 32.26 37.40 -6.03
N PRO B 21 31.85 38.05 -4.94
CA PRO B 21 32.50 39.31 -4.54
C PRO B 21 33.88 39.12 -3.98
N ALA B 22 34.90 39.52 -4.73
CA ALA B 22 36.29 39.48 -4.28
C ALA B 22 36.92 40.83 -4.63
N GLN B 23 37.05 41.69 -3.63
CA GLN B 23 37.56 43.05 -3.89
C GLN B 23 38.96 43.00 -4.47
N THR B 24 39.76 41.99 -4.12
CA THR B 24 41.07 41.77 -4.69
C THR B 24 41.16 40.33 -5.18
N VAL B 25 41.89 40.13 -6.27
CA VAL B 25 42.05 38.79 -6.83
C VAL B 25 42.72 37.89 -5.80
N GLY B 26 42.15 36.70 -5.61
CA GLY B 26 42.66 35.77 -4.62
C GLY B 26 42.04 35.90 -3.25
N ASP B 27 40.95 36.65 -3.10
CA ASP B 27 40.30 36.85 -1.82
C ASP B 27 39.16 35.85 -1.67
N LYS B 28 39.05 35.29 -0.46
CA LYS B 28 38.04 34.28 -0.15
C LYS B 28 36.86 34.93 0.57
N VAL B 29 35.66 34.56 0.18
CA VAL B 29 34.44 35.08 0.80
C VAL B 29 34.08 34.20 1.99
N THR B 30 34.00 34.80 3.17
CA THR B 30 33.63 34.06 4.37
C THR B 30 32.11 33.99 4.47
N VAL B 31 31.59 32.77 4.52
CA VAL B 31 30.15 32.53 4.59
C VAL B 31 29.84 31.78 5.87
N ARG B 32 28.89 32.28 6.64
CA ARG B 32 28.43 31.63 7.86
C ARG B 32 27.13 30.92 7.58
N VAL B 33 27.08 29.63 7.88
CA VAL B 33 25.95 28.78 7.54
C VAL B 33 25.45 28.09 8.81
N GLY B 34 24.14 28.18 9.06
CA GLY B 34 23.52 27.51 10.18
C GLY B 34 22.17 26.95 9.76
N LEU B 35 21.56 26.22 10.69
CA LEU B 35 20.29 25.56 10.41
C LEU B 35 19.27 25.90 11.49
N THR B 36 18.01 25.94 11.09
CA THR B 36 16.90 26.15 12.02
C THR B 36 15.84 25.09 11.70
N LEU B 37 15.74 24.07 12.52
CA LEU B 37 14.84 22.96 12.26
C LEU B 37 13.44 23.33 12.75
N THR B 38 12.52 23.58 11.82
CA THR B 38 11.16 23.93 12.23
C THR B 38 10.33 22.69 12.51
N ASN B 39 10.56 21.60 11.78
CA ASN B 39 9.80 20.37 12.00
C ASN B 39 10.55 19.22 11.36
N LEU B 40 10.88 18.20 12.14
CA LEU B 40 11.46 16.96 11.62
C LEU B 40 10.29 16.11 11.13
N LEU B 41 10.01 16.17 9.83
CA LEU B 41 8.80 15.56 9.30
C LEU B 41 8.78 14.05 9.49
N ILE B 42 9.71 13.32 8.86
CA ILE B 42 9.71 11.86 8.94
C ILE B 42 11.14 11.34 8.85
N LEU B 43 11.32 10.09 9.27
CA LEU B 43 12.53 9.31 9.02
C LEU B 43 12.08 7.97 8.47
N ASN B 44 11.96 7.87 7.15
CA ASN B 44 11.51 6.65 6.49
C ASN B 44 12.68 5.69 6.40
N GLU B 45 12.62 4.61 7.18
CA GLU B 45 13.68 3.60 7.19
C GLU B 45 13.55 2.61 6.05
N LYS B 46 12.41 2.54 5.38
CA LYS B 46 12.27 1.66 4.23
C LYS B 46 13.18 2.11 3.09
N ILE B 47 13.25 3.41 2.85
CA ILE B 47 14.16 3.99 1.86
C ILE B 47 15.35 4.66 2.50
N GLU B 48 15.44 4.66 3.83
CA GLU B 48 16.59 5.18 4.57
C GLU B 48 16.84 6.66 4.25
N GLU B 49 15.81 7.48 4.42
CA GLU B 49 15.94 8.91 4.24
C GLU B 49 15.17 9.62 5.34
N MET B 50 15.50 10.90 5.55
CA MET B 50 14.79 11.73 6.51
C MET B 50 14.30 12.99 5.80
N THR B 51 13.04 13.33 6.04
CA THR B 51 12.45 14.56 5.50
C THR B 51 12.29 15.54 6.64
N THR B 52 12.89 16.72 6.48
CA THR B 52 12.92 17.76 7.51
C THR B 52 12.57 19.11 6.90
N ASN B 53 11.81 19.89 7.66
CA ASN B 53 11.50 21.28 7.31
C ASN B 53 12.52 22.16 7.99
N VAL B 54 13.36 22.85 7.20
CA VAL B 54 14.47 23.59 7.75
C VAL B 54 14.49 25.00 7.20
N PHE B 55 15.16 25.89 7.93
CA PHE B 55 15.50 27.23 7.52
C PHE B 55 17.02 27.32 7.48
N LEU B 56 17.58 27.38 6.27
CA LEU B 56 18.99 27.62 6.13
C LEU B 56 19.29 29.07 6.48
N ASN B 57 20.39 29.30 7.18
CA ASN B 57 20.74 30.62 7.70
C ASN B 57 22.13 30.96 7.16
N LEU B 58 22.16 31.70 6.06
CA LEU B 58 23.40 32.08 5.40
C LEU B 58 23.70 33.55 5.66
N ALA B 59 24.98 33.86 5.77
CA ALA B 59 25.41 35.24 5.97
C ALA B 59 26.77 35.44 5.34
N TRP B 60 26.87 36.36 4.39
CA TRP B 60 28.15 36.70 3.77
C TRP B 60 28.25 38.22 3.64
N THR B 61 29.32 38.66 3.01
CA THR B 61 29.58 40.10 2.84
C THR B 61 29.91 40.37 1.38
N ASP B 62 29.04 41.11 0.71
CA ASP B 62 29.25 41.53 -0.67
C ASP B 62 29.68 43.00 -0.65
N TYR B 63 30.94 43.25 -1.00
CA TYR B 63 31.46 44.61 -0.94
C TYR B 63 30.79 45.54 -1.93
N ARG B 64 30.14 45.01 -2.97
CA ARG B 64 29.48 45.84 -3.96
C ARG B 64 28.15 46.38 -3.46
N LEU B 65 27.56 45.79 -2.42
CA LEU B 65 26.30 46.25 -1.88
C LEU B 65 26.55 47.16 -0.69
N GLN B 66 27.08 48.34 -0.99
CA GLN B 66 27.40 49.34 0.02
C GLN B 66 26.84 50.69 -0.41
N TRP B 67 26.35 51.45 0.56
CA TRP B 67 25.83 52.79 0.30
C TRP B 67 25.87 53.57 1.60
N ASP B 68 25.82 54.89 1.48
CA ASP B 68 25.79 55.77 2.64
C ASP B 68 24.33 56.03 3.00
N PRO B 69 23.83 55.54 4.13
CA PRO B 69 22.41 55.76 4.46
C PRO B 69 22.05 57.22 4.66
N ALA B 70 23.02 58.07 5.03
CA ALA B 70 22.73 59.48 5.18
C ALA B 70 22.40 60.14 3.84
N ALA B 71 22.98 59.63 2.75
CA ALA B 71 22.67 60.15 1.42
C ALA B 71 21.24 59.85 0.99
N TYR B 72 20.55 58.96 1.69
CA TYR B 72 19.16 58.60 1.42
C TYR B 72 18.33 58.87 2.68
N GLU B 73 17.08 58.46 2.66
CA GLU B 73 16.21 58.68 3.81
C GLU B 73 16.48 57.66 4.91
N GLY B 74 17.73 57.59 5.36
CA GLY B 74 18.08 56.69 6.45
C GLY B 74 17.80 55.23 6.15
N ILE B 75 18.07 54.79 4.93
CA ILE B 75 17.81 53.40 4.55
C ILE B 75 19.01 52.54 4.95
N LYS B 76 18.98 52.02 6.18
CA LYS B 76 20.08 51.21 6.66
C LYS B 76 20.09 49.83 6.01
N ASP B 77 18.91 49.23 5.84
CA ASP B 77 18.81 47.88 5.31
C ASP B 77 17.88 47.88 4.10
N LEU B 78 17.94 46.80 3.33
CA LEU B 78 17.14 46.66 2.13
C LEU B 78 16.80 45.20 1.92
N ARG B 79 15.67 44.96 1.27
CA ARG B 79 15.20 43.63 0.94
C ARG B 79 15.30 43.44 -0.57
N ILE B 80 16.14 42.51 -1.00
CA ILE B 80 16.37 42.28 -2.43
C ILE B 80 15.87 40.89 -2.80
N PRO B 81 15.25 40.71 -3.96
CA PRO B 81 14.96 39.34 -4.41
C PRO B 81 16.24 38.53 -4.54
N SER B 82 16.15 37.24 -4.20
CA SER B 82 17.34 36.41 -4.12
C SER B 82 18.04 36.30 -5.47
N SER B 83 17.27 36.22 -6.55
CA SER B 83 17.84 36.03 -7.88
C SER B 83 18.60 37.25 -8.38
N ASP B 84 18.42 38.41 -7.74
CA ASP B 84 19.09 39.63 -8.19
C ASP B 84 20.42 39.88 -7.48
N VAL B 85 20.85 38.98 -6.61
CA VAL B 85 22.08 39.14 -5.86
C VAL B 85 22.91 37.86 -5.98
N TRP B 86 24.22 38.00 -5.86
CA TRP B 86 25.07 36.82 -5.83
C TRP B 86 24.82 36.02 -4.56
N GLN B 87 24.98 34.71 -4.67
CA GLN B 87 24.73 33.83 -3.54
C GLN B 87 25.52 32.53 -3.70
N PRO B 88 26.22 32.09 -2.66
CA PRO B 88 26.87 30.77 -2.73
C PRO B 88 25.81 29.68 -2.63
N ASP B 89 25.82 28.77 -3.59
CA ASP B 89 24.80 27.72 -3.65
C ASP B 89 25.12 26.70 -2.56
N ILE B 90 24.75 27.05 -1.33
CA ILE B 90 24.94 26.15 -0.19
C ILE B 90 23.88 25.07 -0.27
N VAL B 91 24.26 23.91 -0.79
CA VAL B 91 23.33 22.82 -1.03
C VAL B 91 23.59 21.70 -0.03
N LEU B 92 22.59 20.83 0.08
CA LEU B 92 22.65 19.62 0.90
C LEU B 92 23.20 18.49 0.04
N MET B 93 24.44 18.08 0.31
CA MET B 93 25.09 17.10 -0.55
C MET B 93 24.46 15.71 -0.42
N ASN B 94 24.19 15.29 0.81
CA ASN B 94 23.72 13.93 1.06
C ASN B 94 22.18 13.87 1.03
N ASN B 95 21.63 14.30 -0.10
CA ASN B 95 20.19 14.27 -0.30
C ASN B 95 19.80 12.96 -0.99
N ASN B 96 18.87 12.22 -0.37
CA ASN B 96 18.36 11.01 -1.00
C ASN B 96 17.61 11.34 -2.27
N ASP B 97 16.81 12.40 -2.25
CA ASP B 97 16.14 12.87 -3.46
C ASP B 97 17.15 13.58 -4.37
N GLY B 98 16.70 13.88 -5.59
CA GLY B 98 17.55 14.58 -6.54
C GLY B 98 17.62 16.08 -6.37
N SER B 99 16.92 16.64 -5.39
CA SER B 99 16.87 18.08 -5.22
C SER B 99 18.01 18.54 -4.32
N PHE B 100 18.81 19.47 -4.82
CA PHE B 100 19.92 20.06 -4.07
C PHE B 100 19.57 21.43 -3.49
N GLU B 101 18.97 22.29 -4.28
CA GLU B 101 18.75 23.67 -3.91
C GLU B 101 17.58 23.80 -2.93
N ILE B 102 17.41 25.01 -2.42
CA ILE B 102 16.34 25.38 -1.50
C ILE B 102 15.01 25.41 -2.26
N THR B 103 13.91 25.48 -1.52
CA THR B 103 12.59 25.44 -2.12
C THR B 103 11.88 26.78 -2.18
N LEU B 104 12.20 27.72 -1.28
CA LEU B 104 11.39 28.93 -1.11
C LEU B 104 11.98 30.15 -1.81
N HIS B 105 13.27 30.40 -1.65
CA HIS B 105 13.93 31.59 -2.20
C HIS B 105 13.29 32.88 -1.70
N VAL B 106 13.39 33.09 -0.38
CA VAL B 106 12.89 34.30 0.25
C VAL B 106 13.81 35.46 -0.11
N ASN B 107 13.35 36.68 0.14
CA ASN B 107 14.18 37.86 -0.10
C ASN B 107 15.39 37.85 0.81
N VAL B 108 16.51 38.31 0.29
CA VAL B 108 17.74 38.49 1.05
C VAL B 108 17.72 39.87 1.69
N LEU B 109 18.39 39.98 2.84
CA LEU B 109 18.48 41.23 3.58
C LEU B 109 19.91 41.76 3.47
N VAL B 110 20.04 43.02 3.07
CA VAL B 110 21.33 43.64 2.81
C VAL B 110 21.45 44.89 3.68
N GLN B 111 22.46 44.90 4.54
CA GLN B 111 22.78 46.10 5.29
C GLN B 111 23.66 47.02 4.45
N HIS B 112 23.74 48.28 4.86
CA HIS B 112 24.58 49.24 4.14
C HIS B 112 26.06 48.90 4.25
N THR B 113 26.44 48.10 5.25
CA THR B 113 27.81 47.61 5.34
C THR B 113 28.12 46.57 4.26
N GLY B 114 27.09 45.94 3.70
CA GLY B 114 27.28 44.85 2.77
C GLY B 114 27.01 43.48 3.34
N ALA B 115 26.58 43.40 4.60
CA ALA B 115 26.34 42.11 5.24
C ALA B 115 25.04 41.49 4.75
N VAL B 116 25.13 40.69 3.70
CA VAL B 116 23.95 40.02 3.16
C VAL B 116 23.58 38.85 4.07
N SER B 117 22.32 38.80 4.47
CA SER B 117 21.79 37.74 5.32
C SER B 117 20.60 37.12 4.61
N TRP B 118 20.58 35.78 4.57
CA TRP B 118 19.57 35.04 3.83
C TRP B 118 19.03 33.92 4.71
N GLN B 119 17.71 33.77 4.75
CA GLN B 119 17.07 32.72 5.53
C GLN B 119 16.00 32.02 4.70
N PRO B 120 16.42 31.26 3.69
CA PRO B 120 15.45 30.50 2.90
C PRO B 120 14.95 29.26 3.65
N SER B 121 13.78 28.80 3.25
CA SER B 121 13.17 27.61 3.82
C SER B 121 13.23 26.48 2.80
N ALA B 122 13.29 25.25 3.32
CA ALA B 122 13.41 24.09 2.44
C ALA B 122 12.78 22.87 3.12
N ILE B 123 12.39 21.91 2.29
CA ILE B 123 11.93 20.60 2.72
C ILE B 123 12.97 19.61 2.19
N TYR B 124 13.93 19.24 3.05
CA TYR B 124 15.07 18.46 2.63
C TYR B 124 14.85 16.98 2.91
N ARG B 125 15.21 16.15 1.94
CA ARG B 125 15.13 14.69 2.03
C ARG B 125 16.55 14.17 1.94
N SER B 126 17.18 14.00 3.10
CA SER B 126 18.59 13.64 3.17
C SER B 126 18.75 12.16 3.50
N SER B 127 19.71 11.52 2.85
CA SER B 127 19.94 10.09 3.06
C SER B 127 20.56 9.87 4.42
N CYS B 128 19.97 8.96 5.19
CA CYS B 128 20.45 8.62 6.52
C CYS B 128 20.66 7.11 6.59
N THR B 129 21.87 6.71 6.98
CA THR B 129 22.21 5.29 7.05
C THR B 129 21.60 4.71 8.33
N ILE B 130 20.53 3.93 8.17
CA ILE B 130 19.82 3.39 9.32
C ILE B 130 20.65 2.28 9.96
N LYS B 131 20.99 2.46 11.23
CA LYS B 131 21.66 1.42 12.01
C LYS B 131 20.57 0.50 12.55
N VAL B 132 20.10 -0.39 11.68
CA VAL B 132 19.02 -1.29 12.06
C VAL B 132 19.61 -2.53 12.73
N MET B 133 19.86 -2.42 14.03
CA MET B 133 20.29 -3.57 14.81
C MET B 133 19.37 -3.72 16.02
N TYR B 134 18.93 -2.60 16.58
CA TYR B 134 18.08 -2.58 17.77
C TYR B 134 16.68 -2.06 17.47
N PHE B 135 16.29 -2.02 16.21
CA PHE B 135 14.96 -1.54 15.86
C PHE B 135 13.90 -2.39 16.57
N PRO B 136 12.87 -1.77 17.17
CA PRO B 136 12.61 -0.33 17.21
C PRO B 136 13.27 0.41 18.37
N PHE B 137 13.93 -0.32 19.27
CA PHE B 137 14.58 0.32 20.41
C PHE B 137 15.95 0.85 20.01
N ASP B 138 15.99 1.68 18.96
CA ASP B 138 17.25 2.14 18.39
C ASP B 138 17.30 3.66 18.40
N TRP B 139 18.53 4.17 18.46
CA TRP B 139 18.79 5.60 18.29
C TRP B 139 19.50 5.78 16.95
N GLN B 140 18.96 6.64 16.10
CA GLN B 140 19.55 6.90 14.80
C GLN B 140 20.38 8.16 14.85
N ASN B 141 21.44 8.16 14.04
CA ASN B 141 22.38 9.28 13.94
C ASN B 141 22.35 9.76 12.50
N CYS B 142 21.43 10.68 12.22
CA CYS B 142 21.26 11.18 10.87
C CYS B 142 22.08 12.45 10.68
N THR B 143 22.41 12.74 9.42
CA THR B 143 23.35 13.80 9.12
C THR B 143 22.84 14.63 7.94
N MET B 144 23.23 15.91 7.93
CA MET B 144 22.93 16.82 6.84
C MET B 144 24.20 17.60 6.53
N VAL B 145 24.75 17.40 5.34
CA VAL B 145 26.02 17.99 4.94
C VAL B 145 25.72 19.13 3.98
N PHE B 146 26.04 20.36 4.39
CA PHE B 146 25.84 21.55 3.57
C PHE B 146 27.18 22.08 3.11
N LYS B 147 27.27 22.41 1.83
CA LYS B 147 28.46 23.04 1.28
C LYS B 147 28.11 23.69 -0.05
N SER B 148 28.99 24.57 -0.51
CA SER B 148 28.83 25.16 -1.83
C SER B 148 29.14 24.11 -2.88
N TYR B 149 28.20 23.86 -3.79
CA TYR B 149 28.39 22.81 -4.77
C TYR B 149 29.51 23.13 -5.74
N THR B 150 29.78 24.41 -5.99
CA THR B 150 30.73 24.82 -7.01
C THR B 150 31.99 25.46 -6.45
N TYR B 151 31.87 26.31 -5.43
CA TYR B 151 33.01 27.04 -4.90
C TYR B 151 33.74 26.18 -3.86
N ASP B 152 35.03 25.99 -4.06
CA ASP B 152 35.85 25.21 -3.14
C ASP B 152 36.44 26.09 -2.06
N THR B 153 37.32 25.52 -1.23
CA THR B 153 37.85 26.24 -0.08
C THR B 153 38.76 27.39 -0.45
N SER B 154 39.19 27.48 -1.71
CA SER B 154 40.02 28.60 -2.16
C SER B 154 39.20 29.77 -2.68
N GLU B 155 37.88 29.67 -2.62
CA GLU B 155 36.98 30.74 -3.06
C GLU B 155 36.00 31.15 -1.98
N VAL B 156 35.52 30.22 -1.16
CA VAL B 156 34.64 30.52 -0.05
C VAL B 156 35.17 29.85 1.20
N THR B 157 34.88 30.46 2.35
CA THR B 157 35.26 29.92 3.65
C THR B 157 33.99 29.78 4.49
N LEU B 158 33.72 28.55 4.94
CA LEU B 158 32.51 28.27 5.70
C LEU B 158 32.76 28.44 7.19
N GLN B 159 31.77 29.00 7.88
CA GLN B 159 31.84 29.21 9.33
C GLN B 159 30.47 28.91 9.93
N HIS B 160 30.42 28.82 11.25
CA HIS B 160 29.16 28.65 11.93
C HIS B 160 28.46 29.99 12.09
N ALA B 161 27.13 29.96 12.02
CA ALA B 161 26.35 31.19 12.11
C ALA B 161 26.44 31.78 13.51
N LEU B 162 26.54 33.10 13.57
CA LEU B 162 26.54 33.78 14.86
C LEU B 162 25.14 33.79 15.46
N ASP B 163 25.08 33.98 16.78
CA ASP B 163 23.82 34.01 17.49
C ASP B 163 23.13 35.37 17.25
N ALA B 164 22.02 35.61 17.94
CA ALA B 164 21.39 36.93 17.88
C ALA B 164 22.35 38.00 18.40
N LYS B 165 23.06 37.72 19.48
CA LYS B 165 24.20 38.52 19.90
C LYS B 165 25.41 38.08 19.09
N GLY B 166 26.05 39.03 18.40
CA GLY B 166 27.13 38.68 17.51
C GLY B 166 28.42 38.25 18.19
N GLU B 167 28.47 38.31 19.53
CA GLU B 167 29.70 37.96 20.23
C GLU B 167 30.02 36.47 20.11
N ARG B 168 29.00 35.62 20.18
CA ARG B 168 29.20 34.17 20.25
C ARG B 168 28.92 33.51 18.91
N GLU B 169 29.30 32.24 18.82
CA GLU B 169 29.17 31.43 17.62
C GLU B 169 28.38 30.17 17.97
N VAL B 170 27.34 29.90 17.19
CA VAL B 170 26.42 28.80 17.48
C VAL B 170 26.95 27.53 16.82
N LYS B 171 27.17 26.49 17.63
CA LYS B 171 27.66 25.20 17.16
C LYS B 171 26.56 24.14 17.14
N GLU B 172 25.32 24.53 16.88
CA GLU B 172 24.21 23.58 16.98
C GLU B 172 23.08 24.01 16.06
N ILE B 173 22.16 23.07 15.83
CA ILE B 173 20.95 23.36 15.08
C ILE B 173 20.04 24.21 15.95
N VAL B 174 19.79 25.45 15.54
CA VAL B 174 18.97 26.36 16.33
C VAL B 174 17.52 25.91 16.21
N ILE B 175 16.94 25.44 17.31
CA ILE B 175 15.54 25.05 17.35
C ILE B 175 14.74 26.21 17.92
N ASN B 176 13.83 26.75 17.12
CA ASN B 176 12.97 27.83 17.58
C ASN B 176 12.05 27.32 18.68
N LYS B 177 11.99 28.04 19.79
CA LYS B 177 11.19 27.59 20.92
C LYS B 177 9.72 27.44 20.54
N ASP B 178 9.15 28.48 19.93
CA ASP B 178 7.84 28.42 19.34
C ASP B 178 7.95 28.14 17.84
N ALA B 179 6.81 27.89 17.21
CA ALA B 179 6.75 27.54 15.78
C ALA B 179 7.61 26.32 15.46
N PHE B 180 7.64 25.37 16.39
CA PHE B 180 8.35 24.11 16.19
C PHE B 180 7.41 22.98 16.58
N THR B 181 7.31 21.98 15.71
CA THR B 181 6.43 20.83 15.93
C THR B 181 7.26 19.65 16.39
N GLU B 182 7.01 19.18 17.61
CA GLU B 182 7.73 18.04 18.13
C GLU B 182 7.23 16.76 17.46
N ASN B 183 8.17 16.00 16.89
CA ASN B 183 7.79 14.76 16.22
C ASN B 183 7.32 13.73 17.23
N GLY B 184 6.24 13.02 16.89
CA GLY B 184 5.67 12.07 17.81
C GLY B 184 6.55 10.87 18.05
N GLN B 185 7.21 10.38 17.01
CA GLN B 185 7.94 9.12 17.09
C GLN B 185 9.38 9.29 17.55
N TRP B 186 10.04 10.36 17.15
CA TRP B 186 11.45 10.57 17.44
C TRP B 186 11.64 11.68 18.46
N SER B 187 12.73 11.59 19.22
CA SER B 187 13.08 12.59 20.22
C SER B 187 14.53 13.02 20.01
N ILE B 188 14.75 14.33 19.88
CA ILE B 188 16.08 14.86 19.70
C ILE B 188 16.87 14.69 21.00
N GLU B 189 18.14 14.28 20.88
CA GLU B 189 19.04 14.20 22.01
C GLU B 189 20.21 15.16 21.89
N HIS B 190 20.91 15.13 20.76
CA HIS B 190 21.97 16.08 20.46
C HIS B 190 21.80 16.59 19.04
N LYS B 191 22.04 17.89 18.86
CA LYS B 191 21.93 18.52 17.54
C LYS B 191 23.13 19.42 17.28
N PRO B 192 24.33 18.85 17.17
CA PRO B 192 25.53 19.66 16.99
C PRO B 192 25.81 19.92 15.52
N SER B 193 26.84 20.75 15.30
CA SER B 193 27.34 21.02 13.96
C SER B 193 28.85 21.10 14.00
N ARG B 194 29.48 20.70 12.90
CA ARG B 194 30.94 20.76 12.81
C ARG B 194 31.36 20.96 11.36
N LYS B 195 32.42 21.74 11.17
CA LYS B 195 33.06 21.88 9.87
C LYS B 195 34.05 20.74 9.72
N ASN B 196 33.77 19.82 8.81
CA ASN B 196 34.57 18.59 8.72
C ASN B 196 35.19 18.43 7.33
N TRP B 197 36.37 19.01 7.16
CA TRP B 197 37.14 18.81 5.94
C TRP B 197 37.84 17.46 5.96
N ARG B 198 38.14 16.95 4.77
CA ARG B 198 38.84 15.67 4.61
C ARG B 198 40.29 15.91 4.20
N SER B 199 41.17 15.02 4.66
CA SER B 199 42.60 15.23 4.51
C SER B 199 43.07 14.94 3.08
N ASP B 200 42.50 13.94 2.42
CA ASP B 200 42.97 13.56 1.10
C ASP B 200 42.75 14.68 0.08
N ASP B 201 41.58 15.33 0.14
CA ASP B 201 41.29 16.45 -0.75
C ASP B 201 41.31 17.74 0.07
N PRO B 202 42.30 18.62 -0.13
CA PRO B 202 42.38 19.82 0.72
C PRO B 202 41.17 20.74 0.62
N SER B 203 40.54 20.82 -0.55
CA SER B 203 39.44 21.77 -0.76
C SER B 203 38.09 21.08 -0.58
N TYR B 204 37.81 20.62 0.63
CA TYR B 204 36.53 20.01 0.96
C TYR B 204 36.00 20.56 2.28
N GLU B 205 36.04 21.88 2.44
CA GLU B 205 35.42 22.48 3.62
C GLU B 205 33.91 22.38 3.50
N ASP B 206 33.27 21.85 4.54
CA ASP B 206 31.81 21.72 4.55
C ASP B 206 31.32 21.67 5.99
N VAL B 207 30.05 22.00 6.18
CA VAL B 207 29.46 22.09 7.51
C VAL B 207 28.39 21.02 7.64
N THR B 208 28.49 20.21 8.69
CA THR B 208 27.62 19.06 8.87
C THR B 208 26.83 19.23 10.15
N PHE B 209 25.52 19.05 10.05
CA PHE B 209 24.60 19.10 11.18
C PHE B 209 24.15 17.68 11.50
N TYR B 210 24.34 17.26 12.74
CA TYR B 210 24.00 15.91 13.17
C TYR B 210 22.72 15.94 14.00
N LEU B 211 21.89 14.91 13.85
CA LEU B 211 20.69 14.73 14.65
C LEU B 211 20.73 13.33 15.24
N ILE B 212 20.86 13.26 16.57
CA ILE B 212 20.80 12.00 17.29
C ILE B 212 19.36 11.86 17.80
N ILE B 213 18.56 11.09 17.07
CA ILE B 213 17.13 10.97 17.36
C ILE B 213 16.87 9.58 17.93
N GLN B 214 16.30 9.53 19.12
CA GLN B 214 15.96 8.27 19.76
C GLN B 214 14.48 7.99 19.51
N ARG B 215 14.19 6.75 19.09
CA ARG B 215 12.82 6.37 18.77
C ARG B 215 12.05 6.03 20.02
N LYS B 216 10.79 6.42 20.07
CA LYS B 216 9.90 6.02 21.15
C LYS B 216 9.15 4.77 20.70
N PRO B 217 9.40 3.62 21.30
CA PRO B 217 8.95 2.34 20.72
C PRO B 217 7.55 1.91 21.12
N LEU B 218 6.76 2.83 21.69
CA LEU B 218 5.48 2.44 22.29
C LEU B 218 4.57 1.73 21.28
N PHE B 219 4.51 2.23 20.05
CA PHE B 219 3.67 1.60 19.02
C PHE B 219 4.09 0.15 18.79
N TYR B 220 5.38 -0.05 18.52
CA TYR B 220 5.86 -1.41 18.26
C TYR B 220 5.72 -2.29 19.49
N ILE B 221 5.90 -1.73 20.68
CA ILE B 221 5.65 -2.49 21.91
C ILE B 221 4.23 -3.01 21.92
N VAL B 222 3.25 -2.10 21.89
CA VAL B 222 1.85 -2.47 22.06
C VAL B 222 1.38 -3.38 20.93
N TYR B 223 1.98 -3.27 19.74
CA TYR B 223 1.48 -4.05 18.62
C TYR B 223 2.22 -5.36 18.39
N THR B 224 3.44 -5.52 18.89
CA THR B 224 4.11 -6.80 18.67
C THR B 224 4.65 -7.45 19.93
N ILE B 225 5.18 -6.67 20.88
CA ILE B 225 5.84 -7.25 22.04
C ILE B 225 4.82 -7.94 22.94
N ILE B 226 3.73 -7.26 23.26
CA ILE B 226 2.70 -7.85 24.12
C ILE B 226 2.04 -9.07 23.48
N PRO B 227 1.61 -9.03 22.21
CA PRO B 227 1.05 -10.25 21.61
C PRO B 227 2.03 -11.41 21.61
N CYS B 228 3.32 -11.15 21.38
CA CYS B 228 4.30 -12.22 21.45
C CYS B 228 4.44 -12.74 22.87
N ILE B 229 4.33 -11.88 23.88
CA ILE B 229 4.36 -12.34 25.26
C ILE B 229 3.17 -13.24 25.56
N LEU B 230 1.99 -12.86 25.07
CA LEU B 230 0.81 -13.71 25.27
C LEU B 230 0.97 -15.05 24.57
N ILE B 231 1.52 -15.04 23.35
CA ILE B 231 1.77 -16.30 22.63
C ILE B 231 2.77 -17.16 23.40
N SER B 232 3.80 -16.55 23.97
CA SER B 232 4.76 -17.29 24.78
C SER B 232 4.08 -17.89 26.01
N ILE B 233 3.18 -17.14 26.63
CA ILE B 233 2.43 -17.66 27.77
C ILE B 233 1.61 -18.88 27.34
N LEU B 234 0.97 -18.80 26.17
CA LEU B 234 0.22 -19.94 25.66
C LEU B 234 1.12 -21.14 25.40
N ALA B 235 2.30 -20.90 24.83
CA ALA B 235 3.22 -21.98 24.55
C ALA B 235 3.68 -22.66 25.83
N ILE B 236 3.89 -21.88 26.89
CA ILE B 236 4.23 -22.46 28.18
C ILE B 236 3.04 -23.23 28.75
N LEU B 237 1.83 -22.70 28.55
CA LEU B 237 0.63 -23.35 29.05
C LEU B 237 0.37 -24.69 28.37
N VAL B 238 0.78 -24.82 27.11
CA VAL B 238 0.57 -26.06 26.35
C VAL B 238 0.97 -27.29 27.14
N PHE B 239 2.01 -27.18 27.95
CA PHE B 239 2.53 -28.32 28.70
C PHE B 239 1.81 -28.54 30.03
N TYR B 240 0.85 -27.69 30.37
CA TYR B 240 0.01 -27.93 31.54
C TYR B 240 -1.29 -28.63 31.17
N LEU B 241 -1.66 -28.67 29.89
CA LEU B 241 -2.85 -29.36 29.47
C LEU B 241 -2.69 -30.86 29.63
N PRO B 242 -3.77 -31.57 29.95
CA PRO B 242 -3.71 -33.03 30.00
C PRO B 242 -3.80 -33.62 28.60
N PRO B 243 -2.99 -34.63 28.29
CA PRO B 243 -3.07 -35.25 26.95
C PRO B 243 -4.43 -35.83 26.63
N ASP B 244 -5.17 -36.32 27.63
CA ASP B 244 -6.48 -36.92 27.38
C ASP B 244 -7.46 -35.89 26.83
N ALA B 245 -7.27 -34.61 27.13
CA ALA B 245 -8.20 -33.59 26.67
C ALA B 245 -8.23 -33.50 25.16
N GLY B 246 -7.06 -33.55 24.52
CA GLY B 246 -6.99 -33.51 23.08
C GLY B 246 -6.90 -32.14 22.45
N GLU B 247 -6.34 -31.16 23.16
CA GLU B 247 -6.19 -29.81 22.63
C GLU B 247 -4.76 -29.29 22.68
N LYS B 248 -3.78 -30.15 22.93
CA LYS B 248 -2.40 -29.68 22.97
C LYS B 248 -1.98 -29.13 21.62
N MET B 249 -2.22 -29.88 20.56
CA MET B 249 -1.90 -29.40 19.22
C MET B 249 -2.81 -28.23 18.85
N SER B 250 -4.10 -28.33 19.16
CA SER B 250 -5.04 -27.26 18.83
C SER B 250 -4.66 -25.94 19.47
N LEU B 251 -3.86 -25.97 20.52
CA LEU B 251 -3.34 -24.75 21.14
C LEU B 251 -1.99 -24.35 20.56
N SER B 252 -1.04 -25.28 20.50
CA SER B 252 0.32 -24.94 20.10
C SER B 252 0.40 -24.52 18.64
N ILE B 253 -0.22 -25.29 17.74
CA ILE B 253 -0.13 -24.95 16.33
C ILE B 253 -0.92 -23.68 16.02
N SER B 254 -1.99 -23.42 16.77
CA SER B 254 -2.71 -22.16 16.59
C SER B 254 -1.89 -20.98 17.11
N ALA B 255 -1.12 -21.19 18.17
CA ALA B 255 -0.17 -20.16 18.60
C ALA B 255 0.86 -19.90 17.51
N LEU B 256 1.32 -20.96 16.83
CA LEU B 256 2.23 -20.78 15.70
C LEU B 256 1.56 -19.97 14.59
N LEU B 257 0.28 -20.25 14.31
CA LEU B 257 -0.45 -19.47 13.32
C LEU B 257 -0.53 -18.01 13.72
N ALA B 258 -0.76 -17.74 15.01
CA ALA B 258 -0.79 -16.36 15.47
C ALA B 258 0.57 -15.69 15.31
N VAL B 259 1.65 -16.44 15.56
CA VAL B 259 2.99 -15.90 15.33
C VAL B 259 3.18 -15.55 13.85
N THR B 260 2.68 -16.41 12.96
CA THR B 260 2.75 -16.11 11.54
C THR B 260 1.96 -14.85 11.20
N VAL B 261 0.79 -14.67 11.83
CA VAL B 261 0.01 -13.46 11.59
C VAL B 261 0.77 -12.22 12.06
N PHE B 262 1.43 -12.32 13.23
CA PHE B 262 2.22 -11.19 13.71
C PHE B 262 3.40 -10.90 12.79
N LEU B 263 4.00 -11.95 12.23
CA LEU B 263 5.06 -11.76 11.24
C LEU B 263 4.54 -11.03 10.01
N LEU B 264 3.34 -11.40 9.56
CA LEU B 264 2.72 -10.69 8.45
C LEU B 264 2.47 -9.23 8.80
N LEU B 265 2.05 -8.98 10.04
CA LEU B 265 1.86 -7.60 10.50
C LEU B 265 3.17 -6.82 10.44
N LEU B 266 4.26 -7.43 10.88
CA LEU B 266 5.55 -6.77 10.92
C LEU B 266 6.23 -6.67 9.56
N ALA B 267 5.74 -7.42 8.56
CA ALA B 267 6.40 -7.45 7.26
C ALA B 267 6.46 -6.08 6.59
N ASP B 268 5.59 -5.15 6.97
CA ASP B 268 5.49 -3.86 6.29
C ASP B 268 6.18 -2.73 7.04
N LYS B 269 6.89 -3.03 8.13
CA LYS B 269 7.44 -1.95 8.95
C LYS B 269 8.93 -2.10 9.17
N VAL B 270 9.44 -3.33 9.21
CA VAL B 270 10.86 -3.56 9.47
C VAL B 270 11.68 -3.04 8.29
N PRO B 271 12.87 -2.51 8.52
CA PRO B 271 13.68 -2.01 7.41
C PRO B 271 14.18 -3.12 6.51
N GLU B 272 14.30 -2.80 5.23
CA GLU B 272 14.79 -3.76 4.23
C GLU B 272 16.30 -3.66 4.04
N THR B 273 17.04 -3.80 5.14
CA THR B 273 18.50 -3.75 5.13
C THR B 273 19.04 -5.04 5.72
N SER B 274 20.11 -5.55 5.12
CA SER B 274 20.65 -6.86 5.48
C SER B 274 22.02 -6.76 6.13
N LEU B 275 22.32 -5.63 6.78
CA LEU B 275 23.55 -5.53 7.55
C LEU B 275 23.45 -6.25 8.88
N SER B 276 22.27 -6.24 9.50
CA SER B 276 22.03 -6.94 10.75
C SER B 276 20.54 -7.19 10.89
N VAL B 277 20.20 -8.08 11.81
CA VAL B 277 18.81 -8.46 12.05
C VAL B 277 18.24 -7.57 13.16
N PRO B 278 17.10 -6.92 12.95
CA PRO B 278 16.52 -6.10 14.01
C PRO B 278 16.20 -6.94 15.23
N ILE B 279 16.33 -6.32 16.41
CA ILE B 279 16.10 -7.05 17.65
C ILE B 279 14.65 -7.50 17.74
N ILE B 280 13.72 -6.72 17.18
CA ILE B 280 12.32 -7.13 17.15
C ILE B 280 12.17 -8.39 16.30
N ILE B 281 12.87 -8.45 15.17
CA ILE B 281 12.80 -9.64 14.32
C ILE B 281 13.47 -10.83 15.00
N ARG B 282 14.57 -10.58 15.72
CA ARG B 282 15.20 -11.65 16.48
C ARG B 282 14.26 -12.19 17.55
N TYR B 283 13.53 -11.31 18.23
CA TYR B 283 12.57 -11.75 19.22
C TYR B 283 11.42 -12.53 18.58
N LEU B 284 10.94 -12.07 17.42
CA LEU B 284 9.89 -12.80 16.72
C LEU B 284 10.37 -14.19 16.33
N MET B 285 11.59 -14.31 15.82
CA MET B 285 12.11 -15.61 15.43
C MET B 285 12.36 -16.49 16.64
N PHE B 286 12.80 -15.90 17.75
CA PHE B 286 12.97 -16.68 18.98
C PHE B 286 11.64 -17.23 19.46
N ILE B 287 10.59 -16.41 19.42
CA ILE B 287 9.27 -16.89 19.82
C ILE B 287 8.77 -17.97 18.87
N MET B 288 9.04 -17.80 17.57
CA MET B 288 8.61 -18.81 16.60
C MET B 288 9.33 -20.13 16.82
N ILE B 289 10.64 -20.08 17.09
CA ILE B 289 11.39 -21.30 17.39
C ILE B 289 10.88 -21.94 18.67
N LEU B 290 10.58 -21.12 19.68
CA LEU B 290 10.06 -21.66 20.93
C LEU B 290 8.71 -22.34 20.72
N VAL B 291 7.84 -21.74 19.91
CA VAL B 291 6.54 -22.36 19.63
C VAL B 291 6.72 -23.64 18.82
N ALA B 292 7.67 -23.65 17.89
CA ALA B 292 7.94 -24.87 17.14
C ALA B 292 8.43 -25.99 18.05
N PHE B 293 9.32 -25.67 18.98
CA PHE B 293 9.78 -26.67 19.93
C PHE B 293 8.68 -27.11 20.87
N SER B 294 7.77 -26.19 21.22
CA SER B 294 6.60 -26.58 22.01
C SER B 294 5.73 -27.57 21.25
N VAL B 295 5.53 -27.34 19.95
CA VAL B 295 4.79 -28.27 19.13
C VAL B 295 5.48 -29.63 19.11
N ILE B 296 6.79 -29.62 18.93
CA ILE B 296 7.55 -30.89 18.85
C ILE B 296 7.44 -31.65 20.16
N LEU B 297 7.60 -30.96 21.29
CA LEU B 297 7.56 -31.64 22.58
C LEU B 297 6.15 -32.07 22.95
N SER B 298 5.13 -31.32 22.52
CA SER B 298 3.76 -31.78 22.74
C SER B 298 3.47 -33.02 21.90
N VAL B 299 4.02 -33.07 20.68
CA VAL B 299 3.90 -34.28 19.88
C VAL B 299 4.57 -35.46 20.58
N VAL B 300 5.76 -35.23 21.14
CA VAL B 300 6.47 -36.29 21.85
C VAL B 300 5.67 -36.76 23.07
N VAL B 301 5.09 -35.82 23.81
CA VAL B 301 4.30 -36.17 24.99
C VAL B 301 3.06 -36.97 24.58
N LEU B 302 2.39 -36.56 23.51
CA LEU B 302 1.21 -37.29 23.05
C LEU B 302 1.60 -38.69 22.58
N ASN B 303 2.74 -38.82 21.91
CA ASN B 303 3.20 -40.14 21.48
C ASN B 303 3.53 -41.02 22.69
N LEU B 304 4.11 -40.44 23.74
CA LEU B 304 4.39 -41.20 24.95
C LEU B 304 3.12 -41.57 25.70
N HIS B 305 2.07 -40.75 25.58
CA HIS B 305 0.84 -41.00 26.32
C HIS B 305 0.05 -42.16 25.71
N HIS B 306 0.06 -42.28 24.38
CA HIS B 306 -0.70 -43.31 23.70
C HIS B 306 0.09 -44.59 23.48
N ARG B 307 1.35 -44.65 23.92
CA ARG B 307 2.12 -45.87 23.83
C ARG B 307 1.46 -46.97 24.65
N SER B 308 1.46 -48.19 24.11
CA SER B 308 0.75 -49.31 24.69
C SER B 308 1.65 -50.53 24.77
N PRO B 309 1.42 -51.41 25.73
CA PRO B 309 2.24 -52.63 25.83
C PRO B 309 2.20 -53.50 24.58
N ASN B 310 1.07 -53.53 23.86
CA ASN B 310 1.00 -54.32 22.63
C ASN B 310 1.60 -53.59 21.43
N THR B 311 2.09 -52.37 21.61
CA THR B 311 2.80 -51.65 20.57
C THR B 311 4.23 -51.30 20.95
N HIS B 312 4.50 -51.01 22.21
CA HIS B 312 5.83 -50.70 22.69
C HIS B 312 6.13 -51.45 23.97
N THR B 313 7.41 -51.68 24.23
CA THR B 313 7.89 -52.25 25.48
C THR B 313 8.76 -51.20 26.15
N MET B 314 8.42 -50.85 27.39
CA MET B 314 9.13 -49.78 28.08
C MET B 314 10.57 -50.19 28.34
N PRO B 315 11.55 -49.42 27.86
CA PRO B 315 12.96 -49.79 28.07
C PRO B 315 13.36 -49.65 29.52
N ASN B 316 14.48 -50.29 29.86
CA ASN B 316 14.97 -50.24 31.23
C ASN B 316 15.39 -48.83 31.62
N TRP B 317 16.04 -48.11 30.71
CA TRP B 317 16.60 -46.80 31.07
C TRP B 317 15.50 -45.78 31.32
N ILE B 318 14.47 -45.75 30.47
CA ILE B 318 13.35 -44.84 30.67
C ILE B 318 12.63 -45.18 31.97
N ARG B 319 12.31 -46.46 32.15
CA ARG B 319 11.64 -46.91 33.37
C ARG B 319 12.45 -46.54 34.61
N GLN B 320 13.77 -46.49 34.49
CA GLN B 320 14.59 -46.06 35.62
C GLN B 320 14.49 -44.56 35.82
N ILE B 321 14.86 -43.77 34.81
CA ILE B 321 14.98 -42.32 35.00
C ILE B 321 13.62 -41.70 35.28
N PHE B 322 12.68 -41.81 34.33
CA PHE B 322 11.42 -41.07 34.43
C PHE B 322 10.51 -41.58 35.52
N ILE B 323 10.93 -42.57 36.31
CA ILE B 323 10.15 -43.06 37.42
C ILE B 323 10.84 -42.82 38.77
N GLU B 324 12.16 -42.99 38.84
CA GLU B 324 12.85 -42.91 40.11
C GLU B 324 13.77 -41.70 40.26
N THR B 325 13.90 -40.84 39.25
CA THR B 325 14.79 -39.69 39.41
C THR B 325 14.06 -38.36 39.30
N LEU B 326 13.24 -38.18 38.26
CA LEU B 326 12.60 -36.88 38.06
C LEU B 326 11.45 -36.60 39.03
N PRO B 327 10.54 -37.54 39.31
CA PRO B 327 9.42 -37.24 40.21
C PRO B 327 9.87 -36.72 41.57
N PRO B 328 10.96 -37.23 42.15
CA PRO B 328 11.45 -36.61 43.40
C PRO B 328 11.82 -35.15 43.23
N PHE B 329 12.36 -34.76 42.08
CA PHE B 329 12.81 -33.39 41.86
C PHE B 329 11.75 -32.51 41.21
N LEU B 330 10.57 -33.05 40.90
CA LEU B 330 9.54 -32.28 40.22
C LEU B 330 8.21 -32.23 40.97
N TRP B 331 8.13 -32.83 42.16
CA TRP B 331 6.93 -32.81 43.00
C TRP B 331 5.72 -33.37 42.25
N ILE B 332 5.83 -34.66 41.90
CA ILE B 332 4.72 -35.37 41.29
C ILE B 332 4.35 -36.55 42.16
N GLN B 333 5.30 -37.49 42.34
CA GLN B 333 5.16 -38.62 43.25
C GLN B 333 3.80 -39.32 43.13
N ARG B 334 3.37 -39.51 41.88
CA ARG B 334 2.08 -40.16 41.61
C ARG B 334 0.93 -39.50 42.35
N ILE B 408 -18.30 -67.32 33.17
CA ILE B 408 -18.22 -67.41 34.62
C ILE B 408 -16.89 -68.01 35.03
N LYS B 409 -16.18 -68.58 34.05
CA LYS B 409 -14.94 -69.30 34.32
C LYS B 409 -13.70 -68.43 34.06
N TYR B 410 -13.56 -67.91 32.85
CA TYR B 410 -12.38 -67.13 32.46
C TYR B 410 -12.62 -65.63 32.53
N ILE B 411 -13.78 -65.19 33.02
CA ILE B 411 -14.06 -63.76 33.12
C ILE B 411 -13.06 -63.09 34.05
N ALA B 412 -12.79 -63.72 35.20
CA ALA B 412 -11.83 -63.16 36.15
C ALA B 412 -10.43 -63.11 35.57
N GLU B 413 -10.02 -64.15 34.85
CA GLU B 413 -8.70 -64.16 34.23
C GLU B 413 -8.57 -63.06 33.19
N GLN B 414 -9.60 -62.89 32.36
CA GLN B 414 -9.58 -61.82 31.37
C GLN B 414 -9.53 -60.44 32.04
N LEU B 415 -10.29 -60.27 33.12
CA LEU B 415 -10.28 -59.00 33.84
C LEU B 415 -8.90 -58.73 34.44
N GLU B 416 -8.26 -59.75 34.99
CA GLU B 416 -6.92 -59.57 35.56
C GLU B 416 -5.90 -59.23 34.49
N SER B 417 -5.98 -59.90 33.34
CA SER B 417 -5.07 -59.58 32.24
C SER B 417 -5.28 -58.15 31.76
N ALA B 418 -6.54 -57.73 31.63
CA ALA B 418 -6.83 -56.35 31.24
C ALA B 418 -6.34 -55.37 32.29
N SER B 419 -6.41 -55.74 33.57
CA SER B 419 -5.93 -54.88 34.63
C SER B 419 -4.41 -54.70 34.55
N GLU B 420 -3.68 -55.78 34.29
CA GLU B 420 -2.23 -55.66 34.12
C GLU B 420 -1.88 -54.81 32.90
N PHE B 421 -2.59 -55.03 31.79
CA PHE B 421 -2.37 -54.24 30.59
C PHE B 421 -2.63 -52.77 30.85
N ASP B 422 -3.71 -52.46 31.58
CA ASP B 422 -4.03 -51.07 31.92
C ASP B 422 -3.01 -50.50 32.91
N ASP B 423 -2.47 -51.32 33.79
CA ASP B 423 -1.42 -50.85 34.69
C ASP B 423 -0.18 -50.42 33.91
N LEU B 424 0.22 -51.22 32.93
CA LEU B 424 1.39 -50.84 32.13
C LEU B 424 1.08 -49.61 31.26
N LYS B 425 -0.15 -49.53 30.75
CA LYS B 425 -0.55 -48.35 29.99
C LYS B 425 -0.51 -47.09 30.85
N LYS B 426 -0.99 -47.20 32.10
CA LYS B 426 -0.92 -46.07 33.03
C LYS B 426 0.52 -45.74 33.40
N ASP B 427 1.40 -46.74 33.42
CA ASP B 427 2.81 -46.44 33.62
C ASP B 427 3.36 -45.60 32.47
N TRP B 428 2.99 -45.95 31.23
CA TRP B 428 3.36 -45.11 30.09
C TRP B 428 2.78 -43.71 30.23
N GLN B 429 1.53 -43.60 30.65
CA GLN B 429 0.89 -42.29 30.82
C GLN B 429 1.59 -41.46 31.88
N TYR B 430 2.02 -42.12 32.98
CA TYR B 430 2.74 -41.41 34.03
C TYR B 430 4.10 -40.93 33.55
N VAL B 431 4.79 -41.75 32.74
CA VAL B 431 6.03 -41.29 32.13
C VAL B 431 5.77 -40.05 31.27
N ALA B 432 4.68 -40.08 30.50
CA ALA B 432 4.33 -38.93 29.68
C ALA B 432 4.05 -37.70 30.54
N MET B 433 3.35 -37.87 31.66
CA MET B 433 3.06 -36.74 32.53
C MET B 433 4.33 -36.15 33.13
N VAL B 434 5.25 -37.01 33.57
CA VAL B 434 6.52 -36.53 34.12
C VAL B 434 7.30 -35.75 33.07
N ALA B 435 7.37 -36.29 31.85
CA ALA B 435 8.05 -35.58 30.77
C ALA B 435 7.36 -34.25 30.48
N ASP B 436 6.03 -34.22 30.56
CA ASP B 436 5.29 -32.98 30.32
C ASP B 436 5.63 -31.92 31.36
N ARG B 437 5.70 -32.32 32.63
CA ARG B 437 6.06 -31.36 33.68
C ARG B 437 7.50 -30.87 33.51
N LEU B 438 8.42 -31.78 33.17
CA LEU B 438 9.80 -31.38 32.94
C LEU B 438 9.91 -30.38 31.80
N PHE B 439 9.19 -30.65 30.70
CA PHE B 439 9.20 -29.71 29.57
C PHE B 439 8.56 -28.38 29.94
N LEU B 440 7.52 -28.41 30.77
CA LEU B 440 6.91 -27.18 31.23
C LEU B 440 7.94 -26.31 31.95
N TYR B 441 8.63 -26.90 32.92
CA TYR B 441 9.63 -26.13 33.68
C TYR B 441 10.76 -25.65 32.77
N VAL B 442 11.25 -26.53 31.89
CA VAL B 442 12.37 -26.17 31.02
C VAL B 442 11.99 -25.01 30.12
N PHE B 443 10.80 -25.08 29.50
CA PHE B 443 10.40 -24.03 28.58
C PHE B 443 10.07 -22.74 29.31
N PHE B 444 9.52 -22.82 30.52
CA PHE B 444 9.34 -21.60 31.30
C PHE B 444 10.68 -20.91 31.55
N VAL B 445 11.68 -21.69 31.99
CA VAL B 445 12.99 -21.11 32.27
C VAL B 445 13.60 -20.53 31.00
N ILE B 446 13.55 -21.27 29.90
CA ILE B 446 14.18 -20.83 28.66
C ILE B 446 13.51 -19.57 28.14
N CYS B 447 12.17 -19.55 28.10
CA CYS B 447 11.47 -18.38 27.62
C CYS B 447 11.73 -17.16 28.49
N SER B 448 11.69 -17.33 29.81
CA SER B 448 11.93 -16.20 30.70
C SER B 448 13.33 -15.64 30.50
N ILE B 449 14.34 -16.53 30.45
CA ILE B 449 15.72 -16.08 30.31
C ILE B 449 15.92 -15.37 28.97
N GLY B 450 15.40 -15.97 27.88
CA GLY B 450 15.58 -15.36 26.58
C GLY B 450 14.90 -14.00 26.46
N THR B 451 13.65 -13.91 26.92
CA THR B 451 12.94 -12.64 26.86
C THR B 451 13.62 -11.60 27.72
N PHE B 452 14.07 -11.98 28.92
CA PHE B 452 14.74 -11.02 29.80
C PHE B 452 16.04 -10.53 29.18
N SER B 453 16.82 -11.43 28.58
CA SER B 453 18.08 -11.03 27.95
C SER B 453 17.84 -10.09 26.78
N ILE B 454 16.86 -10.43 25.93
CA ILE B 454 16.58 -9.58 24.77
C ILE B 454 16.11 -8.21 25.21
N PHE B 455 15.22 -8.15 26.20
CA PHE B 455 14.73 -6.86 26.67
C PHE B 455 15.84 -6.06 27.35
N LEU B 456 16.74 -6.73 28.08
CA LEU B 456 17.85 -6.04 28.70
C LEU B 456 18.76 -5.43 27.64
N ASP B 457 19.07 -6.18 26.59
CA ASP B 457 19.91 -5.66 25.51
C ASP B 457 19.23 -4.49 24.81
N ALA B 458 17.92 -4.60 24.57
CA ALA B 458 17.20 -3.49 23.94
C ALA B 458 17.21 -2.25 24.82
N SER B 459 17.06 -2.45 26.14
CA SER B 459 17.00 -1.31 27.06
C SER B 459 18.35 -0.63 27.19
N HIS B 460 19.44 -1.39 27.20
CA HIS B 460 20.76 -0.80 27.38
C HIS B 460 21.20 0.04 26.20
N ASN B 461 20.50 -0.01 25.07
CA ASN B 461 20.86 0.76 23.87
C ASN B 461 20.40 2.20 24.08
N VAL B 462 21.32 3.02 24.58
CA VAL B 462 21.06 4.44 24.83
C VAL B 462 22.07 5.26 24.03
N PRO B 463 21.66 6.34 23.38
CA PRO B 463 22.62 7.15 22.64
C PRO B 463 23.67 7.72 23.57
N PRO B 464 24.92 7.84 23.09
CA PRO B 464 25.98 8.36 23.95
C PRO B 464 25.73 9.81 24.32
N ASP B 465 26.14 10.18 25.53
CA ASP B 465 26.02 11.56 25.97
C ASP B 465 26.90 12.48 25.13
N ASN B 466 28.10 12.04 24.81
CA ASN B 466 28.97 12.80 23.92
C ASN B 466 28.49 12.64 22.49
N PRO B 467 28.16 13.73 21.79
CA PRO B 467 27.69 13.62 20.40
C PRO B 467 28.79 13.33 19.39
N PHE B 468 30.06 13.40 19.80
CA PHE B 468 31.19 13.29 18.88
C PHE B 468 31.06 14.30 17.74
N ALA B 469 30.73 15.54 18.10
CA ALA B 469 30.59 16.61 17.14
C ALA B 469 31.92 16.90 16.46
N VAL C 1 -11.06 53.68 -28.43
CA VAL C 1 -10.57 52.36 -28.08
C VAL C 1 -10.80 52.09 -26.60
N ASN C 2 -10.29 50.95 -26.12
CA ASN C 2 -10.41 50.62 -24.71
C ASN C 2 -9.55 51.55 -23.87
N GLU C 3 -10.14 52.14 -22.84
CA GLU C 3 -9.39 53.02 -21.95
C GLU C 3 -8.51 52.26 -20.98
N GLU C 4 -8.77 50.98 -20.77
CA GLU C 4 -7.98 50.20 -19.81
C GLU C 4 -6.52 50.12 -20.23
N GLU C 5 -6.26 50.02 -21.53
CA GLU C 5 -4.87 49.96 -21.97
C GLU C 5 -4.13 51.26 -21.69
N ARG C 6 -4.79 52.41 -21.93
CA ARG C 6 -4.17 53.69 -21.61
C ARG C 6 -3.94 53.82 -20.11
N LEU C 7 -4.90 53.40 -19.30
CA LEU C 7 -4.73 53.47 -17.85
C LEU C 7 -3.59 52.58 -17.38
N ILE C 8 -3.48 51.37 -17.95
CA ILE C 8 -2.40 50.47 -17.58
C ILE C 8 -1.05 51.05 -17.97
N ASN C 9 -0.96 51.60 -19.19
CA ASN C 9 0.30 52.20 -19.62
C ASN C 9 0.69 53.37 -18.73
N ASP C 10 -0.28 54.17 -18.32
CA ASP C 10 0.01 55.27 -17.41
C ASP C 10 0.48 54.77 -16.05
N LEU C 11 -0.19 53.74 -15.51
CA LEU C 11 0.12 53.29 -14.16
C LEU C 11 1.47 52.56 -14.10
N LEU C 12 1.72 51.64 -15.03
CA LEU C 12 2.84 50.73 -14.91
C LEU C 12 4.08 51.17 -15.67
N ILE C 13 3.93 51.75 -16.85
CA ILE C 13 5.06 52.07 -17.71
C ILE C 13 5.50 53.52 -17.54
N VAL C 14 4.57 54.47 -17.67
CA VAL C 14 4.93 55.88 -17.62
C VAL C 14 5.40 56.27 -16.22
N ASN C 15 4.79 55.71 -15.19
CA ASN C 15 5.10 56.06 -13.81
C ASN C 15 6.25 55.27 -13.24
N LYS C 16 6.86 54.37 -14.02
CA LYS C 16 8.00 53.56 -13.57
C LYS C 16 7.64 52.74 -12.33
N TYR C 17 6.58 51.94 -12.47
CA TYR C 17 6.13 51.08 -11.38
C TYR C 17 7.16 49.98 -11.16
N ASN C 18 7.84 50.01 -10.02
CA ASN C 18 8.84 49.01 -9.68
C ASN C 18 8.15 47.90 -8.90
N LYS C 19 8.10 46.70 -9.50
CA LYS C 19 7.41 45.58 -8.89
C LYS C 19 8.06 45.15 -7.58
N HIS C 20 9.38 45.29 -7.46
CA HIS C 20 10.11 44.78 -6.32
C HIS C 20 10.24 45.79 -5.18
N VAL C 21 9.63 46.96 -5.30
CA VAL C 21 9.68 47.99 -4.27
C VAL C 21 8.39 47.94 -3.47
N ARG C 22 8.52 47.94 -2.15
CA ARG C 22 7.35 47.91 -1.28
C ARG C 22 6.50 49.16 -1.51
N PRO C 23 5.18 49.03 -1.63
CA PRO C 23 4.32 50.17 -1.96
C PRO C 23 4.09 51.13 -0.79
N VAL C 24 5.09 51.97 -0.53
CA VAL C 24 5.03 52.88 0.61
C VAL C 24 5.72 54.18 0.22
N LYS C 25 5.22 55.29 0.78
CA LYS C 25 5.80 56.60 0.50
C LYS C 25 7.22 56.70 1.05
N HIS C 26 7.40 56.35 2.32
CA HIS C 26 8.70 56.41 2.98
C HIS C 26 9.07 55.01 3.47
N ASN C 27 10.37 54.71 3.45
CA ASN C 27 10.83 53.41 3.90
C ASN C 27 10.52 53.17 5.37
N ASN C 28 10.28 54.23 6.15
CA ASN C 28 10.03 54.07 7.57
C ASN C 28 8.65 53.48 7.84
N GLU C 29 7.67 53.77 6.99
CA GLU C 29 6.29 53.39 7.27
C GLU C 29 6.08 51.89 7.04
N VAL C 30 4.84 51.44 7.27
CA VAL C 30 4.49 50.04 7.23
C VAL C 30 3.35 49.84 6.23
N VAL C 31 3.29 48.65 5.65
CA VAL C 31 2.24 48.27 4.72
C VAL C 31 1.37 47.22 5.39
N ASN C 32 0.08 47.50 5.54
CA ASN C 32 -0.83 46.60 6.21
C ASN C 32 -1.50 45.69 5.20
N ILE C 33 -1.35 44.38 5.38
CA ILE C 33 -1.98 43.37 4.54
C ILE C 33 -3.04 42.66 5.37
N ALA C 34 -4.30 42.77 4.96
CA ALA C 34 -5.40 42.09 5.63
C ALA C 34 -5.75 40.84 4.82
N LEU C 35 -5.71 39.68 5.46
CA LEU C 35 -5.91 38.42 4.75
C LEU C 35 -6.93 37.56 5.47
N SER C 36 -7.55 36.68 4.69
CA SER C 36 -8.61 35.81 5.16
C SER C 36 -8.55 34.51 4.36
N LEU C 37 -9.19 33.47 4.90
CA LEU C 37 -9.16 32.15 4.30
C LEU C 37 -10.59 31.66 4.09
N THR C 38 -10.84 31.04 2.95
CA THR C 38 -12.14 30.47 2.62
C THR C 38 -11.95 29.00 2.27
N LEU C 39 -12.36 28.12 3.17
CA LEU C 39 -12.19 26.68 2.98
C LEU C 39 -13.22 26.20 1.95
N SER C 40 -12.77 25.96 0.71
CA SER C 40 -13.69 25.46 -0.30
C SER C 40 -14.16 24.06 0.03
N ASN C 41 -13.23 23.18 0.43
CA ASN C 41 -13.56 21.83 0.88
C ASN C 41 -12.33 21.22 1.53
N LEU C 42 -12.56 20.44 2.58
CA LEU C 42 -11.50 19.72 3.27
C LEU C 42 -11.26 18.41 2.56
N ILE C 43 -10.14 18.31 1.82
CA ILE C 43 -9.91 17.15 0.97
C ILE C 43 -9.69 15.91 1.82
N SER C 44 -8.74 15.95 2.75
CA SER C 44 -8.46 14.77 3.56
C SER C 44 -7.59 15.15 4.74
N LEU C 45 -7.57 14.25 5.73
CA LEU C 45 -6.62 14.29 6.84
C LEU C 45 -6.04 12.88 6.95
N LYS C 46 -4.91 12.67 6.29
CA LYS C 46 -4.25 11.37 6.31
C LYS C 46 -3.44 11.26 7.60
N GLU C 47 -3.93 10.46 8.54
CA GLU C 47 -3.25 10.31 9.83
C GLU C 47 -2.00 9.46 9.71
N THR C 48 -1.93 8.56 8.73
CA THR C 48 -0.72 7.77 8.53
C THR C 48 0.46 8.64 8.10
N ASP C 49 0.19 9.80 7.51
CA ASP C 49 1.22 10.75 7.16
C ASP C 49 1.10 12.07 7.93
N GLU C 50 0.09 12.20 8.78
CA GLU C 50 -0.17 13.43 9.54
C GLU C 50 -0.25 14.63 8.60
N THR C 51 -0.95 14.45 7.48
CA THR C 51 -1.04 15.48 6.44
C THR C 51 -2.49 15.90 6.27
N LEU C 52 -2.74 17.19 6.42
CA LEU C 52 -4.06 17.76 6.15
C LEU C 52 -4.01 18.39 4.76
N THR C 53 -4.73 17.79 3.82
CA THR C 53 -4.85 18.31 2.47
C THR C 53 -6.16 19.05 2.35
N SER C 54 -6.09 20.34 2.03
CA SER C 54 -7.26 21.20 1.98
C SER C 54 -7.18 22.10 0.76
N ASN C 55 -8.34 22.59 0.33
CA ASN C 55 -8.46 23.55 -0.75
C ASN C 55 -8.99 24.85 -0.17
N VAL C 56 -8.23 25.92 -0.28
CA VAL C 56 -8.57 27.18 0.36
C VAL C 56 -8.36 28.33 -0.62
N TRP C 57 -9.28 29.28 -0.59
CA TRP C 57 -9.14 30.53 -1.33
C TRP C 57 -8.60 31.58 -0.37
N MET C 58 -7.42 32.12 -0.66
CA MET C 58 -6.74 33.05 0.22
C MET C 58 -7.01 34.46 -0.28
N ASP C 59 -7.59 35.30 0.57
CA ASP C 59 -7.96 36.67 0.20
C ASP C 59 -7.00 37.63 0.87
N HIS C 60 -6.18 38.31 0.05
CA HIS C 60 -5.31 39.37 0.50
C HIS C 60 -5.89 40.71 0.07
N ALA C 61 -5.62 41.74 0.87
CA ALA C 61 -6.01 43.09 0.52
C ALA C 61 -5.02 44.07 1.14
N TRP C 62 -4.66 45.09 0.38
CA TRP C 62 -3.74 46.11 0.87
C TRP C 62 -3.96 47.39 0.07
N TYR C 63 -3.07 48.36 0.27
CA TYR C 63 -3.16 49.67 -0.38
C TYR C 63 -1.85 49.93 -1.12
N ASP C 64 -1.94 50.03 -2.45
CA ASP C 64 -0.80 50.38 -3.28
C ASP C 64 -1.04 51.79 -3.80
N HIS C 65 -0.36 52.77 -3.20
CA HIS C 65 -0.59 54.17 -3.57
C HIS C 65 -0.13 54.48 -4.98
N ARG C 66 0.72 53.63 -5.56
CA ARG C 66 1.13 53.83 -6.95
C ARG C 66 0.04 53.41 -7.93
N LEU C 67 -0.83 52.48 -7.53
CA LEU C 67 -1.92 52.00 -8.39
C LEU C 67 -3.19 52.79 -8.10
N THR C 68 -3.12 54.10 -8.28
CA THR C 68 -4.26 54.99 -8.09
C THR C 68 -4.41 55.88 -9.32
N TRP C 69 -5.64 56.32 -9.55
CA TRP C 69 -5.92 57.15 -10.71
C TRP C 69 -7.20 57.94 -10.47
N ASN C 70 -7.37 59.02 -11.23
CA ASN C 70 -8.59 59.80 -11.21
C ASN C 70 -9.63 59.07 -12.06
N ALA C 71 -10.65 58.51 -11.41
CA ALA C 71 -11.63 57.70 -12.13
C ALA C 71 -12.36 58.52 -13.20
N SER C 72 -12.75 59.75 -12.86
CA SER C 72 -13.45 60.59 -13.82
C SER C 72 -12.57 60.90 -15.03
N GLU C 73 -11.25 60.90 -14.86
CA GLU C 73 -10.38 61.27 -15.96
C GLU C 73 -10.30 60.17 -17.01
N TYR C 74 -10.22 58.91 -16.58
CA TYR C 74 -10.17 57.78 -17.51
C TYR C 74 -11.55 57.16 -17.63
N SER C 75 -12.43 57.88 -18.33
CA SER C 75 -13.74 57.39 -18.76
C SER C 75 -14.50 56.61 -17.69
N ASP C 76 -14.35 57.00 -16.43
CA ASP C 76 -15.10 56.40 -15.31
C ASP C 76 -14.85 54.90 -15.21
N ILE C 77 -13.58 54.50 -15.11
CA ILE C 77 -13.21 53.11 -14.91
C ILE C 77 -13.19 52.85 -13.41
N SER C 78 -14.13 52.00 -12.94
CA SER C 78 -14.24 51.73 -11.51
C SER C 78 -13.22 50.69 -11.06
N ILE C 79 -13.31 49.47 -11.61
CA ILE C 79 -12.44 48.38 -11.20
C ILE C 79 -11.43 48.12 -12.31
N LEU C 80 -10.27 47.59 -11.93
CA LEU C 80 -9.23 47.25 -12.88
C LEU C 80 -8.66 45.89 -12.51
N ARG C 81 -8.23 45.13 -13.52
CA ARG C 81 -7.71 43.78 -13.32
C ARG C 81 -6.27 43.74 -13.79
N LEU C 82 -5.40 43.14 -12.98
CA LEU C 82 -3.97 43.08 -13.31
C LEU C 82 -3.33 41.76 -12.89
N PRO C 83 -2.56 41.12 -13.77
CA PRO C 83 -1.89 39.89 -13.38
C PRO C 83 -0.88 40.14 -12.28
N PRO C 84 -0.66 39.15 -11.41
CA PRO C 84 0.30 39.36 -10.30
C PRO C 84 1.72 39.63 -10.77
N GLU C 85 2.09 39.17 -11.96
CA GLU C 85 3.44 39.36 -12.46
C GLU C 85 3.77 40.82 -12.72
N LEU C 86 2.78 41.70 -12.76
CA LEU C 86 3.00 43.11 -13.07
C LEU C 86 2.96 44.02 -11.85
N VAL C 87 2.39 43.58 -10.73
CA VAL C 87 2.21 44.43 -9.56
C VAL C 87 2.82 43.76 -8.34
N TRP C 88 3.16 44.58 -7.36
CA TRP C 88 3.72 44.09 -6.12
C TRP C 88 2.66 43.30 -5.34
N ILE C 89 3.03 42.10 -4.89
CA ILE C 89 2.13 41.29 -4.09
C ILE C 89 2.85 40.84 -2.83
N PRO C 90 2.17 40.68 -1.71
CA PRO C 90 2.82 40.13 -0.51
C PRO C 90 2.87 38.62 -0.54
N ASP C 91 4.08 38.05 -0.55
CA ASP C 91 4.24 36.60 -0.61
C ASP C 91 3.96 36.02 0.77
N ILE C 92 2.68 35.94 1.11
CA ILE C 92 2.26 35.24 2.31
C ILE C 92 2.37 33.75 2.06
N VAL C 93 3.12 33.05 2.92
CA VAL C 93 3.52 31.68 2.67
C VAL C 93 3.08 30.81 3.83
N LEU C 94 2.53 29.64 3.50
CA LEU C 94 2.18 28.63 4.49
C LEU C 94 3.46 28.00 4.99
N GLN C 95 3.87 28.37 6.21
CA GLN C 95 5.18 27.94 6.72
C GLN C 95 5.20 26.45 7.01
N ASN C 96 4.13 25.92 7.62
CA ASN C 96 4.08 24.50 8.00
C ASN C 96 3.38 23.72 6.90
N ASN C 97 4.17 23.01 6.09
CA ASN C 97 3.63 22.13 5.06
C ASN C 97 4.65 21.05 4.78
N ASN C 98 4.24 19.78 4.98
CA ASN C 98 5.17 18.68 4.75
C ASN C 98 5.57 18.59 3.28
N ASP C 99 4.65 18.88 2.36
CA ASP C 99 5.01 19.03 0.96
C ASP C 99 5.54 20.43 0.72
N GLY C 100 6.60 20.52 -0.08
CA GLY C 100 7.24 21.81 -0.33
C GLY C 100 6.52 22.66 -1.36
N GLN C 101 5.33 23.14 -1.02
CA GLN C 101 4.56 23.99 -1.93
C GLN C 101 4.74 25.47 -1.64
N TYR C 102 4.39 25.90 -0.42
CA TYR C 102 4.71 27.23 0.09
C TYR C 102 3.95 28.36 -0.60
N HIS C 103 3.14 28.04 -1.61
CA HIS C 103 2.56 29.09 -2.44
C HIS C 103 1.15 28.70 -2.88
N VAL C 104 0.40 29.73 -3.31
CA VAL C 104 -0.89 29.49 -3.93
C VAL C 104 -0.69 28.78 -5.27
N ALA C 105 -1.77 28.25 -5.82
CA ALA C 105 -1.71 27.39 -6.99
C ALA C 105 -2.04 28.08 -8.30
N TYR C 106 -2.69 29.24 -8.28
CA TYR C 106 -3.18 29.86 -9.51
C TYR C 106 -2.50 31.18 -9.83
N PHE C 107 -2.37 32.08 -8.85
CA PHE C 107 -1.91 33.44 -9.09
C PHE C 107 -2.86 34.18 -10.05
N CYS C 108 -4.11 34.28 -9.63
CA CYS C 108 -5.14 34.95 -10.42
C CYS C 108 -4.94 36.46 -10.38
N ASN C 109 -5.67 37.16 -11.23
CA ASN C 109 -5.54 38.60 -11.34
C ASN C 109 -5.95 39.29 -10.04
N VAL C 110 -5.32 40.40 -9.76
CA VAL C 110 -5.67 41.27 -8.64
C VAL C 110 -6.64 42.33 -9.14
N LEU C 111 -7.53 42.76 -8.25
CA LEU C 111 -8.51 43.80 -8.53
C LEU C 111 -8.09 45.08 -7.84
N VAL C 112 -8.05 46.18 -8.61
CA VAL C 112 -7.55 47.46 -8.14
C VAL C 112 -8.66 48.49 -8.27
N ARG C 113 -8.84 49.29 -7.23
CA ARG C 113 -9.78 50.40 -7.20
C ARG C 113 -9.05 51.71 -7.43
N PRO C 114 -9.77 52.76 -7.84
CA PRO C 114 -9.08 54.04 -8.14
C PRO C 114 -8.38 54.65 -6.93
N ASN C 115 -8.78 54.29 -5.71
CA ASN C 115 -8.14 54.83 -4.52
C ASN C 115 -6.88 54.08 -4.13
N GLY C 116 -6.51 53.03 -4.87
CA GLY C 116 -5.33 52.26 -4.57
C GLY C 116 -5.59 50.94 -3.88
N TYR C 117 -6.81 50.71 -3.40
CA TYR C 117 -7.13 49.47 -2.73
C TYR C 117 -7.01 48.29 -3.68
N VAL C 118 -6.23 47.28 -3.28
CA VAL C 118 -5.95 46.11 -4.11
C VAL C 118 -6.39 44.87 -3.35
N THR C 119 -7.14 44.00 -4.02
CA THR C 119 -7.58 42.72 -3.48
C THR C 119 -7.11 41.60 -4.39
N TRP C 120 -6.95 40.42 -3.81
CA TRP C 120 -6.41 39.28 -4.54
C TRP C 120 -6.94 38.00 -3.90
N LEU C 121 -7.58 37.14 -4.69
CA LEU C 121 -8.17 35.91 -4.18
C LEU C 121 -7.68 34.71 -4.99
N PRO C 122 -6.43 34.30 -4.79
CA PRO C 122 -5.96 33.08 -5.43
C PRO C 122 -6.40 31.84 -4.66
N PRO C 123 -6.78 30.78 -5.35
CA PRO C 123 -7.00 29.50 -4.70
C PRO C 123 -5.70 28.72 -4.52
N ALA C 124 -5.74 27.74 -3.63
CA ALA C 124 -4.55 26.97 -3.32
C ALA C 124 -4.93 25.62 -2.76
N ILE C 125 -4.09 24.64 -3.01
CA ILE C 125 -4.18 23.33 -2.38
C ILE C 125 -3.00 23.22 -1.41
N PHE C 126 -3.31 23.05 -0.14
CA PHE C 126 -2.30 23.06 0.91
C PHE C 126 -2.27 21.71 1.61
N ARG C 127 -1.08 21.12 1.70
CA ARG C 127 -0.84 19.89 2.45
C ARG C 127 -0.01 20.27 3.67
N SER C 128 -0.70 20.62 4.75
CA SER C 128 -0.03 21.05 5.97
C SER C 128 0.26 19.85 6.87
N SER C 129 1.21 20.05 7.77
CA SER C 129 1.61 19.03 8.73
C SER C 129 1.06 19.38 10.10
N CYS C 130 0.13 18.58 10.61
CA CYS C 130 -0.41 18.74 11.95
C CYS C 130 -0.35 17.40 12.67
N PRO C 131 0.14 17.38 13.91
CA PRO C 131 0.20 16.13 14.65
C PRO C 131 -1.19 15.59 14.95
N ILE C 132 -1.28 14.26 15.05
CA ILE C 132 -2.54 13.57 15.27
C ILE C 132 -2.62 13.18 16.75
N ASN C 133 -3.67 13.63 17.42
CA ASN C 133 -3.93 13.24 18.80
C ASN C 133 -4.74 11.95 18.75
N VAL C 134 -4.04 10.82 18.84
CA VAL C 134 -4.62 9.51 18.55
C VAL C 134 -5.11 8.84 19.83
N LEU C 135 -5.22 9.62 20.91
CA LEU C 135 -5.54 9.05 22.22
C LEU C 135 -6.89 8.35 22.21
N TYR C 136 -7.90 8.97 21.60
CA TYR C 136 -9.26 8.46 21.64
C TYR C 136 -9.73 7.93 20.29
N PHE C 137 -8.79 7.44 19.47
CA PHE C 137 -9.15 6.91 18.16
C PHE C 137 -10.08 5.71 18.33
N PRO C 138 -11.12 5.57 17.50
CA PRO C 138 -11.50 6.48 16.41
C PRO C 138 -12.49 7.57 16.83
N PHE C 139 -12.82 7.63 18.13
CA PHE C 139 -13.74 8.65 18.62
C PHE C 139 -12.98 9.91 19.05
N ASP C 140 -12.17 10.44 18.13
CA ASP C 140 -11.25 11.52 18.45
C ASP C 140 -11.55 12.75 17.61
N TRP C 141 -11.08 13.88 18.10
CA TRP C 141 -11.14 15.15 17.39
C TRP C 141 -9.74 15.72 17.25
N GLN C 142 -9.43 16.26 16.09
CA GLN C 142 -8.10 16.77 15.78
C GLN C 142 -8.13 18.29 15.68
N ASN C 143 -6.96 18.88 15.93
CA ASN C 143 -6.77 20.33 16.00
C ASN C 143 -5.64 20.69 15.05
N CYS C 144 -5.98 20.93 13.79
CA CYS C 144 -4.98 21.14 12.74
C CYS C 144 -4.95 22.61 12.36
N SER C 145 -3.74 23.18 12.31
CA SER C 145 -3.58 24.61 12.12
C SER C 145 -2.81 24.89 10.84
N LEU C 146 -3.23 25.92 10.12
CA LEU C 146 -2.51 26.46 8.97
C LEU C 146 -1.87 27.77 9.41
N LYS C 147 -0.54 27.83 9.37
CA LYS C 147 0.20 29.00 9.82
C LYS C 147 0.80 29.71 8.61
N PHE C 148 0.37 30.94 8.38
CA PHE C 148 0.84 31.77 7.29
C PHE C 148 1.75 32.87 7.85
N THR C 149 2.82 33.15 7.12
CA THR C 149 3.82 34.12 7.56
C THR C 149 4.32 34.91 6.37
N ALA C 150 4.93 36.05 6.67
CA ALA C 150 5.53 36.94 5.68
C ALA C 150 7.04 36.82 5.83
N LEU C 151 7.63 35.88 5.09
CA LEU C 151 9.06 35.62 5.19
C LEU C 151 9.90 36.55 4.33
N ASN C 152 9.27 37.38 3.49
CA ASN C 152 10.02 38.31 2.64
C ASN C 152 10.28 39.64 3.33
N TYR C 153 9.38 40.08 4.20
CA TYR C 153 9.54 41.34 4.91
C TYR C 153 9.29 41.12 6.40
N ASP C 154 9.94 41.94 7.22
CA ASP C 154 9.78 41.86 8.66
C ASP C 154 8.61 42.72 9.12
N ALA C 155 8.27 42.59 10.40
CA ALA C 155 7.12 43.30 10.96
C ALA C 155 7.29 44.81 10.97
N ASN C 156 8.51 45.31 10.78
CA ASN C 156 8.72 46.75 10.65
C ASN C 156 8.39 47.27 9.26
N GLU C 157 8.15 46.38 8.29
CA GLU C 157 7.86 46.77 6.93
C GLU C 157 6.45 46.42 6.49
N ILE C 158 5.99 45.19 6.76
CA ILE C 158 4.61 44.81 6.51
C ILE C 158 4.07 44.12 7.76
N THR C 159 2.82 44.42 8.10
CA THR C 159 2.16 43.83 9.26
C THR C 159 0.92 43.07 8.79
N MET C 160 0.96 41.75 8.91
CA MET C 160 -0.20 40.93 8.57
C MET C 160 -1.34 41.20 9.55
N ASP C 161 -2.56 41.15 9.04
CA ASP C 161 -3.75 41.43 9.85
C ASP C 161 -4.88 40.52 9.42
N LEU C 162 -5.84 40.34 10.31
CA LEU C 162 -7.09 39.67 9.97
C LEU C 162 -8.00 40.66 9.26
N MET C 163 -8.63 40.22 8.17
CA MET C 163 -9.54 41.09 7.44
C MET C 163 -10.73 41.44 8.32
N THR C 164 -11.22 42.68 8.16
CA THR C 164 -12.28 43.22 9.01
C THR C 164 -13.47 43.59 8.13
N ASP C 165 -14.56 42.84 8.27
CA ASP C 165 -15.77 43.13 7.52
C ASP C 165 -16.44 44.35 8.12
N THR C 166 -17.22 45.05 7.30
CA THR C 166 -17.95 46.23 7.76
C THR C 166 -19.40 45.83 8.00
N ILE C 167 -19.73 45.54 9.25
CA ILE C 167 -21.10 45.18 9.61
C ILE C 167 -21.85 46.50 9.70
N ASP C 168 -23.19 46.44 9.74
CA ASP C 168 -23.99 47.65 9.86
C ASP C 168 -23.40 48.56 10.93
N GLY C 169 -23.02 49.77 10.52
CA GLY C 169 -22.17 50.61 11.35
C GLY C 169 -20.72 50.19 11.37
N LYS C 170 -20.27 49.67 12.51
CA LYS C 170 -18.86 49.48 12.77
C LYS C 170 -18.26 48.32 11.97
N ASP C 171 -16.93 48.25 11.98
CA ASP C 171 -16.17 47.18 11.36
C ASP C 171 -15.81 46.14 12.42
N TYR C 172 -16.05 44.87 12.10
CA TYR C 172 -15.77 43.75 12.97
C TYR C 172 -14.76 42.83 12.32
N PRO C 173 -13.67 42.48 13.01
CA PRO C 173 -12.68 41.57 12.42
C PRO C 173 -13.26 40.20 12.11
N ILE C 174 -12.82 39.63 11.00
CA ILE C 174 -13.17 38.26 10.62
C ILE C 174 -12.15 37.34 11.28
N GLU C 175 -12.57 36.68 12.35
CA GLU C 175 -11.68 35.82 13.13
C GLU C 175 -12.05 34.35 12.97
N TRP C 176 -12.45 33.96 11.77
CA TRP C 176 -12.83 32.59 11.49
C TRP C 176 -12.59 32.29 10.03
N ILE C 177 -12.50 31.00 9.70
CA ILE C 177 -12.37 30.55 8.33
C ILE C 177 -13.76 30.66 7.70
N ILE C 178 -13.98 31.70 6.89
CA ILE C 178 -15.29 31.89 6.29
C ILE C 178 -15.59 30.73 5.34
N ILE C 179 -16.74 30.10 5.52
CA ILE C 179 -17.11 28.92 4.77
C ILE C 179 -18.51 29.15 4.19
N ASP C 180 -18.68 28.86 2.90
CA ASP C 180 -19.95 29.11 2.25
C ASP C 180 -20.94 28.00 2.63
N PRO C 181 -22.05 28.32 3.28
CA PRO C 181 -23.00 27.25 3.66
C PRO C 181 -23.59 26.53 2.47
N GLU C 182 -23.77 27.20 1.34
CA GLU C 182 -24.47 26.59 0.22
C GLU C 182 -23.54 25.71 -0.63
N ALA C 183 -22.34 26.19 -0.93
CA ALA C 183 -21.45 25.52 -1.88
C ALA C 183 -20.37 24.70 -1.19
N PHE C 184 -20.54 24.34 0.07
CA PHE C 184 -19.60 23.50 0.79
C PHE C 184 -20.18 22.10 0.94
N THR C 185 -19.40 21.10 0.56
CA THR C 185 -19.79 19.70 0.70
C THR C 185 -19.08 19.12 1.93
N GLU C 186 -19.87 18.61 2.87
CA GLU C 186 -19.29 18.05 4.08
C GLU C 186 -18.38 16.87 3.75
N ASN C 187 -17.17 16.89 4.31
CA ASN C 187 -16.22 15.81 4.09
C ASN C 187 -16.70 14.54 4.79
N GLY C 188 -16.36 13.40 4.19
CA GLY C 188 -16.59 12.13 4.85
C GLY C 188 -15.65 11.96 6.03
N GLU C 189 -16.16 11.36 7.10
CA GLU C 189 -15.45 11.02 8.33
C GLU C 189 -14.78 12.21 9.00
N TRP C 190 -15.13 13.44 8.61
CA TRP C 190 -14.62 14.63 9.27
C TRP C 190 -15.67 15.73 9.19
N GLU C 191 -15.92 16.41 10.31
CA GLU C 191 -16.79 17.59 10.32
C GLU C 191 -16.10 18.71 11.09
N ILE C 192 -16.11 19.91 10.50
CA ILE C 192 -15.51 21.09 11.14
C ILE C 192 -16.44 21.56 12.25
N ILE C 193 -15.85 22.04 13.36
CA ILE C 193 -16.67 22.43 14.50
C ILE C 193 -16.46 23.91 14.85
N HIS C 194 -15.21 24.32 15.10
CA HIS C 194 -14.93 25.65 15.61
C HIS C 194 -14.26 26.58 14.61
N LYS C 195 -13.28 26.08 13.86
CA LYS C 195 -12.54 26.82 12.83
C LYS C 195 -12.26 28.28 13.19
N PRO C 196 -11.43 28.53 14.22
CA PRO C 196 -11.08 29.91 14.55
C PRO C 196 -9.88 30.40 13.75
N ALA C 197 -9.69 31.72 13.79
CA ALA C 197 -8.56 32.37 13.14
C ALA C 197 -8.00 33.43 14.08
N LYS C 198 -6.67 33.52 14.15
CA LYS C 198 -6.04 34.44 15.08
C LYS C 198 -4.68 34.88 14.55
N LYS C 199 -4.37 36.16 14.73
CA LYS C 199 -3.04 36.69 14.43
C LYS C 199 -2.22 36.68 15.70
N ASN C 200 -1.03 36.09 15.64
CA ASN C 200 -0.18 35.91 16.80
C ASN C 200 1.12 36.68 16.64
N ILE C 201 1.57 37.27 17.74
CA ILE C 201 2.83 37.97 17.83
C ILE C 201 3.65 37.34 18.94
N TYR C 202 4.95 37.16 18.70
CA TYR C 202 5.84 36.55 19.68
C TYR C 202 6.79 37.61 20.22
N PRO C 203 6.52 38.17 21.41
CA PRO C 203 7.36 39.27 21.90
C PRO C 203 8.80 38.87 22.19
N ASP C 204 9.07 37.57 22.39
CA ASP C 204 10.44 37.15 22.67
C ASP C 204 11.37 37.35 21.48
N LYS C 205 10.84 37.58 20.29
CA LYS C 205 11.64 37.84 19.10
C LYS C 205 11.50 39.30 18.70
N PHE C 206 12.32 39.70 17.73
CA PHE C 206 12.37 41.13 17.47
C PHE C 206 11.55 41.50 16.25
N PRO C 207 11.05 42.73 16.19
CA PRO C 207 10.27 43.16 15.02
C PRO C 207 11.03 43.10 13.71
N ASN C 208 12.35 43.34 13.74
CA ASN C 208 13.13 43.31 12.50
C ASN C 208 13.50 41.87 12.16
N GLY C 209 12.49 41.00 12.08
CA GLY C 209 12.68 39.61 11.72
C GLY C 209 11.41 39.06 11.14
N THR C 210 11.54 37.90 10.50
CA THR C 210 10.40 37.25 9.85
C THR C 210 9.65 36.31 10.77
N ASN C 211 10.06 36.20 12.04
CA ASN C 211 9.41 35.33 13.00
C ASN C 211 8.46 36.07 13.93
N TYR C 212 8.33 37.39 13.77
CA TYR C 212 7.61 38.18 14.77
C TYR C 212 6.11 37.97 14.71
N GLN C 213 5.55 37.79 13.51
CA GLN C 213 4.11 37.75 13.33
C GLN C 213 3.70 36.53 12.52
N ASP C 214 2.57 35.95 12.87
CA ASP C 214 1.95 34.86 12.11
C ASP C 214 0.46 35.06 12.09
N VAL C 215 -0.21 34.45 11.11
CA VAL C 215 -1.66 34.34 11.10
C VAL C 215 -1.99 32.86 11.03
N THR C 216 -2.72 32.36 12.02
CA THR C 216 -3.01 30.94 12.11
C THR C 216 -4.52 30.72 12.00
N PHE C 217 -4.90 29.85 11.08
CA PHE C 217 -6.29 29.42 10.92
C PHE C 217 -6.37 28.00 11.47
N TYR C 218 -7.09 27.85 12.57
CA TYR C 218 -7.22 26.55 13.22
C TYR C 218 -8.48 25.85 12.74
N LEU C 219 -8.43 24.51 12.75
CA LEU C 219 -9.56 23.68 12.38
C LEU C 219 -9.70 22.60 13.44
N ILE C 220 -10.81 22.62 14.16
CA ILE C 220 -11.16 21.58 15.12
C ILE C 220 -12.12 20.65 14.40
N ILE C 221 -11.61 19.51 13.93
CA ILE C 221 -12.39 18.59 13.12
C ILE C 221 -12.68 17.35 13.93
N ARG C 222 -13.95 17.00 14.03
CA ARG C 222 -14.40 15.81 14.75
C ARG C 222 -14.60 14.69 13.75
N ARG C 223 -14.01 13.53 14.04
CA ARG C 223 -14.10 12.39 13.14
C ARG C 223 -15.43 11.68 13.34
N LYS C 224 -16.08 11.34 12.24
CA LYS C 224 -17.30 10.53 12.30
C LYS C 224 -16.90 9.06 12.33
N PRO C 225 -17.12 8.36 13.43
CA PRO C 225 -16.61 6.98 13.58
C PRO C 225 -17.52 5.89 13.03
N LEU C 226 -18.49 6.23 12.19
CA LEU C 226 -19.46 5.24 11.76
C LEU C 226 -18.81 4.08 11.03
N PHE C 227 -17.84 4.36 10.16
CA PHE C 227 -17.14 3.29 9.45
C PHE C 227 -16.43 2.37 10.42
N TYR C 228 -15.71 2.95 11.39
CA TYR C 228 -14.99 2.12 12.36
C TYR C 228 -15.94 1.36 13.26
N VAL C 229 -17.00 2.01 13.72
CA VAL C 229 -17.99 1.33 14.57
C VAL C 229 -18.59 0.15 13.82
N ILE C 230 -18.86 0.31 12.52
CA ILE C 230 -19.46 -0.77 11.76
C ILE C 230 -18.48 -1.92 11.55
N ASN C 231 -17.22 -1.59 11.21
CA ASN C 231 -16.31 -2.63 10.74
C ASN C 231 -15.36 -3.16 11.80
N PHE C 232 -14.68 -2.30 12.55
CA PHE C 232 -13.67 -2.74 13.49
C PHE C 232 -14.22 -2.93 14.90
N ILE C 233 -15.14 -2.07 15.32
CA ILE C 233 -15.56 -2.05 16.72
C ILE C 233 -16.55 -3.18 17.02
N THR C 234 -17.70 -3.16 16.34
CA THR C 234 -18.75 -4.13 16.66
C THR C 234 -18.31 -5.57 16.47
N PRO C 235 -17.72 -5.97 15.33
CA PRO C 235 -17.26 -7.37 15.23
C PRO C 235 -16.28 -7.77 16.31
N CYS C 236 -15.37 -6.89 16.70
CA CYS C 236 -14.38 -7.26 17.71
C CYS C 236 -15.03 -7.49 19.07
N VAL C 237 -15.95 -6.61 19.48
CA VAL C 237 -16.62 -6.80 20.75
C VAL C 237 -17.51 -8.04 20.73
N LEU C 238 -18.11 -8.33 19.57
CA LEU C 238 -18.90 -9.56 19.46
C LEU C 238 -18.02 -10.80 19.59
N ILE C 239 -16.85 -10.80 18.95
CA ILE C 239 -15.93 -11.92 19.08
C ILE C 239 -15.48 -12.07 20.53
N SER C 240 -15.27 -10.95 21.22
CA SER C 240 -14.88 -11.01 22.63
C SER C 240 -15.98 -11.63 23.49
N PHE C 241 -17.21 -11.16 23.32
CA PHE C 241 -18.33 -11.76 24.06
C PHE C 241 -18.49 -13.22 23.72
N LEU C 242 -18.15 -13.62 22.49
CA LEU C 242 -18.17 -15.03 22.12
C LEU C 242 -17.12 -15.81 22.89
N ALA C 243 -15.92 -15.24 23.02
CA ALA C 243 -14.89 -15.88 23.85
C ALA C 243 -15.36 -16.03 25.29
N SER C 244 -16.15 -15.07 25.77
CA SER C 244 -16.65 -15.13 27.14
C SER C 244 -17.51 -16.36 27.38
N LEU C 245 -18.05 -16.98 26.33
CA LEU C 245 -18.93 -18.13 26.45
C LEU C 245 -18.18 -19.46 26.43
N ALA C 246 -16.85 -19.45 26.39
CA ALA C 246 -16.10 -20.70 26.39
C ALA C 246 -16.27 -21.46 27.70
N PHE C 247 -16.68 -20.78 28.77
CA PHE C 247 -16.89 -21.44 30.05
C PHE C 247 -18.17 -22.26 30.06
N TYR C 248 -19.18 -21.86 29.29
CA TYR C 248 -20.44 -22.58 29.28
C TYR C 248 -20.36 -23.89 28.51
N LEU C 249 -19.31 -24.09 27.72
CA LEU C 249 -19.14 -25.35 27.00
C LEU C 249 -18.72 -26.45 27.97
N PRO C 250 -19.39 -27.60 27.95
CA PRO C 250 -18.97 -28.71 28.82
C PRO C 250 -17.58 -29.21 28.45
N ALA C 251 -16.85 -29.66 29.47
CA ALA C 251 -15.51 -30.19 29.25
C ALA C 251 -15.53 -31.50 28.48
N GLU C 252 -16.66 -32.21 28.48
CA GLU C 252 -16.74 -33.48 27.76
C GLU C 252 -16.53 -33.29 26.26
N SER C 253 -17.15 -32.26 25.69
CA SER C 253 -17.01 -31.97 24.27
C SER C 253 -15.71 -31.20 24.05
N GLY C 254 -14.76 -31.84 23.37
CA GLY C 254 -13.42 -31.31 23.26
C GLY C 254 -13.25 -30.16 22.30
N GLU C 255 -13.99 -29.07 22.54
CA GLU C 255 -13.78 -27.82 21.80
C GLU C 255 -13.60 -26.63 22.74
N LYS C 256 -13.41 -26.87 24.03
CA LYS C 256 -13.36 -25.77 24.99
C LYS C 256 -12.17 -24.84 24.71
N MET C 257 -11.01 -25.41 24.43
CA MET C 257 -9.84 -24.60 24.08
C MET C 257 -9.90 -24.07 22.66
N SER C 258 -10.50 -24.83 21.75
CA SER C 258 -10.48 -24.47 20.33
C SER C 258 -11.21 -23.15 20.10
N THR C 259 -12.38 -22.97 20.72
CA THR C 259 -13.13 -21.74 20.52
C THR C 259 -12.37 -20.53 21.04
N ALA C 260 -11.78 -20.63 22.23
CA ALA C 260 -11.04 -19.51 22.80
C ALA C 260 -9.81 -19.18 21.97
N ILE C 261 -9.05 -20.20 21.55
CA ILE C 261 -7.84 -19.93 20.79
C ILE C 261 -8.19 -19.37 19.41
N SER C 262 -9.30 -19.81 18.80
CA SER C 262 -9.69 -19.25 17.52
C SER C 262 -10.21 -17.83 17.65
N VAL C 263 -10.88 -17.51 18.77
CA VAL C 263 -11.23 -16.12 19.03
C VAL C 263 -9.98 -15.28 19.19
N LEU C 264 -8.94 -15.84 19.82
CA LEU C 264 -7.68 -15.13 19.92
C LEU C 264 -7.07 -14.89 18.55
N LEU C 265 -7.17 -15.87 17.65
CA LEU C 265 -6.70 -15.69 16.29
C LEU C 265 -7.49 -14.59 15.58
N ALA C 266 -8.81 -14.55 15.79
CA ALA C 266 -9.62 -13.50 15.18
C ALA C 266 -9.23 -12.13 15.70
N GLN C 267 -8.96 -12.02 17.02
CA GLN C 267 -8.51 -10.75 17.57
C GLN C 267 -7.13 -10.38 17.05
N ALA C 268 -6.27 -11.36 16.79
CA ALA C 268 -5.00 -11.07 16.15
C ALA C 268 -5.20 -10.53 14.74
N VAL C 269 -6.17 -11.08 14.01
CA VAL C 269 -6.50 -10.55 12.69
C VAL C 269 -6.97 -9.10 12.79
N PHE C 270 -7.82 -8.82 13.79
CA PHE C 270 -8.29 -7.44 13.98
C PHE C 270 -7.13 -6.52 14.36
N LEU C 271 -6.18 -7.02 15.14
CA LEU C 271 -4.98 -6.24 15.46
C LEU C 271 -4.18 -5.94 14.20
N LEU C 272 -4.05 -6.92 13.31
CA LEU C 272 -3.37 -6.69 12.04
C LEU C 272 -4.10 -5.63 11.24
N LEU C 273 -5.43 -5.67 11.24
CA LEU C 273 -6.21 -4.67 10.52
C LEU C 273 -5.97 -3.27 11.09
N THR C 274 -6.05 -3.14 12.42
CA THR C 274 -5.97 -1.82 13.03
C THR C 274 -4.54 -1.27 13.07
N SER C 275 -3.53 -2.12 12.92
CA SER C 275 -2.16 -1.62 12.91
C SER C 275 -1.89 -0.75 11.69
N GLN C 276 -2.45 -1.12 10.55
CA GLN C 276 -2.19 -0.43 9.28
C GLN C 276 -2.94 0.88 9.14
N ARG C 277 -3.60 1.37 10.20
CA ARG C 277 -4.52 2.50 10.08
C ARG C 277 -4.15 3.65 10.99
N LEU C 278 -2.99 3.63 11.63
CA LEU C 278 -2.60 4.66 12.58
C LEU C 278 -1.13 5.00 12.40
N PRO C 279 -0.73 6.24 12.70
CA PRO C 279 0.70 6.57 12.71
C PRO C 279 1.39 5.95 13.91
N GLU C 280 2.70 5.77 13.76
CA GLU C 280 3.49 5.14 14.82
C GLU C 280 3.98 6.16 15.85
N THR C 281 3.08 6.96 16.41
CA THR C 281 3.47 7.89 17.45
C THR C 281 3.41 7.21 18.82
N ALA C 282 4.08 7.83 19.79
CA ALA C 282 4.14 7.28 21.14
C ALA C 282 3.67 8.26 22.21
N LEU C 283 2.85 9.24 21.85
CA LEU C 283 2.28 10.12 22.86
C LEU C 283 1.39 9.33 23.82
N ALA C 284 0.54 8.47 23.27
CA ALA C 284 -0.31 7.58 24.03
C ALA C 284 -0.84 6.50 23.11
N VAL C 285 -1.16 5.35 23.68
CA VAL C 285 -1.75 4.28 22.87
C VAL C 285 -3.18 4.67 22.49
N PRO C 286 -3.64 4.35 21.28
CA PRO C 286 -5.00 4.71 20.90
C PRO C 286 -6.03 3.95 21.71
N LEU C 287 -7.23 4.52 21.78
CA LEU C 287 -8.31 3.88 22.54
C LEU C 287 -8.61 2.50 21.98
N ILE C 288 -8.70 2.37 20.66
CA ILE C 288 -8.92 1.06 20.04
C ILE C 288 -7.76 0.13 20.37
N GLY C 289 -6.52 0.64 20.32
CA GLY C 289 -5.38 -0.19 20.60
C GLY C 289 -5.33 -0.68 22.04
N LYS C 290 -5.60 0.21 22.99
CA LYS C 290 -5.55 -0.20 24.39
C LYS C 290 -6.72 -1.10 24.74
N TYR C 291 -7.89 -0.86 24.15
CA TYR C 291 -8.99 -1.82 24.32
C TYR C 291 -8.64 -3.17 23.74
N LEU C 292 -7.98 -3.18 22.59
CA LEU C 292 -7.58 -4.43 21.96
C LEU C 292 -6.59 -5.19 22.83
N MET C 293 -5.62 -4.48 23.42
CA MET C 293 -4.69 -5.13 24.33
C MET C 293 -5.40 -5.68 25.56
N PHE C 294 -6.32 -4.89 26.13
CA PHE C 294 -7.08 -5.35 27.28
C PHE C 294 -7.84 -6.62 26.97
N ILE C 295 -8.56 -6.64 25.85
CA ILE C 295 -9.40 -7.79 25.52
C ILE C 295 -8.54 -8.98 25.10
N MET C 296 -7.39 -8.74 24.48
CA MET C 296 -6.51 -9.84 24.09
C MET C 296 -5.89 -10.49 25.31
N SER C 297 -5.43 -9.68 26.27
CA SER C 297 -4.94 -10.25 27.52
C SER C 297 -6.06 -10.95 28.28
N LEU C 298 -7.29 -10.44 28.20
CA LEU C 298 -8.41 -11.11 28.87
C LEU C 298 -8.71 -12.45 28.20
N VAL C 299 -8.62 -12.52 26.88
CA VAL C 299 -8.83 -13.79 26.19
C VAL C 299 -7.70 -14.76 26.51
N THR C 300 -6.47 -14.26 26.66
CA THR C 300 -5.37 -15.13 27.09
C THR C 300 -5.62 -15.67 28.49
N GLY C 301 -6.13 -14.81 29.39
CA GLY C 301 -6.49 -15.28 30.71
C GLY C 301 -7.60 -16.31 30.68
N VAL C 302 -8.57 -16.12 29.79
CA VAL C 302 -9.64 -17.10 29.61
C VAL C 302 -9.07 -18.43 29.14
N ILE C 303 -8.11 -18.38 28.22
CA ILE C 303 -7.47 -19.61 27.73
C ILE C 303 -6.72 -20.30 28.87
N VAL C 304 -6.01 -19.53 29.69
CA VAL C 304 -5.29 -20.11 30.81
C VAL C 304 -6.26 -20.76 31.80
N ASN C 305 -7.37 -20.08 32.08
CA ASN C 305 -8.37 -20.63 33.00
C ASN C 305 -9.01 -21.89 32.42
N CYS C 306 -9.28 -21.91 31.12
CA CYS C 306 -9.83 -23.11 30.49
C CYS C 306 -8.83 -24.25 30.57
N GLY C 307 -7.55 -23.95 30.38
CA GLY C 307 -6.53 -24.98 30.55
C GLY C 307 -6.50 -25.53 31.96
N ILE C 308 -6.62 -24.65 32.96
CA ILE C 308 -6.63 -25.09 34.35
C ILE C 308 -7.85 -25.96 34.62
N VAL C 309 -9.02 -25.56 34.11
CA VAL C 309 -10.24 -26.33 34.33
C VAL C 309 -10.13 -27.70 33.66
N LEU C 310 -9.59 -27.75 32.44
CA LEU C 310 -9.40 -29.03 31.77
C LEU C 310 -8.41 -29.91 32.54
N ASN C 311 -7.34 -29.32 33.06
CA ASN C 311 -6.41 -30.09 33.88
C ASN C 311 -7.10 -30.66 35.11
N PHE C 312 -7.94 -29.85 35.75
CA PHE C 312 -8.69 -30.33 36.92
C PHE C 312 -9.75 -31.37 36.55
N HIS C 313 -10.22 -31.37 35.30
CA HIS C 313 -11.23 -32.33 34.89
C HIS C 313 -10.67 -33.72 34.69
N PHE C 314 -9.42 -33.82 34.25
CA PHE C 314 -8.80 -35.11 33.93
C PHE C 314 -7.88 -35.61 35.03
N ARG C 315 -7.92 -35.01 36.22
CA ARG C 315 -7.22 -35.59 37.35
C ARG C 315 -7.80 -36.96 37.67
N THR C 316 -6.95 -37.90 37.99
CA THR C 316 -7.40 -39.26 38.25
C THR C 316 -6.80 -39.78 39.56
N PRO C 317 -7.49 -40.70 40.23
CA PRO C 317 -6.91 -41.27 41.46
C PRO C 317 -5.56 -41.93 41.25
N SER C 318 -5.32 -42.50 40.06
CA SER C 318 -4.03 -43.11 39.78
C SER C 318 -2.90 -42.09 39.72
N THR C 319 -3.22 -40.83 39.46
CA THR C 319 -2.20 -39.79 39.31
C THR C 319 -2.32 -38.66 40.32
N HIS C 320 -3.51 -38.32 40.78
CA HIS C 320 -3.70 -37.23 41.73
C HIS C 320 -4.75 -37.61 42.77
N VAL C 321 -4.61 -37.05 43.96
CA VAL C 321 -5.55 -37.26 45.06
C VAL C 321 -6.16 -35.92 45.42
N LEU C 322 -7.49 -35.86 45.47
CA LEU C 322 -8.17 -34.65 45.89
C LEU C 322 -8.10 -34.53 47.41
N SER C 323 -7.53 -33.44 47.89
CA SER C 323 -7.42 -33.25 49.32
C SER C 323 -8.80 -33.00 49.93
N THR C 324 -8.90 -33.19 51.24
CA THR C 324 -10.16 -32.97 51.93
C THR C 324 -10.58 -31.52 51.82
N ARG C 325 -9.65 -30.59 52.02
CA ARG C 325 -10.00 -29.17 52.02
C ARG C 325 -10.49 -28.71 50.65
N VAL C 326 -9.87 -29.20 49.57
CA VAL C 326 -10.22 -28.75 48.23
C VAL C 326 -11.67 -29.13 47.90
N LYS C 327 -11.97 -30.43 47.94
CA LYS C 327 -13.32 -30.87 47.61
C LYS C 327 -14.31 -30.33 48.61
N GLN C 328 -13.93 -30.24 49.88
CA GLN C 328 -14.82 -29.66 50.89
C GLN C 328 -15.23 -28.25 50.49
N ILE C 329 -14.26 -27.34 50.36
CA ILE C 329 -14.59 -25.94 50.10
C ILE C 329 -15.35 -25.82 48.79
N PHE C 330 -14.87 -26.48 47.73
CA PHE C 330 -15.55 -26.35 46.45
C PHE C 330 -16.98 -26.85 46.53
N LEU C 331 -17.16 -28.15 46.78
CA LEU C 331 -18.48 -28.77 46.71
C LEU C 331 -19.41 -28.33 47.82
N GLU C 332 -18.94 -27.59 48.82
CA GLU C 332 -19.84 -27.07 49.84
C GLU C 332 -20.19 -25.60 49.61
N LYS C 333 -19.19 -24.73 49.43
CA LYS C 333 -19.47 -23.32 49.25
C LYS C 333 -19.98 -23.03 47.84
N LEU C 334 -19.23 -23.43 46.81
CA LEU C 334 -19.45 -22.84 45.49
C LEU C 334 -20.81 -23.17 44.89
N PRO C 335 -21.29 -24.42 44.89
CA PRO C 335 -22.64 -24.66 44.35
C PRO C 335 -23.72 -23.90 45.10
N ARG C 336 -23.58 -23.75 46.41
CA ARG C 336 -24.59 -23.01 47.18
C ARG C 336 -24.45 -21.52 46.99
N ILE C 337 -23.22 -21.01 46.93
CA ILE C 337 -23.00 -19.57 46.78
C ILE C 337 -23.23 -19.09 45.35
N LEU C 338 -23.29 -20.01 44.38
CA LEU C 338 -23.58 -19.66 42.99
C LEU C 338 -24.92 -20.20 42.52
N HIS C 339 -25.67 -20.85 43.41
CA HIS C 339 -27.01 -21.37 43.09
C HIS C 339 -26.97 -22.34 41.90
N MET C 340 -25.95 -23.19 41.87
CA MET C 340 -25.87 -24.21 40.85
C MET C 340 -26.89 -25.32 41.14
N SER C 341 -27.09 -26.18 40.14
CA SER C 341 -28.04 -27.28 40.28
C SER C 341 -27.32 -28.58 40.64
N GLY C 422 -14.13 -71.38 41.03
CA GLY C 422 -15.53 -71.09 40.74
C GLY C 422 -16.04 -69.81 41.38
N ILE C 423 -16.33 -69.89 42.68
CA ILE C 423 -16.81 -68.73 43.41
C ILE C 423 -15.72 -67.68 43.56
N ASP C 424 -14.45 -68.08 43.45
CA ASP C 424 -13.36 -67.10 43.50
C ASP C 424 -13.44 -66.11 42.35
N SER C 425 -13.83 -66.59 41.16
CA SER C 425 -13.99 -65.70 40.02
C SER C 425 -15.08 -64.67 40.28
N THR C 426 -16.20 -65.09 40.90
CA THR C 426 -17.25 -64.15 41.24
C THR C 426 -16.76 -63.10 42.24
N ASN C 427 -16.00 -63.53 43.25
CA ASN C 427 -15.46 -62.57 44.20
C ASN C 427 -14.54 -61.57 43.52
N TYR C 428 -13.68 -62.06 42.62
CA TYR C 428 -12.74 -61.17 41.95
C TYR C 428 -13.46 -60.19 41.03
N ILE C 429 -14.48 -60.66 40.29
CA ILE C 429 -15.19 -59.75 39.39
C ILE C 429 -15.97 -58.71 40.18
N VAL C 430 -16.55 -59.09 41.31
CA VAL C 430 -17.27 -58.11 42.12
C VAL C 430 -16.30 -57.11 42.74
N LYS C 431 -15.11 -57.57 43.17
CA LYS C 431 -14.11 -56.65 43.68
C LYS C 431 -13.66 -55.66 42.61
N GLN C 432 -13.45 -56.14 41.39
CA GLN C 432 -13.06 -55.25 40.31
C GLN C 432 -14.18 -54.25 39.98
N ILE C 433 -15.44 -54.71 40.03
CA ILE C 433 -16.56 -53.81 39.79
C ILE C 433 -16.58 -52.70 40.84
N LYS C 434 -16.38 -53.07 42.11
CA LYS C 434 -16.40 -52.06 43.17
C LYS C 434 -15.23 -51.08 43.03
N GLU C 435 -14.04 -51.59 42.69
CA GLU C 435 -12.90 -50.69 42.50
C GLU C 435 -13.13 -49.74 41.33
N LYS C 436 -13.67 -50.25 40.22
CA LYS C 436 -14.00 -49.38 39.09
C LYS C 436 -15.05 -48.35 39.47
N ASN C 437 -16.03 -48.74 40.28
CA ASN C 437 -17.06 -47.79 40.71
C ASN C 437 -16.46 -46.68 41.56
N ALA C 438 -15.56 -47.02 42.47
CA ALA C 438 -14.90 -46.00 43.29
C ALA C 438 -14.06 -45.06 42.43
N TYR C 439 -13.32 -45.63 41.46
CA TYR C 439 -12.54 -44.81 40.55
C TYR C 439 -13.44 -43.86 39.77
N ASP C 440 -14.58 -44.35 39.29
CA ASP C 440 -15.52 -43.52 38.56
C ASP C 440 -16.10 -42.43 39.44
N GLU C 441 -16.38 -42.73 40.71
CA GLU C 441 -16.91 -41.71 41.61
C GLU C 441 -15.89 -40.61 41.85
N GLU C 442 -14.62 -40.97 42.03
CA GLU C 442 -13.61 -39.93 42.20
C GLU C 442 -13.43 -39.11 40.93
N VAL C 443 -13.52 -39.75 39.77
CA VAL C 443 -13.46 -39.01 38.50
C VAL C 443 -14.63 -38.04 38.40
N GLY C 444 -15.82 -38.47 38.82
CA GLY C 444 -16.97 -37.58 38.81
C GLY C 444 -16.81 -36.42 39.76
N ASN C 445 -16.19 -36.67 40.92
CA ASN C 445 -15.88 -35.57 41.83
C ASN C 445 -14.94 -34.56 41.19
N TRP C 446 -13.93 -35.05 40.48
CA TRP C 446 -13.03 -34.14 39.76
C TRP C 446 -13.78 -33.35 38.70
N ASN C 447 -14.70 -34.02 37.99
CA ASN C 447 -15.51 -33.34 36.98
C ASN C 447 -16.36 -32.24 37.61
N LEU C 448 -16.95 -32.52 38.78
CA LEU C 448 -17.74 -31.50 39.47
C LEU C 448 -16.87 -30.32 39.91
N VAL C 449 -15.66 -30.61 40.39
CA VAL C 449 -14.73 -29.54 40.74
C VAL C 449 -14.43 -28.68 39.52
N GLY C 450 -14.18 -29.32 38.39
CA GLY C 450 -13.94 -28.58 37.16
C GLY C 450 -15.12 -27.71 36.77
N GLN C 451 -16.34 -28.27 36.85
CA GLN C 451 -17.52 -27.50 36.49
C GLN C 451 -17.70 -26.29 37.40
N THR C 452 -17.49 -26.47 38.71
CA THR C 452 -17.75 -25.36 39.62
C THR C 452 -16.67 -24.28 39.51
N ILE C 453 -15.41 -24.67 39.30
CA ILE C 453 -14.39 -23.64 39.07
C ILE C 453 -14.64 -22.96 37.73
N ASP C 454 -15.17 -23.69 36.75
CA ASP C 454 -15.54 -23.08 35.47
C ASP C 454 -16.61 -22.01 35.66
N ARG C 455 -17.65 -22.33 36.42
CA ARG C 455 -18.73 -21.36 36.64
C ARG C 455 -18.23 -20.17 37.46
N LEU C 456 -17.37 -20.41 38.45
CA LEU C 456 -16.79 -19.30 39.20
C LEU C 456 -15.99 -18.38 38.28
N SER C 457 -15.17 -18.97 37.41
CA SER C 457 -14.38 -18.16 36.48
C SER C 457 -15.28 -17.40 35.52
N MET C 458 -16.38 -18.02 35.08
CA MET C 458 -17.31 -17.33 34.21
C MET C 458 -17.90 -16.11 34.90
N PHE C 459 -18.41 -16.29 36.12
CA PHE C 459 -19.00 -15.17 36.85
C PHE C 459 -17.97 -14.11 37.22
N ILE C 460 -16.69 -14.46 37.28
CA ILE C 460 -15.68 -13.45 37.56
C ILE C 460 -15.27 -12.70 36.29
N ILE C 461 -15.21 -13.40 35.16
CA ILE C 461 -14.63 -12.83 33.95
C ILE C 461 -15.66 -12.09 33.11
N THR C 462 -16.81 -12.73 32.83
CA THR C 462 -17.78 -12.11 31.92
C THR C 462 -18.23 -10.72 32.37
N PRO C 463 -18.59 -10.48 33.64
CA PRO C 463 -18.86 -9.10 34.05
C PRO C 463 -17.68 -8.19 33.85
N VAL C 464 -16.45 -8.67 34.10
CA VAL C 464 -15.27 -7.84 33.89
C VAL C 464 -15.16 -7.45 32.43
N MET C 465 -15.35 -8.41 31.52
CA MET C 465 -15.25 -8.12 30.09
C MET C 465 -16.31 -7.10 29.67
N VAL C 466 -17.56 -7.33 30.07
CA VAL C 466 -18.64 -6.45 29.63
C VAL C 466 -18.44 -5.04 30.18
N LEU C 467 -18.13 -4.93 31.48
CA LEU C 467 -17.93 -3.62 32.08
C LEU C 467 -16.73 -2.92 31.48
N GLY C 468 -15.65 -3.65 31.20
CA GLY C 468 -14.48 -3.02 30.63
C GLY C 468 -14.73 -2.47 29.25
N THR C 469 -15.37 -3.26 28.39
CA THR C 469 -15.63 -2.77 27.03
C THR C 469 -16.63 -1.62 27.04
N ILE C 470 -17.67 -1.71 27.89
CA ILE C 470 -18.64 -0.63 27.97
C ILE C 470 -17.99 0.64 28.47
N PHE C 471 -17.15 0.54 29.51
CA PHE C 471 -16.47 1.71 30.05
C PHE C 471 -15.54 2.33 29.01
N ILE C 472 -14.76 1.50 28.32
CA ILE C 472 -13.83 2.02 27.32
C ILE C 472 -14.58 2.76 26.23
N PHE C 473 -15.63 2.15 25.69
CA PHE C 473 -16.29 2.79 24.56
C PHE C 473 -17.19 3.96 24.97
N VAL C 474 -17.73 3.94 26.19
CA VAL C 474 -18.46 5.12 26.67
C VAL C 474 -17.51 6.28 26.89
N MET C 475 -16.34 6.02 27.49
CA MET C 475 -15.35 7.07 27.67
C MET C 475 -14.90 7.63 26.32
N GLY C 476 -14.73 6.76 25.32
CA GLY C 476 -14.40 7.25 23.99
C GLY C 476 -15.51 8.07 23.36
N ASN C 477 -16.76 7.63 23.54
CA ASN C 477 -17.89 8.31 22.92
C ASN C 477 -18.12 9.69 23.54
N PHE C 478 -17.88 9.81 24.85
CA PHE C 478 -18.10 11.10 25.50
C PHE C 478 -17.05 12.14 25.14
N ASN C 479 -15.99 11.76 24.44
CA ASN C 479 -14.95 12.70 24.03
C ASN C 479 -15.50 13.68 23.01
N HIS C 480 -15.59 14.95 23.39
CA HIS C 480 -16.00 16.01 22.49
C HIS C 480 -15.05 17.19 22.63
N PRO C 481 -14.84 17.93 21.54
CA PRO C 481 -14.02 19.14 21.64
C PRO C 481 -14.68 20.16 22.53
N PRO C 482 -13.90 20.99 23.21
CA PRO C 482 -14.48 21.95 24.16
C PRO C 482 -15.38 22.95 23.44
N ALA C 483 -16.36 23.47 24.18
CA ALA C 483 -17.31 24.42 23.62
C ALA C 483 -16.63 25.68 23.11
N LYS C 484 -15.49 26.04 23.69
CA LYS C 484 -14.74 27.20 23.25
C LYS C 484 -13.46 26.76 22.57
N PRO C 485 -13.16 27.28 21.37
CA PRO C 485 -12.00 26.78 20.62
C PRO C 485 -10.67 26.97 21.33
N PHE C 486 -10.51 28.03 22.11
CA PHE C 486 -9.27 28.28 22.82
C PHE C 486 -9.47 28.06 24.32
N GLU C 487 -8.34 27.94 25.03
CA GLU C 487 -8.36 27.56 26.43
C GLU C 487 -9.09 28.57 27.32
N GLY C 488 -8.59 29.80 27.38
CA GLY C 488 -9.15 30.79 28.27
C GLY C 488 -10.02 31.82 27.59
N ASP C 489 -10.02 31.84 26.27
CA ASP C 489 -10.75 32.85 25.54
C ASP C 489 -12.24 32.52 25.52
N PRO C 490 -13.11 33.39 26.02
CA PRO C 490 -14.55 33.08 26.06
C PRO C 490 -15.30 33.50 24.82
N PHE C 491 -14.59 33.88 23.75
CA PHE C 491 -15.24 34.54 22.62
C PHE C 491 -16.05 33.58 21.76
N ASP C 492 -15.62 32.32 21.64
CA ASP C 492 -16.31 31.33 20.81
C ASP C 492 -16.40 31.81 19.36
N TYR C 493 -15.23 31.91 18.74
CA TYR C 493 -15.09 32.44 17.39
C TYR C 493 -16.10 31.81 16.44
N SER C 494 -16.98 32.65 15.89
CA SER C 494 -18.07 32.16 15.04
C SER C 494 -18.61 33.33 14.24
N SER C 495 -18.99 33.04 12.99
CA SER C 495 -19.51 34.09 12.11
C SER C 495 -20.79 34.71 12.66
N ASP C 496 -21.53 34.00 13.50
CA ASP C 496 -22.77 34.53 14.04
C ASP C 496 -22.52 35.75 14.94
N HIS C 497 -21.50 35.69 15.78
CA HIS C 497 -21.23 36.74 16.76
C HIS C 497 -19.83 37.32 16.55
N PRO C 498 -19.70 38.40 15.79
CA PRO C 498 -18.41 39.08 15.68
C PRO C 498 -18.16 39.98 16.89
N ARG C 499 -16.91 40.41 17.03
CA ARG C 499 -16.49 41.24 18.15
C ARG C 499 -16.04 42.61 17.66
N CYS C 500 -16.06 43.57 18.59
CA CYS C 500 -15.66 44.95 18.31
C CYS C 500 -16.49 45.57 17.19
N SER D 1 5.16 30.51 -44.10
CA SER D 1 4.83 31.35 -45.23
C SER D 1 5.16 32.81 -44.94
N GLU D 2 5.59 33.53 -45.98
CA GLU D 2 5.92 34.94 -45.80
C GLU D 2 4.67 35.76 -45.46
N HIS D 3 3.54 35.44 -46.11
CA HIS D 3 2.30 36.16 -45.82
C HIS D 3 1.86 35.95 -44.38
N GLU D 4 1.91 34.71 -43.90
CA GLU D 4 1.51 34.44 -42.53
C GLU D 4 2.50 35.04 -41.54
N THR D 5 3.79 35.04 -41.87
CA THR D 5 4.79 35.69 -41.02
C THR D 5 4.49 37.18 -40.88
N ARG D 6 4.24 37.85 -42.01
CA ARG D 6 3.91 39.27 -41.96
C ARG D 6 2.62 39.52 -41.19
N LEU D 7 1.62 38.65 -41.39
CA LEU D 7 0.34 38.82 -40.70
C LEU D 7 0.52 38.71 -39.18
N VAL D 8 1.24 37.68 -38.73
CA VAL D 8 1.43 37.50 -37.30
C VAL D 8 2.31 38.60 -36.72
N ALA D 9 3.28 39.10 -37.49
CA ALA D 9 4.06 40.24 -37.02
C ALA D 9 3.18 41.48 -36.84
N ASN D 10 2.25 41.70 -37.77
CA ASN D 10 1.39 42.88 -37.68
C ASN D 10 0.37 42.75 -36.56
N LEU D 11 -0.17 41.55 -36.35
CA LEU D 11 -1.25 41.37 -35.37
C LEU D 11 -0.78 41.67 -33.96
N LEU D 12 0.39 41.19 -33.58
CA LEU D 12 0.88 41.31 -32.22
C LEU D 12 1.91 42.42 -32.05
N GLU D 13 1.94 43.38 -32.99
CA GLU D 13 2.87 44.50 -32.86
C GLU D 13 2.51 45.38 -31.68
N ASN D 14 1.24 45.79 -31.58
CA ASN D 14 0.75 46.65 -30.51
C ASN D 14 -0.38 45.96 -29.76
N TYR D 15 -0.28 44.65 -29.58
CA TYR D 15 -1.30 43.87 -28.90
C TYR D 15 -0.90 43.70 -27.43
N ASN D 16 -1.84 43.98 -26.54
CA ASN D 16 -1.62 43.87 -25.10
C ASN D 16 -2.52 42.77 -24.57
N LYS D 17 -1.93 41.63 -24.23
CA LYS D 17 -2.69 40.49 -23.73
C LYS D 17 -3.29 40.74 -22.36
N VAL D 18 -2.87 41.79 -21.66
CA VAL D 18 -3.46 42.11 -20.36
C VAL D 18 -4.88 42.62 -20.53
N ILE D 19 -5.13 43.42 -21.56
CA ILE D 19 -6.38 44.13 -21.71
C ILE D 19 -7.47 43.18 -22.22
N ARG D 20 -8.66 43.33 -21.67
CA ARG D 20 -9.81 42.55 -22.11
C ARG D 20 -10.13 42.87 -23.57
N PRO D 21 -10.52 41.87 -24.38
CA PRO D 21 -10.70 42.10 -25.82
C PRO D 21 -12.06 42.72 -26.16
N VAL D 22 -12.25 43.96 -25.72
CA VAL D 22 -13.49 44.68 -25.98
C VAL D 22 -13.13 46.11 -26.38
N GLU D 23 -13.92 46.68 -27.30
CA GLU D 23 -13.64 48.01 -27.80
C GLU D 23 -13.96 49.09 -26.77
N HIS D 24 -14.99 48.89 -25.95
CA HIS D 24 -15.35 49.81 -24.89
C HIS D 24 -15.43 49.04 -23.58
N HIS D 25 -14.81 49.60 -22.53
CA HIS D 25 -14.72 48.89 -21.26
C HIS D 25 -16.08 48.62 -20.64
N THR D 26 -17.11 49.40 -21.00
CA THR D 26 -18.44 49.14 -20.48
C THR D 26 -19.00 47.83 -20.99
N HIS D 27 -18.74 47.52 -22.26
CA HIS D 27 -19.24 46.30 -22.86
C HIS D 27 -18.50 45.08 -22.31
N PHE D 28 -19.05 43.90 -22.59
CA PHE D 28 -18.47 42.65 -22.15
C PHE D 28 -18.15 41.76 -23.35
N VAL D 29 -17.10 40.97 -23.21
CA VAL D 29 -16.74 39.98 -24.23
C VAL D 29 -17.52 38.71 -23.96
N ASP D 30 -18.21 38.21 -24.99
CA ASP D 30 -19.10 37.07 -24.85
C ASP D 30 -18.36 35.80 -25.23
N ILE D 31 -18.30 34.85 -24.30
CA ILE D 31 -17.54 33.62 -24.47
C ILE D 31 -18.51 32.44 -24.37
N THR D 32 -18.47 31.55 -25.36
CA THR D 32 -19.24 30.32 -25.33
C THR D 32 -18.33 29.19 -24.89
N VAL D 33 -18.73 28.47 -23.85
CA VAL D 33 -17.92 27.42 -23.24
C VAL D 33 -18.60 26.08 -23.46
N GLY D 34 -17.86 25.16 -24.06
CA GLY D 34 -18.32 23.79 -24.21
C GLY D 34 -17.33 22.83 -23.58
N LEU D 35 -17.77 21.62 -23.28
CA LEU D 35 -16.92 20.61 -22.66
C LEU D 35 -17.10 19.29 -23.40
N GLN D 36 -16.01 18.57 -23.62
CA GLN D 36 -16.11 17.21 -24.13
C GLN D 36 -15.33 16.27 -23.22
N LEU D 37 -15.96 15.17 -22.81
CA LEU D 37 -15.41 14.24 -21.84
C LEU D 37 -14.73 13.10 -22.60
N ILE D 38 -13.40 13.15 -22.69
CA ILE D 38 -12.67 12.12 -23.42
C ILE D 38 -12.71 10.80 -22.68
N GLN D 39 -12.49 10.84 -21.36
CA GLN D 39 -12.41 9.62 -20.57
C GLN D 39 -12.60 9.95 -19.10
N LEU D 40 -13.36 9.11 -18.40
CA LEU D 40 -13.51 9.21 -16.95
C LEU D 40 -12.38 8.40 -16.32
N ILE D 41 -11.36 9.09 -15.83
CA ILE D 41 -10.16 8.41 -15.35
C ILE D 41 -10.48 7.53 -14.15
N SER D 42 -11.14 8.09 -13.13
CA SER D 42 -11.41 7.32 -11.93
C SER D 42 -12.40 8.08 -11.05
N VAL D 43 -12.97 7.37 -10.08
CA VAL D 43 -13.80 7.95 -9.05
C VAL D 43 -13.30 7.42 -7.70
N ASP D 44 -12.96 8.33 -6.79
CA ASP D 44 -12.46 7.99 -5.47
C ASP D 44 -13.52 8.36 -4.45
N GLU D 45 -14.20 7.35 -3.91
CA GLU D 45 -15.31 7.57 -2.99
C GLU D 45 -14.86 7.98 -1.60
N VAL D 46 -13.63 7.63 -1.21
CA VAL D 46 -13.15 8.00 0.12
C VAL D 46 -12.94 9.52 0.19
N ASN D 47 -12.27 10.08 -0.80
CA ASN D 47 -12.04 11.52 -0.87
C ASN D 47 -13.07 12.23 -1.73
N GLN D 48 -14.03 11.51 -2.29
CA GLN D 48 -15.09 12.09 -3.12
C GLN D 48 -14.51 12.93 -4.26
N ILE D 49 -13.50 12.38 -4.92
CA ILE D 49 -12.78 13.09 -5.97
C ILE D 49 -12.93 12.30 -7.27
N VAL D 50 -13.45 12.94 -8.31
CA VAL D 50 -13.62 12.31 -9.61
C VAL D 50 -12.57 12.88 -10.56
N GLU D 51 -11.74 12.01 -11.11
CA GLU D 51 -10.71 12.41 -12.05
C GLU D 51 -11.20 12.09 -13.46
N THR D 52 -11.33 13.12 -14.29
CA THR D 52 -11.83 12.98 -15.64
C THR D 52 -10.91 13.70 -16.63
N ASN D 53 -10.67 13.06 -17.76
CA ASN D 53 -9.95 13.68 -18.86
C ASN D 53 -10.97 14.43 -19.73
N VAL D 54 -10.83 15.75 -19.81
CA VAL D 54 -11.79 16.57 -20.55
C VAL D 54 -11.02 17.46 -21.51
N ARG D 55 -11.75 18.03 -22.45
CA ARG D 55 -11.24 19.08 -23.33
C ARG D 55 -12.23 20.22 -23.30
N LEU D 56 -11.77 21.39 -22.89
CA LEU D 56 -12.60 22.57 -22.90
C LEU D 56 -12.69 23.12 -24.32
N ARG D 57 -13.66 24.01 -24.53
CA ARG D 57 -13.84 24.60 -25.85
C ARG D 57 -14.38 26.02 -25.63
N GLN D 58 -13.47 26.98 -25.61
CA GLN D 58 -13.83 28.38 -25.47
C GLN D 58 -13.87 29.03 -26.85
N GLN D 59 -14.97 29.71 -27.15
CA GLN D 59 -15.08 30.48 -28.38
C GLN D 59 -15.44 31.90 -28.02
N TRP D 60 -14.59 32.85 -28.43
CA TRP D 60 -14.87 34.25 -28.19
C TRP D 60 -14.42 35.06 -29.39
N ILE D 61 -14.51 36.38 -29.28
CA ILE D 61 -14.18 37.28 -30.39
C ILE D 61 -13.23 38.35 -29.86
N ASP D 62 -12.10 38.52 -30.53
CA ASP D 62 -11.14 39.57 -30.24
C ASP D 62 -11.13 40.53 -31.43
N VAL D 63 -11.64 41.74 -31.21
CA VAL D 63 -11.72 42.71 -32.30
C VAL D 63 -10.33 43.22 -32.71
N ARG D 64 -9.33 43.05 -31.86
CA ARG D 64 -7.98 43.49 -32.19
C ARG D 64 -7.24 42.52 -33.09
N LEU D 65 -7.76 41.30 -33.27
CA LEU D 65 -7.12 40.27 -34.08
C LEU D 65 -7.84 40.07 -35.41
N ARG D 66 -8.35 41.16 -35.98
CA ARG D 66 -9.08 41.12 -37.24
C ARG D 66 -8.14 41.57 -38.37
N TRP D 67 -8.25 40.89 -39.52
CA TRP D 67 -7.42 41.23 -40.66
C TRP D 67 -8.20 40.96 -41.93
N ASN D 68 -7.72 41.56 -43.03
CA ASN D 68 -8.35 41.40 -44.33
C ASN D 68 -7.67 40.26 -45.07
N PRO D 69 -8.36 39.16 -45.36
CA PRO D 69 -7.69 38.01 -45.99
C PRO D 69 -7.09 38.31 -47.36
N ALA D 70 -7.72 39.20 -48.13
CA ALA D 70 -7.19 39.52 -49.46
C ALA D 70 -5.89 40.30 -49.38
N ASP D 71 -5.56 40.88 -48.23
CA ASP D 71 -4.33 41.64 -48.06
C ASP D 71 -3.15 40.77 -47.67
N TYR D 72 -3.37 39.48 -47.40
CA TYR D 72 -2.31 38.56 -47.01
C TYR D 72 -2.39 37.28 -47.83
N GLY D 73 -2.77 37.40 -49.10
CA GLY D 73 -2.79 36.25 -49.98
C GLY D 73 -3.81 35.18 -49.60
N GLY D 74 -5.02 35.59 -49.22
CA GLY D 74 -6.07 34.63 -48.98
C GLY D 74 -5.99 33.87 -47.67
N ILE D 75 -5.18 34.33 -46.73
CA ILE D 75 -5.09 33.67 -45.43
C ILE D 75 -6.39 33.88 -44.68
N LYS D 76 -7.06 32.77 -44.34
CA LYS D 76 -8.32 32.82 -43.60
C LYS D 76 -8.16 32.48 -42.13
N LYS D 77 -7.35 31.48 -41.81
CA LYS D 77 -7.17 31.03 -40.43
C LYS D 77 -5.70 30.82 -40.15
N ILE D 78 -5.28 31.12 -38.91
CA ILE D 78 -3.92 30.87 -38.45
C ILE D 78 -4.00 30.29 -37.05
N ARG D 79 -2.87 29.74 -36.60
CA ARG D 79 -2.77 29.13 -35.28
C ARG D 79 -1.75 29.91 -34.46
N LEU D 80 -2.22 30.56 -33.40
CA LEU D 80 -1.35 31.29 -32.50
C LEU D 80 -1.16 30.54 -31.20
N PRO D 81 -0.03 30.74 -30.53
CA PRO D 81 0.12 30.20 -29.17
C PRO D 81 -0.84 30.90 -28.22
N SER D 82 -1.36 30.14 -27.26
CA SER D 82 -2.34 30.71 -26.33
C SER D 82 -1.73 31.79 -25.45
N ASP D 83 -0.44 31.68 -25.14
CA ASP D 83 0.20 32.68 -24.30
C ASP D 83 0.39 34.02 -25.00
N ASP D 84 0.16 34.10 -26.30
CA ASP D 84 0.38 35.33 -27.06
C ASP D 84 -0.87 36.19 -27.18
N VAL D 85 -2.01 35.76 -26.65
CA VAL D 85 -3.25 36.50 -26.73
C VAL D 85 -3.92 36.52 -25.36
N TRP D 86 -5.01 37.27 -25.25
CA TRP D 86 -5.78 37.34 -24.03
C TRP D 86 -6.60 36.08 -23.86
N LEU D 87 -6.63 35.54 -22.64
CA LEU D 87 -7.28 34.28 -22.35
C LEU D 87 -8.27 34.44 -21.20
N PRO D 88 -9.41 33.76 -21.26
CA PRO D 88 -10.34 33.80 -20.13
C PRO D 88 -9.83 32.96 -18.97
N ASP D 89 -10.18 33.39 -17.76
CA ASP D 89 -9.73 32.74 -16.53
C ASP D 89 -10.75 31.72 -16.03
N LEU D 90 -11.02 30.71 -16.85
CA LEU D 90 -11.91 29.64 -16.43
C LEU D 90 -11.25 28.82 -15.32
N VAL D 91 -11.98 28.62 -14.22
CA VAL D 91 -11.47 27.90 -13.06
C VAL D 91 -12.53 26.90 -12.63
N LEU D 92 -12.08 25.66 -12.39
CA LEU D 92 -12.96 24.62 -11.87
C LEU D 92 -13.20 24.87 -10.39
N TYR D 93 -14.38 25.38 -10.05
CA TYR D 93 -14.67 25.71 -8.66
C TYR D 93 -14.71 24.48 -7.77
N ASN D 94 -14.94 23.30 -8.35
CA ASN D 94 -14.97 22.05 -7.59
C ASN D 94 -13.60 21.38 -7.51
N ASN D 95 -12.53 22.13 -7.77
CA ASN D 95 -11.21 21.53 -7.86
C ASN D 95 -10.81 20.87 -6.55
N ALA D 96 -10.07 19.77 -6.66
CA ALA D 96 -9.60 19.03 -5.49
C ALA D 96 -8.34 18.27 -5.89
N ASP D 97 -7.18 18.75 -5.43
CA ASP D 97 -5.88 18.13 -5.68
C ASP D 97 -5.41 18.33 -7.11
N GLY D 98 -6.24 18.95 -7.96
CA GLY D 98 -5.91 19.18 -9.33
C GLY D 98 -5.64 20.66 -9.62
N ASP D 99 -5.28 20.92 -10.87
CA ASP D 99 -5.08 22.28 -11.32
C ASP D 99 -6.41 23.01 -11.47
N PHE D 100 -6.47 24.25 -10.98
CA PHE D 100 -7.71 25.00 -11.02
C PHE D 100 -8.07 25.41 -12.45
N ALA D 101 -7.11 25.95 -13.19
CA ALA D 101 -7.35 26.49 -14.52
C ALA D 101 -6.61 25.68 -15.56
N ILE D 102 -6.70 26.14 -16.81
CA ILE D 102 -6.01 25.47 -17.91
C ILE D 102 -4.52 25.70 -17.79
N VAL D 103 -3.75 24.63 -17.85
CA VAL D 103 -2.31 24.71 -17.66
C VAL D 103 -1.51 24.27 -18.87
N HIS D 104 -2.10 23.55 -19.83
CA HIS D 104 -1.32 23.03 -20.95
C HIS D 104 -0.99 24.11 -21.98
N MET D 105 -1.89 25.07 -22.19
CA MET D 105 -1.66 26.21 -23.07
C MET D 105 -1.40 25.76 -24.51
N THR D 106 -2.36 25.00 -25.05
CA THR D 106 -2.30 24.58 -26.43
C THR D 106 -2.61 25.76 -27.35
N LYS D 107 -2.12 25.67 -28.59
CA LYS D 107 -2.39 26.71 -29.58
C LYS D 107 -3.87 26.78 -29.89
N LEU D 108 -4.29 27.92 -30.45
CA LEU D 108 -5.69 28.21 -30.71
C LEU D 108 -5.87 28.69 -32.14
N LEU D 109 -7.02 28.37 -32.72
CA LEU D 109 -7.36 28.80 -34.06
C LEU D 109 -7.91 30.22 -34.03
N LEU D 110 -7.59 30.98 -35.07
CA LEU D 110 -7.97 32.40 -35.14
C LEU D 110 -8.46 32.71 -36.54
N ASP D 111 -9.76 32.96 -36.68
CA ASP D 111 -10.34 33.33 -37.96
C ASP D 111 -9.99 34.76 -38.29
N TYR D 112 -10.26 35.16 -39.53
CA TYR D 112 -9.95 36.51 -39.97
C TYR D 112 -10.95 37.54 -39.44
N THR D 113 -12.02 37.10 -38.79
CA THR D 113 -12.97 37.99 -38.15
C THR D 113 -12.76 38.10 -36.65
N GLY D 114 -11.65 37.58 -36.13
CA GLY D 114 -11.37 37.61 -34.71
C GLY D 114 -11.96 36.47 -33.92
N LYS D 115 -12.69 35.56 -34.55
CA LYS D 115 -13.37 34.48 -33.84
C LYS D 115 -12.36 33.43 -33.37
N ILE D 116 -11.92 33.56 -32.12
CA ILE D 116 -10.96 32.62 -31.56
C ILE D 116 -11.69 31.40 -31.02
N MET D 117 -11.23 30.21 -31.41
CA MET D 117 -11.69 28.94 -30.86
C MET D 117 -10.50 28.23 -30.26
N TRP D 118 -10.58 27.92 -28.96
CA TRP D 118 -9.50 27.32 -28.21
C TRP D 118 -10.00 26.05 -27.57
N THR D 119 -9.28 24.95 -27.77
CA THR D 119 -9.69 23.63 -27.30
C THR D 119 -8.54 23.01 -26.52
N PRO D 120 -8.35 23.42 -25.27
CA PRO D 120 -7.27 22.88 -24.46
C PRO D 120 -7.70 21.65 -23.70
N PRO D 121 -6.83 20.66 -23.57
CA PRO D 121 -7.14 19.50 -22.72
C PRO D 121 -6.86 19.81 -21.26
N ALA D 122 -7.49 19.02 -20.40
CA ALA D 122 -7.31 19.18 -18.97
C ALA D 122 -7.71 17.89 -18.26
N ILE D 123 -7.24 17.76 -17.03
CA ILE D 123 -7.63 16.68 -16.14
C ILE D 123 -8.30 17.33 -14.95
N PHE D 124 -9.60 17.10 -14.80
CA PHE D 124 -10.39 17.71 -13.73
C PHE D 124 -10.56 16.70 -12.60
N LYS D 125 -10.03 17.04 -11.43
CA LYS D 125 -10.29 16.28 -10.21
C LYS D 125 -11.38 17.02 -9.44
N SER D 126 -12.61 16.85 -9.91
CA SER D 126 -13.75 17.56 -9.33
C SER D 126 -14.14 16.96 -7.99
N TYR D 127 -14.55 17.82 -7.07
CA TYR D 127 -14.95 17.41 -5.72
C TYR D 127 -16.47 17.39 -5.68
N CYS D 128 -17.05 16.24 -5.98
CA CYS D 128 -18.49 16.02 -5.91
C CYS D 128 -18.79 14.98 -4.86
N GLU D 129 -19.86 15.20 -4.10
CA GLU D 129 -20.21 14.31 -3.00
C GLU D 129 -20.61 12.93 -3.53
N ILE D 130 -20.23 11.90 -2.77
CA ILE D 130 -20.52 10.51 -3.12
C ILE D 130 -21.55 10.00 -2.13
N ILE D 131 -22.74 9.69 -2.64
CA ILE D 131 -23.85 9.21 -1.80
C ILE D 131 -23.70 7.69 -1.76
N VAL D 132 -22.86 7.20 -0.85
CA VAL D 132 -22.59 5.78 -0.72
C VAL D 132 -23.63 5.23 0.26
N THR D 133 -24.79 4.89 -0.27
CA THR D 133 -25.84 4.23 0.49
C THR D 133 -26.27 2.91 -0.13
N HIS D 134 -26.40 2.86 -1.46
CA HIS D 134 -26.75 1.64 -2.17
C HIS D 134 -25.54 0.97 -2.79
N PHE D 135 -24.37 1.15 -2.19
CA PHE D 135 -23.14 0.59 -2.73
C PHE D 135 -23.22 -0.93 -2.74
N PRO D 136 -22.83 -1.60 -3.84
CA PRO D 136 -22.30 -1.04 -5.08
C PRO D 136 -23.37 -0.75 -6.14
N PHE D 137 -24.64 -0.99 -5.84
CA PHE D 137 -25.72 -0.70 -6.78
C PHE D 137 -26.15 0.76 -6.67
N ASP D 138 -25.18 1.67 -6.74
CA ASP D 138 -25.40 3.08 -6.48
C ASP D 138 -25.38 3.86 -7.79
N GLN D 139 -25.86 5.10 -7.69
CA GLN D 139 -25.89 6.03 -8.82
C GLN D 139 -25.36 7.36 -8.32
N GLN D 140 -24.23 7.80 -8.88
CA GLN D 140 -23.57 9.02 -8.44
C GLN D 140 -23.91 10.15 -9.39
N ASN D 141 -24.52 11.21 -8.85
CA ASN D 141 -24.73 12.44 -9.58
C ASN D 141 -23.55 13.35 -9.27
N CYS D 142 -22.71 13.62 -10.27
CA CYS D 142 -21.46 14.32 -10.02
C CYS D 142 -21.35 15.52 -10.96
N THR D 143 -20.85 16.63 -10.42
CA THR D 143 -20.87 17.89 -11.14
C THR D 143 -19.46 18.48 -11.22
N MET D 144 -19.28 19.34 -12.22
CA MET D 144 -18.09 20.18 -12.33
C MET D 144 -18.55 21.58 -12.68
N LYS D 145 -18.06 22.56 -11.93
CA LYS D 145 -18.58 23.93 -11.96
C LYS D 145 -17.48 24.87 -12.44
N LEU D 146 -17.65 25.40 -13.63
CA LEU D 146 -16.68 26.31 -14.23
C LEU D 146 -17.22 27.73 -14.24
N GLY D 147 -16.29 28.68 -14.26
CA GLY D 147 -16.65 30.08 -14.31
C GLY D 147 -15.40 30.92 -14.30
N ILE D 148 -15.58 32.19 -14.63
CA ILE D 148 -14.46 33.13 -14.66
C ILE D 148 -14.13 33.56 -13.24
N TRP D 149 -12.86 33.48 -12.88
CA TRP D 149 -12.46 33.67 -11.49
C TRP D 149 -12.43 35.14 -11.10
N THR D 150 -11.76 35.97 -11.91
CA THR D 150 -11.57 37.37 -11.55
C THR D 150 -12.68 38.26 -12.10
N TYR D 151 -13.01 38.14 -13.38
CA TYR D 151 -14.06 38.92 -13.96
C TYR D 151 -15.43 38.34 -13.58
N ASP D 152 -16.49 39.01 -14.01
CA ASP D 152 -17.86 38.59 -13.72
C ASP D 152 -18.76 39.08 -14.85
N GLY D 153 -20.07 39.01 -14.62
CA GLY D 153 -21.00 39.55 -15.60
C GLY D 153 -20.76 41.02 -15.83
N THR D 154 -21.12 41.47 -17.02
CA THR D 154 -20.89 42.82 -17.55
C THR D 154 -19.43 43.08 -17.85
N LYS D 155 -18.53 42.14 -17.54
CA LYS D 155 -17.14 42.20 -17.99
C LYS D 155 -16.83 41.05 -18.94
N VAL D 156 -17.13 39.81 -18.54
CA VAL D 156 -17.07 38.65 -19.43
C VAL D 156 -18.36 37.86 -19.23
N SER D 157 -18.86 37.30 -20.32
CA SER D 157 -20.09 36.51 -20.28
C SER D 157 -19.78 35.08 -20.69
N ILE D 158 -20.25 34.12 -19.89
CA ILE D 158 -20.05 32.70 -20.14
C ILE D 158 -21.39 32.10 -20.54
N SER D 159 -21.42 31.41 -21.67
CA SER D 159 -22.62 30.77 -22.15
C SER D 159 -22.30 29.35 -22.59
N PRO D 160 -23.20 28.40 -22.34
CA PRO D 160 -22.93 27.02 -22.78
C PRO D 160 -23.01 26.90 -24.28
N GLU D 161 -22.12 26.08 -24.84
CA GLU D 161 -22.16 25.80 -26.28
C GLU D 161 -23.41 25.01 -26.64
N SER D 162 -23.81 24.08 -25.77
CA SER D 162 -25.01 23.29 -25.99
C SER D 162 -25.52 22.84 -24.63
N ASP D 163 -26.78 22.38 -24.62
CA ASP D 163 -27.40 21.93 -23.38
C ASP D 163 -26.70 20.70 -22.80
N ARG D 164 -25.97 19.95 -23.62
CA ARG D 164 -25.35 18.71 -23.18
C ARG D 164 -23.87 18.74 -23.49
N PRO D 165 -23.02 18.28 -22.57
CA PRO D 165 -21.60 18.14 -22.88
C PRO D 165 -21.38 17.11 -23.97
N ASP D 166 -20.32 17.31 -24.75
CA ASP D 166 -20.03 16.43 -25.87
C ASP D 166 -19.48 15.11 -25.37
N LEU D 167 -20.13 14.01 -25.76
CA LEU D 167 -19.71 12.66 -25.39
C LEU D 167 -19.42 11.80 -26.61
N SER D 168 -19.19 12.42 -27.77
CA SER D 168 -18.99 11.66 -29.00
C SER D 168 -17.74 10.81 -28.95
N THR D 169 -16.64 11.37 -28.45
CA THR D 169 -15.37 10.66 -28.38
C THR D 169 -15.10 10.09 -27.00
N PHE D 170 -16.14 9.84 -26.21
CA PHE D 170 -15.98 9.32 -24.87
C PHE D 170 -15.60 7.86 -24.91
N MET D 171 -14.39 7.54 -24.45
CA MET D 171 -13.98 6.15 -24.31
C MET D 171 -14.76 5.50 -23.17
N GLU D 172 -15.30 4.31 -23.43
CA GLU D 172 -16.15 3.65 -22.44
C GLU D 172 -15.38 3.40 -21.16
N SER D 173 -15.97 3.81 -20.03
CA SER D 173 -15.28 3.71 -18.75
C SER D 173 -15.03 2.26 -18.36
N GLY D 174 -16.02 1.39 -18.59
CA GLY D 174 -15.93 0.02 -18.16
C GLY D 174 -16.30 -0.22 -16.72
N GLU D 175 -16.24 0.81 -15.88
CA GLU D 175 -16.62 0.72 -14.48
C GLU D 175 -17.84 1.56 -14.14
N TRP D 176 -18.25 2.49 -15.01
CA TRP D 176 -19.42 3.32 -14.79
C TRP D 176 -20.17 3.45 -16.11
N VAL D 177 -21.45 3.80 -16.00
CA VAL D 177 -22.33 3.98 -17.16
C VAL D 177 -22.93 5.37 -17.09
N MET D 178 -22.74 6.15 -18.16
CA MET D 178 -23.27 7.51 -18.22
C MET D 178 -24.77 7.44 -18.50
N LYS D 179 -25.57 7.56 -17.44
CA LYS D 179 -27.02 7.46 -17.60
C LYS D 179 -27.58 8.71 -18.28
N ASP D 180 -27.13 9.89 -17.84
CA ASP D 180 -27.60 11.13 -18.42
C ASP D 180 -26.64 12.26 -18.06
N TYR D 181 -26.36 13.13 -19.01
CA TYR D 181 -25.41 14.22 -18.80
C TYR D 181 -26.02 15.52 -19.30
N ARG D 182 -25.91 16.58 -18.49
CA ARG D 182 -26.49 17.86 -18.84
C ARG D 182 -25.54 18.97 -18.41
N GLY D 183 -25.83 20.19 -18.88
CA GLY D 183 -25.08 21.35 -18.47
C GLY D 183 -25.97 22.57 -18.33
N TRP D 184 -25.92 23.22 -17.16
CA TRP D 184 -26.77 24.36 -16.87
C TRP D 184 -25.91 25.60 -16.61
N LYS D 185 -26.53 26.76 -16.83
CA LYS D 185 -25.89 28.05 -16.59
C LYS D 185 -26.67 28.78 -15.51
N HIS D 186 -25.96 29.29 -14.51
CA HIS D 186 -26.58 29.96 -13.37
C HIS D 186 -26.12 31.40 -13.30
N TRP D 187 -27.09 32.30 -13.14
CA TRP D 187 -26.86 33.67 -12.70
C TRP D 187 -27.08 33.73 -11.20
N VAL D 188 -26.11 34.25 -10.46
CA VAL D 188 -26.26 34.46 -9.03
C VAL D 188 -26.01 35.93 -8.73
N TYR D 189 -26.93 36.54 -7.99
CA TYR D 189 -26.84 37.94 -7.59
C TYR D 189 -26.55 38.05 -6.10
N TYR D 190 -25.92 39.14 -5.71
CA TYR D 190 -25.61 39.43 -4.32
C TYR D 190 -26.21 40.77 -3.92
N THR D 191 -26.72 40.85 -2.69
CA THR D 191 -27.35 42.08 -2.23
C THR D 191 -26.37 43.23 -2.16
N CYS D 192 -25.08 42.93 -1.96
CA CYS D 192 -24.07 43.99 -1.92
C CYS D 192 -23.99 44.73 -3.26
N CYS D 193 -23.99 43.98 -4.36
CA CYS D 193 -23.96 44.55 -5.71
C CYS D 193 -25.06 43.90 -6.53
N PRO D 194 -26.20 44.55 -6.69
CA PRO D 194 -27.35 43.89 -7.34
C PRO D 194 -27.43 44.04 -8.85
N ASP D 195 -26.46 44.73 -9.47
CA ASP D 195 -26.46 44.90 -10.92
C ASP D 195 -25.26 44.22 -11.59
N THR D 196 -24.54 43.36 -10.86
CA THR D 196 -23.39 42.63 -11.40
C THR D 196 -23.65 41.15 -11.21
N PRO D 197 -24.34 40.50 -12.14
CA PRO D 197 -24.59 39.05 -12.01
C PRO D 197 -23.28 38.28 -12.11
N TYR D 198 -23.21 37.20 -11.35
CA TYR D 198 -22.08 36.27 -11.44
C TYR D 198 -22.55 35.02 -12.19
N LEU D 199 -21.86 34.70 -13.27
CA LEU D 199 -22.27 33.63 -14.16
C LEU D 199 -21.39 32.41 -13.95
N ASP D 200 -22.01 31.24 -13.98
CA ASP D 200 -21.23 30.00 -13.91
C ASP D 200 -21.97 28.91 -14.68
N ILE D 201 -21.26 27.83 -15.01
CA ILE D 201 -21.83 26.71 -15.73
C ILE D 201 -21.47 25.43 -15.00
N THR D 202 -22.47 24.64 -14.66
CA THR D 202 -22.26 23.35 -14.00
C THR D 202 -22.65 22.24 -14.97
N TYR D 203 -21.71 21.37 -15.25
CA TYR D 203 -21.96 20.17 -16.05
C TYR D 203 -22.09 18.99 -15.10
N HIS D 204 -23.22 18.29 -15.16
CA HIS D 204 -23.47 17.17 -14.27
C HIS D 204 -23.67 15.90 -15.06
N PHE D 205 -23.06 14.82 -14.56
CA PHE D 205 -23.12 13.49 -15.15
C PHE D 205 -23.73 12.54 -14.13
N ILE D 206 -24.58 11.64 -14.62
CA ILE D 206 -25.18 10.60 -13.80
C ILE D 206 -24.46 9.30 -14.14
N MET D 207 -23.71 8.77 -13.18
CA MET D 207 -22.89 7.58 -13.41
C MET D 207 -23.49 6.42 -12.63
N GLN D 208 -23.84 5.36 -13.33
CA GLN D 208 -24.38 4.15 -12.72
C GLN D 208 -23.24 3.13 -12.63
N ARG D 209 -22.94 2.69 -11.42
CA ARG D 209 -21.83 1.77 -11.22
C ARG D 209 -22.17 0.39 -11.75
N ILE D 210 -21.22 -0.23 -12.44
CA ILE D 210 -21.35 -1.64 -12.84
C ILE D 210 -20.96 -2.47 -11.62
N PRO D 211 -21.87 -3.26 -11.06
CA PRO D 211 -21.62 -3.90 -9.77
C PRO D 211 -21.00 -5.29 -9.85
N LEU D 212 -20.62 -5.77 -11.04
CA LEU D 212 -20.15 -7.15 -11.17
C LEU D 212 -18.91 -7.40 -10.34
N TYR D 213 -17.95 -6.46 -10.35
CA TYR D 213 -16.72 -6.65 -9.60
C TYR D 213 -16.99 -6.78 -8.11
N PHE D 214 -17.72 -5.82 -7.55
CA PHE D 214 -17.98 -5.85 -6.12
C PHE D 214 -18.89 -7.01 -5.74
N VAL D 215 -19.86 -7.35 -6.59
CA VAL D 215 -20.68 -8.52 -6.33
C VAL D 215 -19.81 -9.75 -6.20
N VAL D 216 -19.06 -10.08 -7.27
CA VAL D 216 -18.30 -11.32 -7.30
C VAL D 216 -17.16 -11.33 -6.29
N ASN D 217 -16.70 -10.16 -5.82
CA ASN D 217 -15.60 -10.14 -4.87
C ASN D 217 -16.04 -10.02 -3.41
N VAL D 218 -17.28 -9.59 -3.15
CA VAL D 218 -17.70 -9.40 -1.77
C VAL D 218 -18.96 -10.20 -1.46
N ILE D 219 -20.00 -10.03 -2.27
CA ILE D 219 -21.31 -10.55 -1.91
C ILE D 219 -21.33 -12.08 -1.99
N ILE D 220 -20.72 -12.64 -3.04
CA ILE D 220 -20.73 -14.10 -3.20
C ILE D 220 -20.06 -14.81 -2.03
N PRO D 221 -18.83 -14.45 -1.61
CA PRO D 221 -18.30 -15.10 -0.39
C PRO D 221 -19.15 -14.85 0.84
N CYS D 222 -19.75 -13.66 0.95
CA CYS D 222 -20.68 -13.41 2.04
C CYS D 222 -21.89 -14.33 1.95
N LEU D 223 -22.39 -14.56 0.74
CA LEU D 223 -23.49 -15.51 0.56
C LEU D 223 -23.08 -16.91 1.00
N LEU D 224 -21.87 -17.34 0.64
CA LEU D 224 -21.41 -18.66 1.03
C LEU D 224 -21.29 -18.78 2.54
N PHE D 225 -20.73 -17.76 3.19
CA PHE D 225 -20.58 -17.80 4.64
C PHE D 225 -21.93 -17.77 5.35
N SER D 226 -22.87 -16.95 4.85
CA SER D 226 -24.19 -16.89 5.47
C SER D 226 -24.99 -18.16 5.21
N PHE D 227 -24.70 -18.89 4.14
CA PHE D 227 -25.34 -20.18 3.93
C PHE D 227 -24.71 -21.25 4.83
N LEU D 228 -23.40 -21.19 5.02
CA LEU D 228 -22.72 -22.21 5.80
C LEU D 228 -22.95 -22.06 7.30
N THR D 229 -23.14 -20.82 7.78
CA THR D 229 -23.34 -20.63 9.21
C THR D 229 -24.62 -21.29 9.69
N GLY D 230 -25.63 -21.40 8.82
CA GLY D 230 -26.86 -22.08 9.14
C GLY D 230 -26.84 -23.57 8.90
N LEU D 231 -25.69 -24.12 8.51
CA LEU D 231 -25.56 -25.53 8.19
C LEU D 231 -25.04 -26.35 9.37
N VAL D 232 -24.46 -25.72 10.38
CA VAL D 232 -23.90 -26.44 11.51
C VAL D 232 -24.98 -27.16 12.32
N PHE D 233 -26.24 -26.74 12.16
CA PHE D 233 -27.31 -27.33 12.97
C PHE D 233 -27.74 -28.69 12.48
N TYR D 234 -27.49 -29.02 11.21
CA TYR D 234 -27.71 -30.39 10.76
C TYR D 234 -26.61 -31.32 11.24
N LEU D 235 -25.49 -30.78 11.68
CA LEU D 235 -24.40 -31.59 12.19
C LEU D 235 -24.74 -32.10 13.59
N PRO D 236 -24.66 -33.40 13.83
CA PRO D 236 -24.99 -33.94 15.16
C PRO D 236 -23.97 -33.49 16.20
N THR D 237 -24.45 -33.32 17.44
CA THR D 237 -23.59 -32.92 18.54
C THR D 237 -22.66 -34.03 18.98
N ASP D 238 -22.91 -35.28 18.58
CA ASP D 238 -22.04 -36.38 18.96
C ASP D 238 -20.64 -36.19 18.37
N SER D 239 -20.57 -35.77 17.11
CA SER D 239 -19.30 -35.36 16.53
C SER D 239 -18.79 -34.12 17.26
N GLY D 240 -17.48 -34.10 17.51
CA GLY D 240 -16.89 -33.00 18.25
C GLY D 240 -16.49 -31.84 17.36
N GLU D 241 -17.01 -31.82 16.14
CA GLU D 241 -16.61 -30.84 15.13
C GLU D 241 -17.62 -29.71 14.97
N LYS D 242 -18.66 -29.66 15.80
CA LYS D 242 -19.68 -28.63 15.68
C LYS D 242 -19.10 -27.25 15.96
N MET D 243 -18.44 -27.10 17.12
CA MET D 243 -17.84 -25.81 17.46
C MET D 243 -16.69 -25.49 16.53
N THR D 244 -15.92 -26.50 16.13
CA THR D 244 -14.85 -26.25 15.18
C THR D 244 -15.39 -25.68 13.87
N LEU D 245 -16.49 -26.27 13.38
CA LEU D 245 -17.11 -25.77 12.15
C LEU D 245 -17.59 -24.34 12.32
N SER D 246 -18.31 -24.07 13.42
CA SER D 246 -18.86 -22.73 13.62
C SER D 246 -17.76 -21.68 13.73
N ILE D 247 -16.76 -21.94 14.58
CA ILE D 247 -15.71 -20.94 14.80
C ILE D 247 -14.80 -20.83 13.59
N SER D 248 -14.66 -21.89 12.79
CA SER D 248 -13.88 -21.78 11.57
C SER D 248 -14.61 -20.96 10.52
N VAL D 249 -15.93 -21.10 10.45
CA VAL D 249 -16.71 -20.17 9.62
C VAL D 249 -16.52 -18.75 10.10
N LEU D 250 -16.49 -18.56 11.42
CA LEU D 250 -16.27 -17.23 11.97
C LEU D 250 -14.90 -16.67 11.58
N LEU D 251 -13.86 -17.50 11.64
CA LEU D 251 -12.52 -17.06 11.27
C LEU D 251 -12.44 -16.73 9.79
N SER D 252 -13.06 -17.56 8.94
CA SER D 252 -13.11 -17.26 7.52
C SER D 252 -13.83 -15.93 7.28
N LEU D 253 -14.90 -15.67 8.02
CA LEU D 253 -15.61 -14.41 7.88
C LEU D 253 -14.75 -13.23 8.35
N THR D 254 -13.92 -13.43 9.37
CA THR D 254 -13.03 -12.37 9.81
C THR D 254 -11.97 -12.07 8.75
N VAL D 255 -11.39 -13.11 8.15
CA VAL D 255 -10.42 -12.89 7.08
C VAL D 255 -11.09 -12.21 5.90
N PHE D 256 -12.33 -12.57 5.60
CA PHE D 256 -13.03 -11.90 4.52
C PHE D 256 -13.40 -10.47 4.88
N LEU D 257 -13.58 -10.18 6.17
CA LEU D 257 -13.73 -8.80 6.60
C LEU D 257 -12.46 -8.01 6.33
N LEU D 258 -11.31 -8.63 6.57
CA LEU D 258 -10.04 -8.04 6.14
C LEU D 258 -10.06 -7.76 4.64
N VAL D 259 -10.56 -8.72 3.85
CA VAL D 259 -10.64 -8.53 2.40
C VAL D 259 -11.50 -7.32 2.05
N ILE D 260 -12.70 -7.23 2.64
CA ILE D 260 -13.63 -6.17 2.26
C ILE D 260 -13.11 -4.82 2.71
N VAL D 261 -12.49 -4.75 3.89
CA VAL D 261 -11.91 -3.48 4.31
C VAL D 261 -10.74 -3.11 3.41
N GLU D 262 -10.08 -4.10 2.81
CA GLU D 262 -9.11 -3.81 1.77
C GLU D 262 -9.78 -3.26 0.51
N LEU D 263 -10.99 -3.73 0.20
CA LEU D 263 -11.65 -3.38 -1.06
C LEU D 263 -12.56 -2.17 -0.95
N ILE D 264 -13.55 -2.22 -0.05
CA ILE D 264 -14.64 -1.23 -0.04
C ILE D 264 -14.12 0.13 0.41
N PRO D 265 -14.76 1.23 0.01
CA PRO D 265 -14.29 2.56 0.42
C PRO D 265 -14.44 2.78 1.91
N SER D 266 -13.46 3.45 2.50
CA SER D 266 -13.45 3.75 3.93
C SER D 266 -14.03 5.14 4.15
N THR D 267 -15.37 5.20 4.11
CA THR D 267 -16.09 6.45 4.30
C THR D 267 -17.12 6.28 5.40
N SER D 268 -17.44 7.39 6.08
CA SER D 268 -18.33 7.37 7.23
C SER D 268 -19.60 8.20 7.02
N SER D 269 -19.85 8.66 5.79
CA SER D 269 -21.05 9.45 5.55
C SER D 269 -22.31 8.62 5.77
N ALA D 270 -22.31 7.38 5.31
CA ALA D 270 -23.43 6.47 5.50
C ALA D 270 -22.93 5.05 5.38
N VAL D 271 -23.75 4.10 5.85
CA VAL D 271 -23.38 2.69 5.84
C VAL D 271 -23.58 2.13 4.44
N PRO D 272 -22.55 1.60 3.79
CA PRO D 272 -22.76 0.97 2.49
C PRO D 272 -23.64 -0.26 2.61
N LEU D 273 -24.35 -0.57 1.52
CA LEU D 273 -25.29 -1.68 1.54
C LEU D 273 -24.56 -3.00 1.77
N ILE D 274 -23.40 -3.18 1.13
CA ILE D 274 -22.63 -4.40 1.37
C ILE D 274 -22.05 -4.40 2.78
N GLY D 275 -21.71 -3.22 3.32
CA GLY D 275 -21.32 -3.15 4.72
C GLY D 275 -22.44 -3.60 5.64
N LYS D 276 -23.67 -3.17 5.34
CA LYS D 276 -24.83 -3.62 6.11
C LYS D 276 -25.00 -5.13 6.00
N TYR D 277 -24.83 -5.69 4.80
CA TYR D 277 -24.97 -7.12 4.63
C TYR D 277 -23.87 -7.89 5.37
N MET D 278 -22.65 -7.35 5.36
CA MET D 278 -21.57 -7.99 6.10
C MET D 278 -21.82 -7.96 7.60
N LEU D 279 -22.35 -6.85 8.10
CA LEU D 279 -22.71 -6.79 9.52
C LEU D 279 -23.82 -7.79 9.83
N PHE D 280 -24.79 -7.92 8.93
CA PHE D 280 -25.83 -8.93 9.10
C PHE D 280 -25.24 -10.33 9.16
N THR D 281 -24.27 -10.62 8.30
CA THR D 281 -23.63 -11.93 8.30
C THR D 281 -22.86 -12.17 9.59
N MET D 282 -22.17 -11.14 10.09
CA MET D 282 -21.47 -11.26 11.37
C MET D 282 -22.44 -11.56 12.50
N ILE D 283 -23.56 -10.82 12.57
CA ILE D 283 -24.55 -11.07 13.61
C ILE D 283 -25.10 -12.48 13.47
N PHE D 284 -25.34 -12.92 12.24
CA PHE D 284 -25.85 -14.26 11.99
C PHE D 284 -24.89 -15.33 12.53
N VAL D 285 -23.61 -15.17 12.24
CA VAL D 285 -22.63 -16.17 12.68
C VAL D 285 -22.49 -16.15 14.20
N ILE D 286 -22.49 -14.96 14.80
CA ILE D 286 -22.38 -14.87 16.25
C ILE D 286 -23.56 -15.54 16.92
N SER D 287 -24.77 -15.28 16.42
CA SER D 287 -25.96 -15.89 16.98
C SER D 287 -25.94 -17.40 16.79
N SER D 288 -25.49 -17.87 15.63
CA SER D 288 -25.40 -19.30 15.39
C SER D 288 -24.44 -19.95 16.37
N ILE D 289 -23.30 -19.31 16.63
CA ILE D 289 -22.33 -19.89 17.55
C ILE D 289 -22.88 -19.92 18.98
N ILE D 290 -23.56 -18.85 19.39
CA ILE D 290 -24.14 -18.83 20.74
C ILE D 290 -25.19 -19.93 20.87
N ILE D 291 -26.04 -20.08 19.87
CA ILE D 291 -27.07 -21.11 19.89
C ILE D 291 -26.42 -22.50 19.89
N THR D 292 -25.33 -22.66 19.15
CA THR D 292 -24.62 -23.94 19.14
C THR D 292 -24.06 -24.27 20.52
N VAL D 293 -23.51 -23.27 21.21
CA VAL D 293 -23.01 -23.49 22.57
C VAL D 293 -24.16 -23.92 23.48
N VAL D 294 -25.31 -23.26 23.37
CA VAL D 294 -26.46 -23.64 24.18
C VAL D 294 -26.90 -25.07 23.88
N VAL D 295 -26.93 -25.43 22.59
CA VAL D 295 -27.37 -26.77 22.21
C VAL D 295 -26.39 -27.83 22.72
N ILE D 296 -25.09 -27.57 22.62
CA ILE D 296 -24.10 -28.53 23.12
C ILE D 296 -24.24 -28.70 24.63
N ASN D 297 -24.39 -27.59 25.36
CA ASN D 297 -24.57 -27.68 26.80
C ASN D 297 -25.83 -28.48 27.15
N THR D 298 -26.89 -28.29 26.37
CA THR D 298 -28.09 -29.11 26.57
C THR D 298 -27.81 -30.58 26.30
N HIS D 299 -27.05 -30.87 25.25
CA HIS D 299 -26.76 -32.25 24.89
C HIS D 299 -25.97 -32.95 25.99
N HIS D 300 -25.01 -32.25 26.60
CA HIS D 300 -24.17 -32.83 27.64
C HIS D 300 -24.74 -32.63 29.05
N ARG D 301 -26.05 -32.48 29.19
CA ARG D 301 -26.65 -32.33 30.51
C ARG D 301 -26.61 -33.65 31.27
N SER D 302 -26.14 -33.59 32.51
CA SER D 302 -26.07 -34.78 33.36
C SER D 302 -27.39 -34.93 34.11
N PRO D 303 -28.12 -36.03 33.93
CA PRO D 303 -29.40 -36.19 34.64
C PRO D 303 -29.25 -36.30 36.14
N SER D 304 -28.07 -36.69 36.64
CA SER D 304 -27.88 -36.80 38.09
C SER D 304 -28.05 -35.45 38.77
N THR D 305 -27.53 -34.38 38.16
CA THR D 305 -27.64 -33.05 38.73
C THR D 305 -28.88 -32.32 38.24
N HIS D 306 -29.24 -32.48 36.98
CA HIS D 306 -30.36 -31.76 36.37
C HIS D 306 -31.57 -32.67 36.23
N THR D 307 -32.71 -32.21 36.71
CA THR D 307 -34.00 -32.83 36.44
C THR D 307 -34.69 -32.03 35.35
N MET D 308 -35.01 -32.67 34.24
CA MET D 308 -35.56 -31.96 33.10
C MET D 308 -36.93 -31.38 33.46
N PRO D 309 -37.18 -30.09 33.19
CA PRO D 309 -38.48 -29.51 33.52
C PRO D 309 -39.61 -30.23 32.80
N GLN D 310 -40.74 -30.35 33.50
CA GLN D 310 -41.89 -31.05 32.93
C GLN D 310 -42.41 -30.32 31.69
N TRP D 311 -42.42 -28.99 31.72
CA TRP D 311 -42.94 -28.24 30.58
C TRP D 311 -42.08 -28.44 29.34
N VAL D 312 -40.75 -28.46 29.51
CA VAL D 312 -39.86 -28.68 28.37
C VAL D 312 -40.14 -30.04 27.74
N ARG D 313 -40.15 -31.08 28.57
CA ARG D 313 -40.42 -32.43 28.07
C ARG D 313 -41.75 -32.47 27.33
N LYS D 314 -42.80 -31.96 27.98
CA LYS D 314 -44.13 -31.98 27.37
C LYS D 314 -44.11 -31.29 26.01
N ILE D 315 -43.80 -29.99 25.99
CA ILE D 315 -43.95 -29.22 24.75
C ILE D 315 -43.07 -29.81 23.65
N PHE D 316 -41.77 -29.99 23.92
CA PHE D 316 -40.90 -30.48 22.86
C PHE D 316 -41.32 -31.87 22.42
N ILE D 317 -41.20 -32.87 23.31
CA ILE D 317 -41.33 -34.27 22.93
C ILE D 317 -42.72 -34.59 22.41
N ASP D 318 -43.75 -33.83 22.79
CA ASP D 318 -45.08 -34.11 22.29
C ASP D 318 -45.40 -33.33 21.03
N THR D 319 -45.31 -31.99 21.08
CA THR D 319 -45.72 -31.19 19.95
C THR D 319 -44.78 -31.35 18.77
N ILE D 320 -43.48 -31.13 18.97
CA ILE D 320 -42.58 -30.91 17.84
C ILE D 320 -42.45 -32.12 16.93
N PRO D 321 -42.19 -33.34 17.43
CA PRO D 321 -42.03 -34.48 16.50
C PRO D 321 -43.26 -34.75 15.66
N ASN D 322 -44.45 -34.52 16.19
CA ASN D 322 -45.67 -34.72 15.41
C ASN D 322 -45.78 -33.74 14.25
N VAL D 323 -45.11 -32.58 14.33
CA VAL D 323 -45.07 -31.65 13.22
C VAL D 323 -43.96 -31.99 12.22
N MET D 324 -43.03 -32.85 12.60
CA MET D 324 -41.96 -33.29 11.71
C MET D 324 -42.27 -34.69 11.17
N PHE D 325 -41.48 -35.11 10.18
CA PHE D 325 -41.77 -36.32 9.44
C PHE D 325 -40.58 -37.25 9.23
N PHE D 326 -39.37 -36.87 9.63
CA PHE D 326 -38.19 -37.67 9.34
C PHE D 326 -37.38 -38.03 10.59
N SER D 327 -37.89 -37.73 11.78
CA SER D 327 -37.21 -38.06 13.02
C SER D 327 -38.15 -38.83 13.93
N THR D 328 -37.58 -39.70 14.76
CA THR D 328 -38.36 -40.51 15.68
C THR D 328 -38.97 -39.66 16.78
N TYR D 381 -25.71 -56.81 43.35
CA TYR D 381 -25.05 -55.51 43.26
C TYR D 381 -24.81 -55.11 41.82
N ILE D 382 -24.32 -56.06 41.03
CA ILE D 382 -24.04 -55.79 39.62
C ILE D 382 -25.33 -55.44 38.88
N ALA D 383 -26.41 -56.19 39.15
CA ALA D 383 -27.67 -55.92 38.48
C ALA D 383 -28.22 -54.55 38.84
N GLU D 384 -28.14 -54.17 40.12
CA GLU D 384 -28.65 -52.86 40.54
C GLU D 384 -27.81 -51.73 39.95
N HIS D 385 -26.48 -51.92 39.91
CA HIS D 385 -25.62 -50.92 39.29
C HIS D 385 -25.94 -50.76 37.81
N MET D 386 -26.18 -51.88 37.12
CA MET D 386 -26.53 -51.82 35.70
C MET D 386 -27.88 -51.13 35.50
N LYS D 387 -28.84 -51.39 36.39
CA LYS D 387 -30.14 -50.72 36.28
C LYS D 387 -30.01 -49.22 36.49
N SER D 388 -29.21 -48.81 37.48
CA SER D 388 -28.97 -47.39 37.70
C SER D 388 -28.32 -46.75 36.47
N ASP D 389 -27.32 -47.43 35.90
CA ASP D 389 -26.67 -46.93 34.70
C ASP D 389 -27.65 -46.81 33.55
N GLU D 390 -28.53 -47.80 33.39
CA GLU D 390 -29.52 -47.77 32.32
C GLU D 390 -30.50 -46.61 32.50
N GLU D 391 -30.96 -46.38 33.73
CA GLU D 391 -31.88 -45.26 33.96
C GLU D 391 -31.21 -43.92 33.69
N SER D 392 -29.97 -43.75 34.16
CA SER D 392 -29.24 -42.51 33.89
C SER D 392 -29.02 -42.32 32.40
N SER D 393 -28.69 -43.40 31.69
CA SER D 393 -28.49 -43.32 30.25
C SER D 393 -29.78 -42.97 29.53
N ASN D 394 -30.91 -43.50 29.99
CA ASN D 394 -32.20 -43.17 29.38
C ASN D 394 -32.53 -41.70 29.57
N ALA D 395 -32.29 -41.16 30.78
CA ALA D 395 -32.55 -39.74 31.00
C ALA D 395 -31.62 -38.87 30.15
N ALA D 396 -30.34 -39.25 30.07
CA ALA D 396 -29.42 -38.51 29.21
C ALA D 396 -29.83 -38.61 27.74
N GLU D 397 -30.39 -39.74 27.34
CA GLU D 397 -30.88 -39.89 25.98
C GLU D 397 -32.08 -38.98 25.73
N GLU D 398 -32.93 -38.81 26.73
CA GLU D 398 -34.02 -37.84 26.60
C GLU D 398 -33.46 -36.42 26.43
N TRP D 399 -32.42 -36.09 27.20
CA TRP D 399 -31.76 -34.79 27.01
C TRP D 399 -31.23 -34.65 25.59
N LYS D 400 -30.59 -35.70 25.08
CA LYS D 400 -30.06 -35.67 23.72
C LYS D 400 -31.17 -35.52 22.68
N TYR D 401 -32.30 -36.17 22.92
CA TYR D 401 -33.44 -36.04 22.01
C TYR D 401 -33.96 -34.60 21.99
N VAL D 402 -34.06 -33.97 23.16
CA VAL D 402 -34.46 -32.57 23.21
C VAL D 402 -33.47 -31.71 22.46
N ALA D 403 -32.17 -31.99 22.63
CA ALA D 403 -31.15 -31.24 21.91
C ALA D 403 -31.31 -31.39 20.40
N MET D 404 -31.57 -32.61 19.94
CA MET D 404 -31.75 -32.84 18.51
C MET D 404 -32.98 -32.10 17.98
N VAL D 405 -34.07 -32.12 18.74
CA VAL D 405 -35.29 -31.45 18.30
C VAL D 405 -35.07 -29.94 18.19
N ILE D 406 -34.48 -29.34 19.21
CA ILE D 406 -34.23 -27.91 19.16
C ILE D 406 -33.22 -27.60 18.05
N ASP D 407 -32.28 -28.51 17.81
CA ASP D 407 -31.30 -28.32 16.74
C ASP D 407 -31.98 -28.27 15.38
N HIS D 408 -32.92 -29.17 15.13
CA HIS D 408 -33.64 -29.16 13.86
C HIS D 408 -34.51 -27.92 13.72
N ILE D 409 -35.18 -27.52 14.81
CA ILE D 409 -35.99 -26.30 14.77
C ILE D 409 -35.12 -25.10 14.40
N LEU D 410 -33.95 -25.00 15.04
CA LEU D 410 -33.06 -23.88 14.78
C LEU D 410 -32.47 -23.96 13.37
N LEU D 411 -32.21 -25.16 12.86
CA LEU D 411 -31.76 -25.30 11.48
C LEU D 411 -32.78 -24.73 10.51
N CYS D 412 -34.05 -25.12 10.67
CA CYS D 412 -35.09 -24.63 9.79
C CYS D 412 -35.23 -23.11 9.89
N VAL D 413 -35.28 -22.59 11.12
CA VAL D 413 -35.47 -21.15 11.27
C VAL D 413 -34.28 -20.37 10.76
N PHE D 414 -33.07 -20.92 10.88
CA PHE D 414 -31.89 -20.19 10.42
C PHE D 414 -31.78 -20.22 8.90
N MET D 415 -32.16 -21.32 8.26
CA MET D 415 -32.21 -21.31 6.80
C MET D 415 -33.24 -20.29 6.31
N LEU D 416 -34.42 -20.26 6.95
CA LEU D 416 -35.42 -19.27 6.57
C LEU D 416 -34.92 -17.85 6.78
N ILE D 417 -34.26 -17.59 7.91
CA ILE D 417 -33.81 -16.23 8.19
C ILE D 417 -32.66 -15.84 7.27
N CYS D 418 -31.82 -16.81 6.87
CA CYS D 418 -30.79 -16.51 5.88
C CYS D 418 -31.40 -16.11 4.56
N ILE D 419 -32.42 -16.84 4.11
CA ILE D 419 -33.09 -16.49 2.85
C ILE D 419 -33.70 -15.10 2.96
N ILE D 420 -34.40 -14.83 4.06
CA ILE D 420 -35.07 -13.54 4.23
C ILE D 420 -34.05 -12.41 4.26
N GLY D 421 -32.98 -12.56 5.05
CA GLY D 421 -31.97 -11.53 5.15
C GLY D 421 -31.27 -11.25 3.84
N THR D 422 -30.93 -12.31 3.10
CA THR D 422 -30.34 -12.11 1.78
C THR D 422 -31.31 -11.37 0.85
N VAL D 423 -32.58 -11.75 0.86
CA VAL D 423 -33.56 -11.08 0.01
C VAL D 423 -33.79 -9.65 0.48
N SER D 424 -34.00 -9.47 1.79
CA SER D 424 -34.45 -8.17 2.29
C SER D 424 -33.43 -7.07 2.05
N VAL D 425 -32.14 -7.37 2.25
CA VAL D 425 -31.11 -6.33 2.17
C VAL D 425 -30.96 -5.84 0.73
N PHE D 426 -30.98 -6.75 -0.23
CA PHE D 426 -30.65 -6.40 -1.61
C PHE D 426 -31.85 -6.10 -2.49
N ALA D 427 -32.99 -6.76 -2.27
CA ALA D 427 -34.13 -6.59 -3.17
C ALA D 427 -34.70 -5.18 -3.15
N GLY D 428 -34.40 -4.40 -2.12
CA GLY D 428 -34.89 -3.03 -2.09
C GLY D 428 -34.35 -2.19 -3.22
N ARG D 429 -33.04 -2.28 -3.46
CA ARG D 429 -32.40 -1.53 -4.53
C ARG D 429 -32.40 -2.27 -5.86
N LEU D 430 -32.50 -3.60 -5.84
CA LEU D 430 -32.49 -4.37 -7.08
C LEU D 430 -33.74 -4.20 -7.91
N ILE D 431 -34.78 -3.57 -7.37
CA ILE D 431 -36.00 -3.30 -8.13
C ILE D 431 -35.74 -2.03 -8.93
N GLU D 432 -35.52 -2.18 -10.23
CA GLU D 432 -35.22 -1.05 -11.10
C GLU D 432 -35.91 -1.20 -12.45
N ASN E 2 34.32 28.75 -37.06
CA ASN E 2 33.29 27.75 -37.35
C ASN E 2 32.22 28.34 -38.26
N GLU E 3 32.02 27.71 -39.43
CA GLU E 3 31.04 28.20 -40.39
C GLU E 3 29.62 27.93 -39.92
N GLU E 4 29.42 26.92 -39.08
CA GLU E 4 28.10 26.66 -38.53
C GLU E 4 27.57 27.89 -37.78
N GLY E 5 28.46 28.71 -37.23
CA GLY E 5 28.07 29.94 -36.58
C GLY E 5 27.28 30.86 -37.49
N ARG E 6 27.91 31.31 -38.57
CA ARG E 6 27.22 32.21 -39.48
C ARG E 6 26.08 31.51 -40.21
N LEU E 7 26.19 30.21 -40.43
CA LEU E 7 25.08 29.49 -41.05
C LEU E 7 23.83 29.52 -40.17
N ILE E 8 24.00 29.24 -38.87
CA ILE E 8 22.88 29.30 -37.95
C ILE E 8 22.35 30.72 -37.83
N GLU E 9 23.25 31.70 -37.72
CA GLU E 9 22.81 33.09 -37.60
C GLU E 9 22.00 33.52 -38.81
N LYS E 10 22.40 33.07 -40.01
CA LYS E 10 21.63 33.38 -41.21
C LYS E 10 20.30 32.65 -41.23
N LEU E 11 20.28 31.39 -40.79
CA LEU E 11 19.05 30.60 -40.88
C LEU E 11 17.97 31.15 -39.96
N LEU E 12 18.31 31.44 -38.72
CA LEU E 12 17.33 31.84 -37.72
C LEU E 12 17.18 33.35 -37.59
N GLY E 13 17.81 34.12 -38.48
CA GLY E 13 17.68 35.57 -38.42
C GLY E 13 16.26 36.04 -38.69
N ASP E 14 15.60 35.44 -39.67
CA ASP E 14 14.22 35.78 -40.03
C ASP E 14 13.32 34.56 -39.89
N TYR E 15 13.46 33.83 -38.80
CA TYR E 15 12.73 32.60 -38.55
C TYR E 15 11.73 32.82 -37.43
N ASP E 16 10.47 32.48 -37.69
CA ASP E 16 9.40 32.57 -36.70
C ASP E 16 8.90 31.16 -36.44
N LYS E 17 9.12 30.68 -35.21
CA LYS E 17 8.75 29.31 -34.85
C LYS E 17 7.25 29.13 -34.69
N ARG E 18 6.46 30.21 -34.74
CA ARG E 18 5.02 30.13 -34.60
C ARG E 18 4.29 29.98 -35.93
N ILE E 19 5.02 29.92 -37.04
CA ILE E 19 4.44 29.85 -38.38
C ILE E 19 4.71 28.47 -38.94
N ILE E 20 3.65 27.76 -39.33
CA ILE E 20 3.83 26.48 -40.02
C ILE E 20 4.45 26.74 -41.40
N PRO E 21 5.49 26.01 -41.79
CA PRO E 21 6.12 26.26 -43.09
C PRO E 21 5.20 25.83 -44.23
N ALA E 22 4.92 26.76 -45.13
CA ALA E 22 4.06 26.48 -46.28
C ALA E 22 4.47 27.43 -47.39
N LYS E 23 5.00 26.87 -48.49
CA LYS E 23 5.47 27.72 -49.58
C LYS E 23 4.35 28.57 -50.16
N THR E 24 3.11 28.12 -50.05
CA THR E 24 1.98 28.89 -50.55
C THR E 24 0.72 28.41 -49.83
N LEU E 25 -0.38 29.10 -50.09
CA LEU E 25 -1.68 28.65 -49.58
C LEU E 25 -2.03 27.30 -50.18
N ASP E 26 -2.72 26.48 -49.40
CA ASP E 26 -3.08 25.12 -49.78
C ASP E 26 -1.83 24.29 -50.08
N HIS E 27 -0.97 24.18 -49.07
CA HIS E 27 0.24 23.37 -49.13
C HIS E 27 0.28 22.50 -47.89
N ILE E 28 -0.07 21.23 -48.05
CA ILE E 28 -0.10 20.27 -46.95
C ILE E 28 1.28 19.66 -46.81
N ILE E 29 1.93 19.91 -45.67
CA ILE E 29 3.27 19.42 -45.43
C ILE E 29 3.20 18.03 -44.81
N ASP E 30 3.93 17.09 -45.39
CA ASP E 30 3.94 15.72 -44.91
C ASP E 30 4.78 15.61 -43.65
N VAL E 31 4.29 14.83 -42.69
CA VAL E 31 4.99 14.57 -41.43
C VAL E 31 5.01 13.05 -41.26
N THR E 32 6.19 12.45 -41.41
CA THR E 32 6.33 11.00 -41.37
C THR E 32 6.83 10.58 -39.99
N LEU E 33 6.17 9.59 -39.42
CA LEU E 33 6.47 9.12 -38.07
C LEU E 33 7.00 7.69 -38.11
N LYS E 34 7.85 7.38 -37.13
CA LYS E 34 8.38 6.02 -36.97
C LYS E 34 8.68 5.82 -35.50
N LEU E 35 7.91 4.97 -34.84
CA LEU E 35 8.20 4.69 -33.44
C LEU E 35 9.33 3.67 -33.33
N THR E 36 10.00 3.68 -32.18
CA THR E 36 11.03 2.68 -31.88
C THR E 36 10.93 2.37 -30.39
N LEU E 37 10.30 1.26 -30.05
CA LEU E 37 10.20 0.86 -28.65
C LEU E 37 11.58 0.48 -28.12
N THR E 38 11.95 1.06 -26.99
CA THR E 38 13.22 0.74 -26.34
C THR E 38 13.03 -0.20 -25.15
N ASN E 39 12.09 0.12 -24.26
CA ASN E 39 11.80 -0.72 -23.11
C ASN E 39 10.32 -0.63 -22.81
N LEU E 40 9.61 -1.75 -22.94
CA LEU E 40 8.24 -1.83 -22.46
C LEU E 40 8.29 -1.87 -20.95
N ILE E 41 8.07 -0.72 -20.30
CA ILE E 41 8.31 -0.62 -18.86
C ILE E 41 7.32 -1.47 -18.09
N SER E 42 6.03 -1.16 -18.19
CA SER E 42 5.09 -1.91 -17.35
C SER E 42 3.67 -1.64 -17.80
N LEU E 43 2.85 -2.68 -17.82
CA LEU E 43 1.40 -2.55 -17.98
C LEU E 43 0.77 -2.69 -16.60
N ASN E 44 0.34 -1.56 -16.03
CA ASN E 44 -0.31 -1.55 -14.73
C ASN E 44 -1.81 -1.74 -14.94
N GLU E 45 -2.31 -2.93 -14.64
CA GLU E 45 -3.72 -3.23 -14.84
C GLU E 45 -4.61 -2.61 -13.78
N LYS E 46 -4.04 -2.22 -12.63
CA LYS E 46 -4.85 -1.60 -11.58
C LYS E 46 -5.44 -0.27 -12.06
N GLU E 47 -4.64 0.54 -12.73
CA GLU E 47 -5.11 1.79 -13.33
C GLU E 47 -5.15 1.73 -14.85
N GLU E 48 -4.98 0.55 -15.43
CA GLU E 48 -5.12 0.34 -16.86
C GLU E 48 -4.22 1.29 -17.67
N ALA E 49 -2.97 1.39 -17.23
CA ALA E 49 -1.99 2.25 -17.87
C ALA E 49 -0.87 1.40 -18.47
N LEU E 50 -0.21 1.93 -19.48
CA LEU E 50 0.91 1.27 -20.15
C LEU E 50 2.06 2.25 -20.21
N THR E 51 3.08 2.03 -19.38
CA THR E 51 4.28 2.85 -19.37
C THR E 51 5.29 2.24 -20.31
N THR E 52 5.67 2.99 -21.34
CA THR E 52 6.63 2.57 -22.34
C THR E 52 7.66 3.67 -22.57
N ASN E 53 8.83 3.26 -23.04
CA ASN E 53 9.90 4.16 -23.45
C ASN E 53 10.07 4.02 -24.96
N VAL E 54 9.91 5.12 -25.70
CA VAL E 54 9.93 5.06 -27.15
C VAL E 54 10.75 6.21 -27.70
N TRP E 55 11.56 5.92 -28.71
CA TRP E 55 12.24 6.94 -29.50
C TRP E 55 11.37 7.17 -30.73
N ILE E 56 10.78 8.35 -30.83
CA ILE E 56 9.85 8.63 -31.93
C ILE E 56 10.57 9.49 -32.95
N GLU E 57 10.69 8.99 -34.17
CA GLU E 57 11.33 9.70 -35.27
C GLU E 57 10.26 10.44 -36.05
N ILE E 58 10.43 11.76 -36.17
CA ILE E 58 9.50 12.61 -36.90
C ILE E 58 10.30 13.33 -37.98
N GLN E 59 9.94 13.10 -39.23
CA GLN E 59 10.62 13.74 -40.36
C GLN E 59 9.63 14.64 -41.09
N TRP E 60 10.06 15.85 -41.38
CA TRP E 60 9.24 16.78 -42.15
C TRP E 60 10.17 17.64 -43.01
N ASN E 61 9.62 18.70 -43.60
CA ASN E 61 10.38 19.54 -44.53
C ASN E 61 10.00 20.99 -44.29
N ASP E 62 10.87 21.74 -43.61
CA ASP E 62 10.71 23.17 -43.39
C ASP E 62 11.54 23.90 -44.44
N TYR E 63 10.87 24.49 -45.43
CA TYR E 63 11.57 25.11 -46.55
C TYR E 63 12.39 26.32 -46.11
N ARG E 64 12.07 26.94 -44.97
CA ARG E 64 12.79 28.13 -44.56
C ARG E 64 14.25 27.84 -44.25
N LEU E 65 14.55 26.66 -43.71
CA LEU E 65 15.91 26.33 -43.28
C LEU E 65 16.58 25.49 -44.37
N SER E 66 17.11 26.20 -45.37
CA SER E 66 17.87 25.59 -46.45
C SER E 66 18.92 26.58 -46.90
N TRP E 67 20.03 26.05 -47.45
CA TRP E 67 21.15 26.89 -47.82
C TRP E 67 21.88 26.27 -49.00
N ASN E 68 22.56 27.11 -49.77
CA ASN E 68 23.43 26.63 -50.84
C ASN E 68 24.74 26.16 -50.22
N THR E 69 24.96 24.85 -50.22
CA THR E 69 26.10 24.29 -49.52
C THR E 69 27.43 24.70 -50.13
N SER E 70 27.44 25.15 -51.38
CA SER E 70 28.68 25.57 -52.01
C SER E 70 29.21 26.88 -51.41
N GLU E 71 28.31 27.78 -51.02
CA GLU E 71 28.74 29.04 -50.43
C GLU E 71 29.52 28.80 -49.13
N TYR E 72 29.03 27.89 -48.30
CA TYR E 72 29.71 27.51 -47.08
C TYR E 72 30.72 26.41 -47.36
N GLU E 73 31.51 26.06 -46.35
CA GLU E 73 32.58 25.09 -46.53
C GLU E 73 32.07 23.65 -46.51
N GLY E 74 31.12 23.33 -47.39
CA GLY E 74 30.66 21.98 -47.54
C GLY E 74 29.78 21.45 -46.42
N ILE E 75 29.37 22.31 -45.49
CA ILE E 75 28.48 21.87 -44.41
C ILE E 75 27.09 21.65 -44.97
N ASP E 76 26.52 20.47 -44.69
CA ASP E 76 25.20 20.14 -45.22
C ASP E 76 24.30 19.48 -44.18
N LEU E 77 24.73 19.40 -42.92
CA LEU E 77 23.91 18.81 -41.86
C LEU E 77 24.18 19.59 -40.58
N VAL E 78 23.16 20.24 -40.05
CA VAL E 78 23.34 21.14 -38.91
C VAL E 78 22.35 20.75 -37.82
N ARG E 79 22.85 20.67 -36.59
CA ARG E 79 22.02 20.33 -35.44
C ARG E 79 21.57 21.61 -34.76
N ILE E 80 20.25 21.76 -34.61
CA ILE E 80 19.68 22.95 -33.99
C ILE E 80 18.76 22.52 -32.84
N PRO E 81 18.85 23.16 -31.68
CA PRO E 81 17.93 22.80 -30.58
C PRO E 81 16.48 23.00 -31.00
N SER E 82 15.63 22.06 -30.60
CA SER E 82 14.24 22.08 -31.04
C SER E 82 13.45 23.24 -30.46
N GLU E 83 13.95 23.86 -29.39
CA GLU E 83 13.23 24.99 -28.80
C GLU E 83 13.21 26.22 -29.70
N LEU E 84 14.08 26.27 -30.70
CA LEU E 84 14.17 27.42 -31.60
C LEU E 84 13.46 27.21 -32.92
N LEU E 85 12.88 26.05 -33.16
CA LEU E 85 12.33 25.72 -34.46
C LEU E 85 10.85 25.36 -34.37
N TRP E 86 10.17 25.50 -35.49
CA TRP E 86 8.78 25.07 -35.59
C TRP E 86 8.70 23.55 -35.54
N LEU E 87 7.72 23.04 -34.79
CA LEU E 87 7.53 21.62 -34.60
C LEU E 87 6.12 21.23 -35.02
N PRO E 88 5.94 20.00 -35.52
CA PRO E 88 4.60 19.55 -35.92
C PRO E 88 3.66 19.34 -34.74
N ASP E 89 4.16 19.36 -33.50
CA ASP E 89 3.34 19.19 -32.31
C ASP E 89 2.58 17.86 -32.34
N VAL E 90 3.27 16.79 -32.71
CA VAL E 90 2.70 15.46 -32.69
C VAL E 90 2.74 14.93 -31.26
N VAL E 91 1.57 14.65 -30.69
CA VAL E 91 1.46 14.24 -29.30
C VAL E 91 0.65 12.95 -29.21
N LEU E 92 0.82 12.27 -28.08
CA LEU E 92 0.07 11.06 -27.78
C LEU E 92 -1.29 11.47 -27.21
N GLU E 93 -2.36 11.21 -27.97
CA GLU E 93 -3.68 11.67 -27.55
C GLU E 93 -4.21 10.86 -26.37
N ASN E 94 -3.98 9.54 -26.38
CA ASN E 94 -4.61 8.65 -25.39
C ASN E 94 -3.66 8.39 -24.22
N ASN E 95 -3.36 9.46 -23.48
CA ASN E 95 -2.52 9.38 -22.29
C ASN E 95 -3.39 9.48 -21.04
N VAL E 96 -3.07 8.66 -20.04
CA VAL E 96 -3.84 8.67 -18.80
C VAL E 96 -3.57 9.96 -18.02
N ASP E 97 -2.31 10.37 -17.93
CA ASP E 97 -1.94 11.61 -17.27
C ASP E 97 -1.71 12.71 -18.29
N GLY E 98 -1.66 13.94 -17.81
CA GLY E 98 -1.52 15.09 -18.69
C GLY E 98 -0.12 15.25 -19.26
N GLN E 99 0.37 14.23 -19.96
CA GLN E 99 1.70 14.26 -20.58
C GLN E 99 1.53 13.96 -22.06
N PHE E 100 1.54 15.01 -22.89
CA PHE E 100 1.38 14.87 -24.34
C PHE E 100 2.71 14.91 -25.08
N GLU E 101 3.55 15.89 -24.78
CA GLU E 101 4.78 16.12 -25.54
C GLU E 101 5.85 15.11 -25.14
N VAL E 102 6.96 15.15 -25.88
CA VAL E 102 8.09 14.25 -25.67
C VAL E 102 8.85 14.67 -24.42
N ALA E 103 9.75 13.81 -23.95
CA ALA E 103 10.37 13.98 -22.65
C ALA E 103 11.78 14.55 -22.70
N TYR E 104 12.37 14.73 -23.88
CA TYR E 104 13.73 15.25 -23.87
C TYR E 104 13.92 16.50 -24.72
N TYR E 105 13.22 16.61 -25.85
CA TYR E 105 13.39 17.74 -26.78
C TYR E 105 14.83 17.81 -27.29
N ALA E 106 15.26 16.74 -27.94
CA ALA E 106 16.59 16.68 -28.50
C ALA E 106 16.74 17.68 -29.65
N ASN E 107 17.97 17.82 -30.13
CA ASN E 107 18.20 18.66 -31.29
C ASN E 107 17.59 18.03 -32.54
N VAL E 108 17.36 18.85 -33.55
CA VAL E 108 16.90 18.38 -34.85
C VAL E 108 18.06 18.50 -35.82
N LEU E 109 18.05 17.65 -36.83
CA LEU E 109 19.11 17.57 -37.83
C LEU E 109 18.59 18.17 -39.13
N VAL E 110 18.76 19.48 -39.29
CA VAL E 110 18.35 20.12 -40.53
C VAL E 110 19.35 19.76 -41.62
N TYR E 111 18.84 19.39 -42.79
CA TYR E 111 19.69 18.98 -43.89
C TYR E 111 19.78 20.08 -44.94
N ASN E 112 20.52 19.79 -46.00
CA ASN E 112 20.76 20.78 -47.05
C ASN E 112 19.47 21.19 -47.74
N ASP E 113 18.60 20.23 -48.04
CA ASP E 113 17.37 20.51 -48.77
C ASP E 113 16.27 21.09 -47.88
N GLY E 114 16.49 21.16 -46.57
CA GLY E 114 15.46 21.62 -45.66
C GLY E 114 14.77 20.53 -44.88
N SER E 115 15.07 19.27 -45.16
CA SER E 115 14.46 18.17 -44.43
C SER E 115 14.91 18.15 -42.98
N MET E 116 14.03 17.65 -42.12
CA MET E 116 14.24 17.64 -40.67
C MET E 116 13.89 16.26 -40.13
N TYR E 117 14.71 15.81 -39.18
CA TYR E 117 14.77 14.41 -38.75
C TYR E 117 14.75 14.34 -37.22
N TRP E 118 13.80 15.04 -36.62
CA TRP E 118 13.75 15.11 -35.16
C TRP E 118 13.60 13.71 -34.58
N LEU E 119 14.32 13.45 -33.48
CA LEU E 119 14.34 12.14 -32.85
C LEU E 119 14.27 12.29 -31.33
N PRO E 120 13.11 12.64 -30.81
CA PRO E 120 12.98 12.75 -29.35
C PRO E 120 12.69 11.40 -28.72
N PRO E 121 13.41 11.07 -27.65
CA PRO E 121 12.96 10.00 -26.76
C PRO E 121 11.83 10.50 -25.87
N ALA E 122 10.97 9.57 -25.46
CA ALA E 122 9.81 9.92 -24.66
C ALA E 122 9.41 8.74 -23.80
N ILE E 123 8.71 9.06 -22.71
CA ILE E 123 8.17 8.07 -21.79
C ILE E 123 6.67 8.31 -21.73
N TYR E 124 5.88 7.32 -22.15
CA TYR E 124 4.45 7.49 -22.33
C TYR E 124 3.68 6.55 -21.43
N ARG E 125 2.72 7.10 -20.68
CA ARG E 125 1.72 6.31 -19.96
C ARG E 125 0.45 6.38 -20.78
N SER E 126 0.32 5.46 -21.73
CA SER E 126 -0.86 5.43 -22.59
C SER E 126 -1.98 4.63 -21.93
N THR E 127 -3.21 4.90 -22.34
CA THR E 127 -4.34 4.16 -21.81
C THR E 127 -4.38 2.77 -22.43
N CYS E 128 -4.88 1.80 -21.64
CA CYS E 128 -4.92 0.40 -22.06
C CYS E 128 -6.09 -0.28 -21.39
N PRO E 129 -7.24 -0.32 -22.06
CA PRO E 129 -8.38 -1.08 -21.52
C PRO E 129 -8.04 -2.56 -21.43
N ILE E 130 -8.25 -3.13 -20.25
CA ILE E 130 -7.84 -4.49 -19.96
C ILE E 130 -9.00 -5.43 -20.24
N ALA E 131 -8.73 -6.51 -20.96
CA ALA E 131 -9.69 -7.60 -21.15
C ALA E 131 -9.40 -8.65 -20.09
N VAL E 132 -10.18 -8.63 -19.01
CA VAL E 132 -9.88 -9.43 -17.82
C VAL E 132 -10.57 -10.79 -17.90
N THR E 133 -11.19 -11.10 -19.03
CA THR E 133 -11.96 -12.34 -19.12
C THR E 133 -11.09 -13.59 -19.10
N TYR E 134 -9.77 -13.47 -19.24
CA TYR E 134 -8.88 -14.63 -19.18
C TYR E 134 -7.70 -14.39 -18.25
N PHE E 135 -7.80 -13.44 -17.33
CA PHE E 135 -6.70 -13.17 -16.42
C PHE E 135 -6.44 -14.40 -15.55
N PRO E 136 -5.17 -14.76 -15.31
CA PRO E 136 -3.95 -14.10 -15.80
C PRO E 136 -3.42 -14.67 -17.12
N PHE E 137 -4.13 -15.60 -17.73
CA PHE E 137 -3.72 -16.16 -19.02
C PHE E 137 -4.28 -15.33 -20.17
N ASP E 138 -4.04 -14.02 -20.13
CA ASP E 138 -4.66 -13.10 -21.05
C ASP E 138 -3.61 -12.44 -21.94
N TRP E 139 -4.08 -11.89 -23.05
CA TRP E 139 -3.27 -11.07 -23.94
C TRP E 139 -3.97 -9.73 -24.13
N GLN E 140 -3.21 -8.65 -23.97
CA GLN E 140 -3.73 -7.31 -24.06
C GLN E 140 -3.40 -6.69 -25.41
N ASN E 141 -4.40 -6.02 -25.97
CA ASN E 141 -4.30 -5.33 -27.26
C ASN E 141 -4.63 -3.87 -27.01
N CYS E 142 -3.60 -3.06 -26.72
CA CYS E 142 -3.77 -1.62 -26.63
C CYS E 142 -2.71 -0.92 -27.45
N SER E 143 -2.91 0.37 -27.66
CA SER E 143 -2.23 1.09 -28.72
C SER E 143 -1.83 2.48 -28.25
N LEU E 144 -0.90 3.07 -28.98
CA LEU E 144 -0.51 4.46 -28.83
C LEU E 144 -1.02 5.22 -30.04
N VAL E 145 -1.79 6.28 -29.79
CA VAL E 145 -2.41 7.09 -30.84
C VAL E 145 -1.71 8.44 -30.86
N PHE E 146 -0.99 8.70 -31.94
CA PHE E 146 -0.29 9.96 -32.14
C PHE E 146 -1.05 10.83 -33.13
N ARG E 147 -1.22 12.10 -32.78
CA ARG E 147 -1.93 13.02 -33.65
C ARG E 147 -1.39 14.43 -33.43
N SER E 148 -1.64 15.30 -34.40
CA SER E 148 -1.23 16.68 -34.29
C SER E 148 -2.19 17.41 -33.37
N GLN E 149 -1.66 17.96 -32.26
CA GLN E 149 -2.51 18.59 -31.27
C GLN E 149 -3.12 19.90 -31.78
N THR E 150 -2.50 20.54 -32.76
CA THR E 150 -2.95 21.85 -33.23
C THR E 150 -3.42 21.82 -34.68
N TYR E 151 -2.61 21.30 -35.60
CA TYR E 151 -2.93 21.37 -37.02
C TYR E 151 -3.84 20.23 -37.43
N ASN E 152 -4.61 20.46 -38.49
CA ASN E 152 -5.58 19.50 -39.00
C ASN E 152 -5.09 18.93 -40.33
N ALA E 153 -5.95 18.12 -40.96
CA ALA E 153 -5.59 17.45 -42.20
C ALA E 153 -5.45 18.40 -43.38
N HIS E 154 -5.86 19.66 -43.25
CA HIS E 154 -5.65 20.65 -44.30
C HIS E 154 -4.31 21.35 -44.17
N GLU E 155 -3.59 21.16 -43.07
CA GLU E 155 -2.30 21.81 -42.85
C GLU E 155 -1.14 20.82 -42.79
N VAL E 156 -1.30 19.72 -42.06
CA VAL E 156 -0.26 18.69 -41.99
C VAL E 156 -0.79 17.40 -42.59
N ASN E 157 0.06 16.40 -42.69
CA ASN E 157 -0.33 15.10 -43.25
C ASN E 157 0.47 14.02 -42.51
N LEU E 158 -0.14 13.45 -41.48
CA LEU E 158 0.50 12.36 -40.75
C LEU E 158 0.52 11.10 -41.61
N GLN E 159 1.64 10.40 -41.58
CA GLN E 159 1.77 9.16 -42.33
C GLN E 159 2.97 8.38 -41.79
N LEU E 160 2.96 7.08 -42.06
CA LEU E 160 4.06 6.23 -41.64
C LEU E 160 5.25 6.41 -42.57
N SER E 161 6.44 6.27 -42.00
CA SER E 161 7.66 6.49 -42.77
C SER E 161 7.89 5.37 -43.78
N ALA E 162 8.87 5.59 -44.64
CA ALA E 162 9.28 4.59 -45.63
C ALA E 162 10.79 4.57 -45.70
N GLU E 163 11.38 3.40 -45.48
CA GLU E 163 12.84 3.28 -45.43
C GLU E 163 13.43 2.92 -46.79
N GLU E 164 13.02 1.79 -47.36
CA GLU E 164 13.58 1.29 -48.61
C GLU E 164 12.49 1.13 -49.67
N GLY E 165 11.62 2.13 -49.79
CA GLY E 165 10.56 2.11 -50.76
C GLY E 165 9.25 1.50 -50.28
N GLU E 166 9.23 0.89 -49.10
CA GLU E 166 8.02 0.38 -48.50
C GLU E 166 7.82 1.02 -47.14
N ALA E 167 6.56 1.26 -46.79
CA ALA E 167 6.25 1.89 -45.52
C ALA E 167 6.58 0.97 -44.36
N VAL E 168 7.07 1.55 -43.28
CA VAL E 168 7.36 0.81 -42.05
C VAL E 168 6.08 0.85 -41.20
N GLU E 169 5.33 -0.24 -41.22
CA GLU E 169 4.04 -0.32 -40.56
C GLU E 169 4.12 -1.08 -39.23
N TRP E 170 5.30 -1.09 -38.60
CA TRP E 170 5.46 -1.74 -37.31
C TRP E 170 6.16 -0.80 -36.33
N ILE E 171 6.51 -1.31 -35.15
CA ILE E 171 7.12 -0.47 -34.12
C ILE E 171 8.66 -0.55 -34.15
N HIS E 172 9.22 -1.51 -34.88
CA HIS E 172 10.67 -1.62 -35.07
C HIS E 172 11.39 -1.77 -33.73
N ILE E 173 11.08 -2.86 -33.06
CA ILE E 173 11.81 -3.27 -31.86
C ILE E 173 13.17 -3.80 -32.28
N ASP E 174 14.22 -3.23 -31.71
CA ASP E 174 15.58 -3.63 -32.09
C ASP E 174 15.84 -5.06 -31.66
N PRO E 175 16.29 -5.95 -32.56
CA PRO E 175 16.49 -7.35 -32.17
C PRO E 175 17.57 -7.55 -31.10
N GLU E 176 18.62 -6.73 -31.11
CA GLU E 176 19.75 -6.96 -30.22
C GLU E 176 19.61 -6.21 -28.90
N ASP E 177 19.51 -4.88 -28.96
CA ASP E 177 19.50 -4.05 -27.76
C ASP E 177 18.07 -3.86 -27.25
N PHE E 178 17.43 -4.98 -26.90
CA PHE E 178 16.08 -4.94 -26.34
C PHE E 178 15.93 -6.12 -25.38
N THR E 179 15.81 -5.82 -24.10
CA THR E 179 15.52 -6.84 -23.09
C THR E 179 14.01 -6.95 -22.90
N GLU E 180 13.53 -8.17 -22.80
CA GLU E 180 12.10 -8.40 -22.64
C GLU E 180 11.61 -7.83 -21.31
N ASN E 181 10.32 -7.47 -21.28
CA ASN E 181 9.74 -6.85 -20.09
C ASN E 181 9.78 -7.79 -18.89
N GLY E 182 9.81 -9.09 -19.12
CA GLY E 182 9.84 -10.06 -18.06
C GLY E 182 8.49 -10.48 -17.53
N GLU E 183 7.42 -9.81 -17.95
CA GLU E 183 6.07 -10.25 -17.62
C GLU E 183 5.22 -10.31 -18.88
N TRP E 184 5.58 -9.52 -19.88
CA TRP E 184 4.85 -9.45 -21.14
C TRP E 184 5.78 -9.77 -22.29
N THR E 185 5.22 -10.43 -23.31
CA THR E 185 5.94 -10.74 -24.53
C THR E 185 5.20 -10.13 -25.71
N ILE E 186 5.92 -9.40 -26.56
CA ILE E 186 5.34 -8.78 -27.73
C ILE E 186 5.13 -9.84 -28.80
N ARG E 187 3.89 -10.05 -29.21
CA ARG E 187 3.63 -11.01 -30.28
C ARG E 187 3.35 -10.34 -31.62
N HIS E 188 2.62 -9.22 -31.62
CA HIS E 188 2.40 -8.43 -32.82
C HIS E 188 2.63 -6.97 -32.49
N ARG E 189 3.06 -6.21 -33.49
CA ARG E 189 3.30 -4.78 -33.26
C ARG E 189 3.00 -3.98 -34.52
N PRO E 190 1.79 -4.03 -35.04
CA PRO E 190 1.49 -3.32 -36.29
C PRO E 190 1.29 -1.83 -36.07
N ALA E 191 1.23 -1.11 -37.18
CA ALA E 191 0.97 0.32 -37.19
C ALA E 191 0.11 0.66 -38.39
N LYS E 192 -0.74 1.68 -38.22
CA LYS E 192 -1.61 2.07 -39.32
C LYS E 192 -2.07 3.51 -39.13
N LYS E 193 -2.31 4.19 -40.25
CA LYS E 193 -2.95 5.50 -40.21
C LYS E 193 -4.46 5.30 -40.18
N ASN E 194 -5.12 5.99 -39.27
CA ASN E 194 -6.55 5.83 -39.03
C ASN E 194 -7.28 7.15 -39.17
N TYR E 195 -8.48 7.08 -39.74
CA TYR E 195 -9.39 8.21 -39.82
C TYR E 195 -10.64 7.92 -38.99
N ASN E 196 -11.31 8.99 -38.54
CA ASN E 196 -12.53 8.82 -37.78
C ASN E 196 -13.77 8.76 -38.66
N TRP E 197 -13.79 9.50 -39.77
CA TRP E 197 -14.83 9.45 -40.79
C TRP E 197 -16.15 10.03 -40.30
N GLN E 198 -16.20 10.44 -39.03
CA GLN E 198 -17.33 11.19 -38.51
C GLN E 198 -16.97 12.64 -38.22
N LEU E 199 -15.69 12.99 -38.35
CA LEU E 199 -15.23 14.37 -38.27
C LEU E 199 -14.76 14.82 -39.63
N THR E 200 -15.09 16.06 -40.00
CA THR E 200 -14.57 16.63 -41.23
C THR E 200 -13.06 16.80 -41.12
N LYS E 201 -12.38 16.76 -42.27
CA LYS E 201 -10.94 16.91 -42.26
C LYS E 201 -10.48 18.32 -41.90
N ASP E 202 -11.41 19.22 -41.57
CA ASP E 202 -11.07 20.50 -40.99
C ASP E 202 -10.70 20.40 -39.52
N ASP E 203 -11.08 19.30 -38.87
CA ASP E 203 -10.79 19.10 -37.45
C ASP E 203 -9.45 18.39 -37.28
N THR E 204 -8.79 18.69 -36.16
CA THR E 204 -7.46 18.15 -35.91
C THR E 204 -7.48 16.66 -35.61
N ASP E 205 -8.61 16.12 -35.19
CA ASP E 205 -8.71 14.71 -34.80
C ASP E 205 -9.11 13.81 -35.97
N PHE E 206 -9.18 14.35 -37.19
CA PHE E 206 -9.60 13.55 -38.33
C PHE E 206 -8.62 12.42 -38.61
N GLN E 207 -7.31 12.69 -38.52
CA GLN E 207 -6.29 11.73 -38.84
C GLN E 207 -5.46 11.41 -37.61
N GLU E 208 -4.96 10.17 -37.55
CA GLU E 208 -4.09 9.77 -36.45
C GLU E 208 -3.22 8.61 -36.93
N ILE E 209 -2.16 8.35 -36.18
CA ILE E 209 -1.28 7.21 -36.42
C ILE E 209 -1.33 6.32 -35.19
N ILE E 210 -1.74 5.07 -35.37
CA ILE E 210 -1.95 4.15 -34.26
C ILE E 210 -0.91 3.04 -34.34
N PHE E 211 -0.17 2.87 -33.25
CA PHE E 211 0.80 1.78 -33.10
C PHE E 211 0.22 0.82 -32.06
N PHE E 212 -0.14 -0.38 -32.51
CA PHE E 212 -0.71 -1.37 -31.60
C PHE E 212 0.41 -2.21 -30.97
N LEU E 213 0.12 -2.77 -29.79
CA LEU E 213 1.06 -3.63 -29.10
C LEU E 213 0.28 -4.82 -28.54
N ILE E 214 0.22 -5.89 -29.32
CA ILE E 214 -0.38 -7.14 -28.85
C ILE E 214 0.65 -7.83 -27.98
N ILE E 215 0.37 -7.91 -26.68
CA ILE E 215 1.30 -8.47 -25.72
C ILE E 215 0.61 -9.59 -24.95
N GLN E 216 1.36 -10.63 -24.62
CA GLN E 216 0.84 -11.76 -23.86
C GLN E 216 1.57 -11.83 -22.53
N ARG E 217 0.81 -11.89 -21.44
CA ARG E 217 1.40 -11.94 -20.12
C ARG E 217 2.00 -13.31 -19.85
N LYS E 218 3.22 -13.33 -19.31
CA LYS E 218 3.80 -14.58 -18.85
C LYS E 218 3.15 -14.97 -17.53
N PRO E 219 2.45 -16.09 -17.45
CA PRO E 219 1.70 -16.41 -16.23
C PRO E 219 2.54 -17.14 -15.21
N LEU E 220 3.86 -17.13 -15.38
CA LEU E 220 4.74 -17.94 -14.54
C LEU E 220 4.61 -17.56 -13.07
N PHE E 221 4.62 -16.26 -12.77
CA PHE E 221 4.51 -15.82 -11.38
C PHE E 221 3.18 -16.25 -10.78
N TYR E 222 2.09 -16.00 -11.48
CA TYR E 222 0.78 -16.37 -10.95
C TYR E 222 0.66 -17.88 -10.81
N ILE E 223 1.06 -18.64 -11.83
CA ILE E 223 1.00 -20.09 -11.77
C ILE E 223 1.80 -20.61 -10.58
N ILE E 224 2.97 -20.03 -10.33
CA ILE E 224 3.88 -20.59 -9.33
C ILE E 224 3.63 -20.07 -7.92
N ASN E 225 2.87 -18.98 -7.76
CA ASN E 225 2.63 -18.43 -6.43
C ASN E 225 1.18 -18.43 -5.97
N ILE E 226 0.21 -18.53 -6.88
CA ILE E 226 -1.19 -18.49 -6.50
C ILE E 226 -1.89 -19.75 -7.01
N ILE E 227 -1.86 -19.95 -8.33
CA ILE E 227 -2.69 -20.98 -8.95
C ILE E 227 -2.29 -22.37 -8.47
N ALA E 228 -1.00 -22.70 -8.56
CA ALA E 228 -0.56 -24.02 -8.12
C ALA E 228 -0.78 -24.21 -6.62
N PRO E 229 -0.39 -23.30 -5.74
CA PRO E 229 -0.75 -23.48 -4.32
C PRO E 229 -2.24 -23.58 -4.09
N CYS E 230 -3.03 -22.78 -4.79
CA CYS E 230 -4.48 -22.84 -4.61
C CYS E 230 -5.05 -24.17 -5.09
N VAL E 231 -4.58 -24.67 -6.23
CA VAL E 231 -5.05 -25.96 -6.73
C VAL E 231 -4.66 -27.07 -5.77
N LEU E 232 -3.43 -27.02 -5.25
CA LEU E 232 -3.00 -28.04 -4.29
C LEU E 232 -3.84 -27.99 -3.02
N ILE E 233 -4.15 -26.80 -2.53
CA ILE E 233 -4.98 -26.68 -1.33
C ILE E 233 -6.37 -27.24 -1.60
N SER E 234 -6.97 -26.86 -2.73
CA SER E 234 -8.34 -27.28 -3.03
C SER E 234 -8.43 -28.76 -3.39
N SER E 235 -7.32 -29.38 -3.77
CA SER E 235 -7.31 -30.82 -4.02
C SER E 235 -7.55 -31.63 -2.76
N LEU E 236 -7.46 -31.02 -1.58
CA LEU E 236 -7.58 -31.76 -0.33
C LEU E 236 -9.03 -31.99 0.08
N VAL E 237 -10.00 -31.34 -0.55
CA VAL E 237 -11.39 -31.56 -0.17
C VAL E 237 -11.86 -32.95 -0.55
N VAL E 238 -11.16 -33.63 -1.47
CA VAL E 238 -11.55 -35.00 -1.83
C VAL E 238 -10.99 -36.04 -0.89
N LEU E 239 -10.01 -35.68 -0.06
CA LEU E 239 -9.53 -36.61 0.95
C LEU E 239 -10.54 -36.80 2.06
N VAL E 240 -11.47 -35.85 2.22
CA VAL E 240 -12.39 -35.88 3.34
C VAL E 240 -13.30 -37.10 3.30
N TYR E 241 -13.44 -37.73 2.15
CA TYR E 241 -14.31 -38.89 2.02
C TYR E 241 -13.67 -40.17 2.52
N PHE E 242 -12.39 -40.14 2.87
CA PHE E 242 -11.71 -41.30 3.43
C PHE E 242 -11.52 -41.21 4.94
N LEU E 243 -11.68 -40.03 5.51
CA LEU E 243 -11.61 -39.88 6.95
C LEU E 243 -12.83 -40.55 7.60
N PRO E 244 -12.66 -41.15 8.76
CA PRO E 244 -13.78 -41.87 9.40
C PRO E 244 -14.76 -40.93 10.07
N ALA E 245 -16.03 -41.35 10.06
CA ALA E 245 -17.09 -40.63 10.74
C ALA E 245 -17.28 -41.15 12.17
N GLN E 246 -16.18 -41.13 12.93
CA GLN E 246 -16.13 -41.72 14.26
C GLN E 246 -16.07 -40.67 15.36
N ALA E 247 -16.34 -39.41 15.05
CA ALA E 247 -16.32 -38.24 15.93
C ALA E 247 -14.90 -37.80 16.23
N GLY E 248 -13.88 -38.48 15.71
CA GLY E 248 -12.51 -38.06 15.89
C GLY E 248 -11.75 -37.97 14.59
N GLY E 249 -12.41 -38.33 13.49
CA GLY E 249 -11.77 -38.31 12.20
C GLY E 249 -11.51 -36.92 11.66
N GLN E 250 -12.22 -35.91 12.18
CA GLN E 250 -12.01 -34.51 11.82
C GLN E 250 -12.21 -34.28 10.32
N LYS E 251 -13.38 -34.69 9.81
CA LYS E 251 -13.74 -34.44 8.42
C LYS E 251 -14.09 -32.98 8.20
N CYS E 252 -15.09 -32.49 8.94
CA CYS E 252 -15.50 -31.11 8.79
C CYS E 252 -14.39 -30.15 9.14
N THR E 253 -13.48 -30.52 10.04
CA THR E 253 -12.33 -29.67 10.34
C THR E 253 -11.48 -29.46 9.10
N LEU E 254 -11.13 -30.55 8.42
CA LEU E 254 -10.33 -30.43 7.21
C LEU E 254 -11.04 -29.63 6.14
N SER E 255 -12.34 -29.91 5.93
CA SER E 255 -13.07 -29.21 4.87
C SER E 255 -13.16 -27.71 5.15
N ILE E 256 -13.57 -27.35 6.36
CA ILE E 256 -13.74 -25.93 6.67
C ILE E 256 -12.40 -25.21 6.73
N SER E 257 -11.33 -25.90 7.12
CA SER E 257 -10.03 -25.24 7.13
C SER E 257 -9.48 -25.05 5.71
N VAL E 258 -9.77 -25.98 4.81
CA VAL E 258 -9.44 -25.76 3.41
C VAL E 258 -10.23 -24.56 2.87
N LEU E 259 -11.49 -24.43 3.32
CA LEU E 259 -12.25 -23.24 2.94
C LEU E 259 -11.61 -21.97 3.47
N LEU E 260 -11.09 -22.01 4.70
CA LEU E 260 -10.40 -20.85 5.26
C LEU E 260 -9.16 -20.50 4.44
N ALA E 261 -8.39 -21.52 4.04
CA ALA E 261 -7.23 -21.28 3.20
C ALA E 261 -7.64 -20.68 1.85
N GLN E 262 -8.76 -21.14 1.30
CA GLN E 262 -9.26 -20.56 0.06
C GLN E 262 -9.69 -19.11 0.26
N THR E 263 -10.22 -18.76 1.43
CA THR E 263 -10.52 -17.36 1.73
C THR E 263 -9.24 -16.52 1.77
N ILE E 264 -8.19 -17.07 2.36
CA ILE E 264 -6.90 -16.35 2.37
C ILE E 264 -6.42 -16.13 0.94
N PHE E 265 -6.50 -17.17 0.11
CA PHE E 265 -6.14 -17.00 -1.30
C PHE E 265 -7.05 -16.01 -2.02
N LEU E 266 -8.31 -15.92 -1.58
CA LEU E 266 -9.20 -14.90 -2.14
C LEU E 266 -8.69 -13.50 -1.83
N PHE E 267 -8.23 -13.29 -0.60
CA PHE E 267 -7.59 -12.02 -0.28
C PHE E 267 -6.37 -11.78 -1.16
N LEU E 268 -5.55 -12.82 -1.33
CA LEU E 268 -4.33 -12.69 -2.12
C LEU E 268 -4.64 -12.29 -3.56
N ILE E 269 -5.64 -12.93 -4.17
CA ILE E 269 -5.96 -12.61 -5.56
C ILE E 269 -6.62 -11.24 -5.66
N ALA E 270 -7.51 -10.91 -4.73
CA ALA E 270 -8.17 -9.61 -4.76
C ALA E 270 -7.18 -8.48 -4.60
N GLN E 271 -6.04 -8.75 -3.95
CA GLN E 271 -5.02 -7.72 -3.84
C GLN E 271 -4.43 -7.34 -5.19
N LYS E 272 -4.43 -8.26 -6.16
CA LYS E 272 -3.74 -8.04 -7.43
C LYS E 272 -4.62 -8.45 -8.61
N VAL E 273 -5.88 -8.02 -8.61
CA VAL E 273 -6.79 -8.31 -9.72
C VAL E 273 -7.37 -7.00 -10.24
N PRO E 274 -7.49 -6.84 -11.56
CA PRO E 274 -8.04 -5.59 -12.11
C PRO E 274 -9.48 -5.37 -11.69
N GLU E 275 -9.85 -4.10 -11.53
CA GLU E 275 -11.18 -3.69 -11.09
C GLU E 275 -12.03 -3.14 -12.22
N THR E 276 -11.90 -3.70 -13.43
CA THR E 276 -12.65 -3.19 -14.57
C THR E 276 -14.14 -3.43 -14.42
N SER E 277 -14.54 -4.64 -14.03
CA SER E 277 -15.91 -5.09 -13.80
C SER E 277 -16.72 -5.31 -15.06
N LEU E 278 -16.08 -5.31 -16.24
CA LEU E 278 -16.79 -5.75 -17.44
C LEU E 278 -16.93 -7.25 -17.51
N ASN E 279 -15.95 -7.98 -16.98
CA ASN E 279 -15.98 -9.44 -16.90
C ASN E 279 -15.32 -9.86 -15.59
N VAL E 280 -15.63 -11.07 -15.15
CA VAL E 280 -15.00 -11.63 -13.96
C VAL E 280 -13.76 -12.42 -14.39
N PRO E 281 -12.61 -12.21 -13.75
CA PRO E 281 -11.38 -12.85 -14.23
C PRO E 281 -11.42 -14.37 -14.09
N LEU E 282 -10.63 -15.03 -14.93
CA LEU E 282 -10.60 -16.49 -14.93
C LEU E 282 -10.14 -17.02 -13.58
N ILE E 283 -9.15 -16.38 -12.98
CA ILE E 283 -8.72 -16.79 -11.64
C ILE E 283 -9.84 -16.56 -10.64
N GLY E 284 -10.59 -15.45 -10.78
CA GLY E 284 -11.74 -15.25 -9.93
C GLY E 284 -12.83 -16.28 -10.15
N LYS E 285 -13.00 -16.73 -11.39
CA LYS E 285 -13.98 -17.77 -11.66
C LYS E 285 -13.55 -19.09 -11.01
N TYR E 286 -12.27 -19.42 -11.11
CA TYR E 286 -11.77 -20.63 -10.46
C TYR E 286 -11.92 -20.55 -8.96
N LEU E 287 -11.66 -19.38 -8.37
CA LEU E 287 -11.80 -19.22 -6.93
C LEU E 287 -13.26 -19.38 -6.50
N ILE E 288 -14.19 -18.77 -7.25
CA ILE E 288 -15.61 -18.94 -6.92
C ILE E 288 -15.99 -20.41 -7.04
N PHE E 289 -15.53 -21.08 -8.10
CA PHE E 289 -15.87 -22.48 -8.31
C PHE E 289 -15.34 -23.36 -7.19
N VAL E 290 -14.09 -23.15 -6.78
CA VAL E 290 -13.54 -24.00 -5.73
C VAL E 290 -14.14 -23.68 -4.37
N MET E 291 -14.58 -22.44 -4.12
CA MET E 291 -15.25 -22.18 -2.86
C MET E 291 -16.67 -22.71 -2.84
N PHE E 292 -17.32 -22.80 -4.01
CA PHE E 292 -18.65 -23.39 -4.05
C PHE E 292 -18.57 -24.91 -3.93
N VAL E 293 -17.59 -25.52 -4.57
CA VAL E 293 -17.42 -26.96 -4.42
C VAL E 293 -16.95 -27.30 -3.01
N SER E 294 -16.18 -26.41 -2.38
CA SER E 294 -15.80 -26.63 -0.98
C SER E 294 -17.01 -26.51 -0.06
N MET E 295 -17.91 -25.56 -0.34
CA MET E 295 -19.16 -25.49 0.42
C MET E 295 -19.98 -26.75 0.26
N LEU E 296 -20.04 -27.28 -0.97
CA LEU E 296 -20.74 -28.54 -1.20
C LEU E 296 -20.07 -29.68 -0.43
N ILE E 297 -18.73 -29.70 -0.40
CA ILE E 297 -18.02 -30.72 0.35
C ILE E 297 -18.35 -30.64 1.83
N VAL E 298 -18.42 -29.42 2.37
CA VAL E 298 -18.76 -29.26 3.78
C VAL E 298 -20.18 -29.74 4.05
N MET E 299 -21.12 -29.38 3.18
CA MET E 299 -22.49 -29.85 3.33
C MET E 299 -22.56 -31.37 3.28
N ASN E 300 -21.79 -31.97 2.36
CA ASN E 300 -21.76 -33.41 2.23
C ASN E 300 -21.18 -34.07 3.47
N CYS E 301 -20.14 -33.46 4.05
CA CYS E 301 -19.58 -33.98 5.30
C CYS E 301 -20.59 -33.91 6.43
N VAL E 302 -21.33 -32.82 6.51
CA VAL E 302 -22.36 -32.70 7.55
C VAL E 302 -23.42 -33.78 7.35
N ILE E 303 -23.85 -33.99 6.11
CA ILE E 303 -24.87 -35.01 5.85
C ILE E 303 -24.36 -36.40 6.19
N VAL E 304 -23.12 -36.71 5.81
CA VAL E 304 -22.57 -38.03 6.09
C VAL E 304 -22.42 -38.23 7.59
N LEU E 305 -21.94 -37.21 8.32
CA LEU E 305 -21.80 -37.34 9.76
C LEU E 305 -23.15 -37.50 10.43
N ASN E 306 -24.19 -36.85 9.90
CA ASN E 306 -25.52 -37.00 10.48
C ASN E 306 -26.09 -38.38 10.19
N VAL E 307 -25.86 -38.91 8.98
CA VAL E 307 -26.40 -40.21 8.62
C VAL E 307 -25.69 -41.32 9.37
N SER E 308 -24.37 -41.20 9.55
CA SER E 308 -23.58 -42.25 10.17
C SER E 308 -23.57 -42.16 11.69
N LEU E 309 -24.27 -41.21 12.28
CA LEU E 309 -24.34 -41.05 13.73
C LEU E 309 -25.79 -41.01 14.19
N ARG E 310 -26.60 -41.93 13.68
CA ARG E 310 -28.01 -42.03 14.04
C ARG E 310 -28.22 -43.24 14.95
N THR E 311 -29.15 -43.09 15.89
CA THR E 311 -29.47 -44.11 16.88
C THR E 311 -30.94 -44.46 16.79
N PRO E 312 -31.34 -45.67 17.22
CA PRO E 312 -32.75 -46.07 17.08
C PRO E 312 -33.72 -45.12 17.75
N ASN E 313 -33.35 -44.57 18.92
CA ASN E 313 -34.25 -43.63 19.59
C ASN E 313 -34.31 -42.29 18.88
N THR E 314 -33.22 -41.85 18.26
CA THR E 314 -33.19 -40.55 17.63
C THR E 314 -33.74 -40.60 16.21
N HIS E 315 -33.24 -41.53 15.40
CA HIS E 315 -33.69 -41.70 14.01
C HIS E 315 -34.01 -43.16 13.77
N SER E 316 -35.25 -43.44 13.40
CA SER E 316 -35.66 -44.80 13.07
C SER E 316 -35.19 -45.17 11.67
N LEU E 317 -34.70 -46.40 11.52
CA LEU E 317 -34.21 -46.90 10.25
C LEU E 317 -35.31 -47.70 9.57
N SER E 318 -35.90 -47.14 8.53
CA SER E 318 -36.95 -47.82 7.79
C SER E 318 -36.34 -48.86 6.85
N GLU E 319 -37.21 -49.69 6.29
CA GLU E 319 -36.75 -50.76 5.40
C GLU E 319 -36.36 -50.24 4.02
N LYS E 320 -37.04 -49.20 3.54
CA LYS E 320 -36.80 -48.73 2.17
C LYS E 320 -35.39 -48.19 2.01
N ILE E 321 -34.96 -47.31 2.93
CA ILE E 321 -33.64 -46.70 2.84
C ILE E 321 -32.55 -47.76 2.97
N LYS E 322 -32.70 -48.65 3.96
CA LYS E 322 -31.70 -49.69 4.17
C LYS E 322 -31.61 -50.61 2.96
N HIS E 323 -32.76 -51.00 2.40
CA HIS E 323 -32.75 -51.85 1.22
C HIS E 323 -32.08 -51.16 0.04
N LEU E 324 -32.39 -49.87 -0.17
CA LEU E 324 -31.80 -49.15 -1.28
C LEU E 324 -30.28 -49.07 -1.15
N PHE E 325 -29.80 -48.68 0.03
CA PHE E 325 -28.38 -48.47 0.23
C PHE E 325 -27.62 -49.75 0.55
N LEU E 326 -28.31 -50.89 0.68
CA LEU E 326 -27.66 -52.18 0.75
C LEU E 326 -27.86 -52.99 -0.53
N GLY E 327 -28.62 -52.48 -1.49
CA GLY E 327 -28.73 -53.14 -2.77
C GLY E 327 -27.97 -52.44 -3.87
N PHE E 328 -27.95 -51.11 -3.85
CA PHE E 328 -27.26 -50.34 -4.91
C PHE E 328 -25.86 -49.93 -4.46
N LEU E 329 -25.00 -50.94 -4.22
CA LEU E 329 -23.58 -50.64 -4.07
C LEU E 329 -22.68 -51.64 -4.80
N PRO E 330 -22.96 -52.00 -6.09
CA PRO E 330 -22.03 -52.87 -6.82
C PRO E 330 -20.89 -52.09 -7.49
N LYS E 331 -20.30 -51.17 -6.73
CA LYS E 331 -19.27 -50.28 -7.26
C LYS E 331 -18.23 -49.96 -6.19
N CYS E 416 -31.13 -64.48 43.26
CA CYS E 416 -30.14 -63.92 42.35
C CYS E 416 -30.31 -64.48 40.94
N VAL E 417 -31.22 -65.44 40.80
CA VAL E 417 -31.48 -66.03 39.49
C VAL E 417 -32.06 -64.99 38.54
N GLU E 418 -32.97 -64.15 39.04
CA GLU E 418 -33.53 -63.08 38.22
C GLU E 418 -32.53 -61.97 37.97
N ALA E 419 -31.53 -61.80 38.84
CA ALA E 419 -30.52 -60.78 38.63
C ALA E 419 -29.69 -61.05 37.38
N CYS E 420 -29.29 -62.31 37.18
CA CYS E 420 -28.50 -62.66 36.00
C CYS E 420 -29.31 -62.55 34.72
N ASN E 421 -30.62 -62.84 34.79
CA ASN E 421 -31.47 -62.73 33.61
C ASN E 421 -31.53 -61.28 33.12
N PHE E 422 -31.66 -60.33 34.05
CA PHE E 422 -31.65 -58.92 33.66
C PHE E 422 -30.30 -58.49 33.11
N ILE E 423 -29.20 -59.04 33.65
CA ILE E 423 -27.88 -58.74 33.11
C ILE E 423 -27.78 -59.20 31.66
N ALA E 424 -28.24 -60.43 31.40
CA ALA E 424 -28.24 -60.94 30.03
C ALA E 424 -29.12 -60.11 29.13
N LYS E 425 -30.29 -59.70 29.61
CA LYS E 425 -31.20 -58.88 28.81
C LYS E 425 -30.56 -57.54 28.47
N SER E 426 -29.89 -56.90 29.43
CA SER E 426 -29.22 -55.64 29.17
C SER E 426 -28.08 -55.80 28.17
N THR E 427 -27.31 -56.88 28.30
CA THR E 427 -26.24 -57.14 27.34
C THR E 427 -26.82 -57.32 25.94
N LYS E 428 -27.91 -58.07 25.82
CA LYS E 428 -28.53 -58.29 24.52
C LYS E 428 -29.08 -56.99 23.93
N GLU E 429 -29.67 -56.14 24.77
CA GLU E 429 -30.24 -54.89 24.25
C GLU E 429 -29.15 -53.94 23.79
N GLN E 430 -28.03 -53.85 24.54
CA GLN E 430 -26.95 -52.99 24.09
C GLN E 430 -26.28 -53.54 22.82
N ASN E 431 -26.18 -54.87 22.71
CA ASN E 431 -25.67 -55.46 21.48
C ASN E 431 -26.59 -55.16 20.30
N ASP E 432 -27.89 -55.21 20.52
CA ASP E 432 -28.85 -54.89 19.46
C ASP E 432 -28.74 -53.43 19.04
N SER E 433 -28.57 -52.53 20.01
CA SER E 433 -28.39 -51.11 19.68
C SER E 433 -27.13 -50.90 18.84
N GLY E 434 -26.02 -51.54 19.23
CA GLY E 434 -24.81 -51.44 18.43
C GLY E 434 -24.98 -51.99 17.03
N SER E 435 -25.66 -53.13 16.91
CA SER E 435 -25.90 -53.73 15.60
C SER E 435 -26.76 -52.83 14.73
N GLU E 436 -27.72 -52.12 15.35
CA GLU E 436 -28.55 -51.20 14.58
C GLU E 436 -27.75 -49.98 14.12
N ASN E 437 -26.84 -49.49 14.98
CA ASN E 437 -26.02 -48.35 14.58
C ASN E 437 -25.02 -48.74 13.49
N GLU E 438 -24.62 -50.02 13.46
CA GLU E 438 -23.73 -50.48 12.40
C GLU E 438 -24.34 -50.29 11.01
N ASN E 439 -25.66 -50.47 10.90
CA ASN E 439 -26.32 -50.26 9.62
C ASN E 439 -26.17 -48.82 9.15
N TRP E 440 -26.39 -47.86 10.05
CA TRP E 440 -26.22 -46.46 9.70
C TRP E 440 -24.77 -46.16 9.33
N VAL E 441 -23.82 -46.79 10.02
CA VAL E 441 -22.42 -46.63 9.67
C VAL E 441 -22.16 -47.11 8.24
N LEU E 442 -22.74 -48.26 7.88
CA LEU E 442 -22.59 -48.77 6.52
C LEU E 442 -23.22 -47.83 5.49
N ILE E 443 -24.40 -47.28 5.80
CA ILE E 443 -25.03 -46.33 4.89
C ILE E 443 -24.13 -45.12 4.69
N GLY E 444 -23.55 -44.61 5.78
CA GLY E 444 -22.62 -43.52 5.66
C GLY E 444 -21.42 -43.85 4.80
N LYS E 445 -20.90 -45.08 4.93
CA LYS E 445 -19.77 -45.49 4.10
C LYS E 445 -20.14 -45.51 2.62
N VAL E 446 -21.32 -46.04 2.29
CA VAL E 446 -21.74 -46.12 0.89
C VAL E 446 -21.91 -44.72 0.31
N ILE E 447 -22.59 -43.84 1.05
CA ILE E 447 -22.75 -42.46 0.61
C ILE E 447 -21.38 -41.80 0.45
N ASP E 448 -20.46 -42.09 1.38
CA ASP E 448 -19.12 -41.53 1.32
C ASP E 448 -18.44 -41.90 0.01
N LYS E 449 -18.49 -43.19 -0.36
CA LYS E 449 -17.80 -43.63 -1.57
C LYS E 449 -18.42 -43.02 -2.82
N ALA E 450 -19.76 -43.08 -2.92
CA ALA E 450 -20.42 -42.56 -4.12
C ALA E 450 -20.18 -41.06 -4.26
N CYS E 451 -20.34 -40.32 -3.17
CA CYS E 451 -20.13 -38.88 -3.21
C CYS E 451 -18.67 -38.54 -3.44
N PHE E 452 -17.74 -39.39 -2.98
CA PHE E 452 -16.33 -39.16 -3.29
C PHE E 452 -16.09 -39.22 -4.78
N TRP E 453 -16.64 -40.25 -5.44
CA TRP E 453 -16.45 -40.33 -6.89
C TRP E 453 -17.07 -39.13 -7.59
N ILE E 454 -18.29 -38.74 -7.18
CA ILE E 454 -18.94 -37.61 -7.82
C ILE E 454 -18.14 -36.33 -7.62
N ALA E 455 -17.67 -36.09 -6.39
CA ALA E 455 -16.95 -34.85 -6.09
C ALA E 455 -15.60 -34.80 -6.78
N LEU E 456 -14.88 -35.93 -6.81
CA LEU E 456 -13.60 -35.95 -7.51
C LEU E 456 -13.80 -35.69 -9.00
N LEU E 457 -14.81 -36.32 -9.61
CA LEU E 457 -15.08 -36.07 -11.02
C LEU E 457 -15.39 -34.60 -11.26
N LEU E 458 -16.27 -34.02 -10.45
CA LEU E 458 -16.67 -32.64 -10.65
C LEU E 458 -15.49 -31.69 -10.48
N PHE E 459 -14.71 -31.86 -9.41
CA PHE E 459 -13.59 -30.97 -9.15
C PHE E 459 -12.53 -31.08 -10.24
N SER E 460 -12.18 -32.30 -10.65
CA SER E 460 -11.17 -32.47 -11.68
C SER E 460 -11.63 -31.88 -13.00
N ILE E 461 -12.87 -32.13 -13.39
CA ILE E 461 -13.39 -31.60 -14.64
C ILE E 461 -13.40 -30.07 -14.60
N GLY E 462 -13.88 -29.49 -13.51
CA GLY E 462 -13.94 -28.05 -13.42
C GLY E 462 -12.58 -27.40 -13.48
N THR E 463 -11.62 -27.92 -12.70
CA THR E 463 -10.27 -27.37 -12.71
C THR E 463 -9.65 -27.49 -14.09
N LEU E 464 -9.77 -28.68 -14.71
CA LEU E 464 -9.17 -28.89 -16.01
C LEU E 464 -9.76 -27.96 -17.06
N ALA E 465 -11.08 -27.82 -17.07
CA ALA E 465 -11.72 -26.94 -18.05
C ALA E 465 -11.33 -25.49 -17.83
N ILE E 466 -11.37 -25.02 -16.58
CA ILE E 466 -11.10 -23.61 -16.31
C ILE E 466 -9.66 -23.27 -16.65
N PHE E 467 -8.71 -24.13 -16.28
CA PHE E 467 -7.30 -23.82 -16.53
C PHE E 467 -6.81 -24.36 -17.86
N LEU E 468 -7.68 -24.97 -18.66
CA LEU E 468 -7.38 -25.28 -20.05
C LEU E 468 -7.92 -24.22 -21.01
N THR E 469 -9.04 -23.58 -20.66
CA THR E 469 -9.54 -22.47 -21.46
C THR E 469 -8.52 -21.33 -21.49
N GLY E 470 -7.89 -21.04 -20.36
CA GLY E 470 -6.86 -20.01 -20.34
C GLY E 470 -5.66 -20.38 -21.18
N HIS E 471 -5.24 -21.65 -21.13
CA HIS E 471 -4.10 -22.08 -21.91
C HIS E 471 -4.37 -21.98 -23.40
N PHE E 472 -5.59 -22.30 -23.82
CA PHE E 472 -5.95 -22.23 -25.23
C PHE E 472 -6.30 -20.83 -25.69
N ASN E 473 -6.32 -19.85 -24.80
CA ASN E 473 -6.54 -18.46 -25.18
C ASN E 473 -5.21 -17.88 -25.61
N GLN E 474 -5.01 -17.77 -26.92
CA GLN E 474 -3.74 -17.33 -27.48
C GLN E 474 -3.98 -16.14 -28.40
N VAL E 475 -2.88 -15.47 -28.73
CA VAL E 475 -2.95 -14.31 -29.64
C VAL E 475 -3.34 -14.78 -31.03
N PRO E 476 -4.25 -14.10 -31.72
CA PRO E 476 -4.53 -14.44 -33.11
C PRO E 476 -3.28 -14.33 -33.97
N GLU E 477 -3.16 -15.22 -34.94
CA GLU E 477 -1.96 -15.28 -35.77
C GLU E 477 -1.86 -14.09 -36.73
N PHE E 478 -2.89 -13.27 -36.84
CA PHE E 478 -2.83 -12.06 -37.64
C PHE E 478 -3.01 -10.83 -36.77
N PRO E 479 -2.23 -9.77 -37.00
CA PRO E 479 -2.43 -8.54 -36.23
C PRO E 479 -3.84 -7.98 -36.35
N PHE E 480 -4.42 -8.05 -37.54
CA PHE E 480 -5.80 -7.67 -37.78
C PHE E 480 -6.56 -8.86 -38.34
N PRO E 481 -7.75 -9.16 -37.83
CA PRO E 481 -8.46 -10.37 -38.29
C PRO E 481 -8.72 -10.42 -39.79
N GLY E 482 -9.23 -9.32 -40.37
CA GLY E 482 -9.57 -9.34 -41.78
C GLY E 482 -8.41 -9.16 -42.73
N ASP E 483 -7.27 -8.67 -42.24
CA ASP E 483 -6.12 -8.41 -43.12
C ASP E 483 -5.25 -9.66 -43.23
N PRO E 484 -4.94 -10.11 -44.44
CA PRO E 484 -3.98 -11.21 -44.59
C PRO E 484 -2.53 -10.80 -44.38
N ARG E 485 -2.25 -9.51 -44.23
CA ARG E 485 -0.89 -9.03 -44.04
C ARG E 485 -0.37 -9.42 -42.66
N LYS E 486 0.95 -9.53 -42.55
CA LYS E 486 1.58 -9.96 -41.31
C LYS E 486 2.19 -8.81 -40.50
N TYR E 487 2.52 -7.69 -41.16
CA TYR E 487 3.06 -6.50 -40.49
C TYR E 487 4.32 -6.84 -39.69
N VAL E 488 5.27 -7.50 -40.36
CA VAL E 488 6.56 -7.84 -39.78
C VAL E 488 7.65 -7.48 -40.79
N PRO E 489 8.75 -6.85 -40.37
CA PRO E 489 9.83 -6.46 -41.29
C PRO E 489 10.53 -7.67 -41.92
C1 NAG F . 28.19 -7.26 -17.57
C2 NAG F . 29.41 -8.08 -17.99
C3 NAG F . 30.36 -7.22 -18.79
C4 NAG F . 29.63 -6.55 -19.96
C5 NAG F . 28.36 -5.86 -19.47
C6 NAG F . 27.51 -5.35 -20.61
C7 NAG F . 29.82 -9.88 -16.37
C8 NAG F . 30.61 -10.31 -15.17
N2 NAG F . 30.08 -8.66 -16.83
O3 NAG F . 31.43 -8.04 -19.27
O4 NAG F . 30.46 -5.54 -20.52
O5 NAG F . 27.54 -6.76 -18.72
O6 NAG F . 27.75 -3.98 -20.88
O7 NAG F . 28.99 -10.61 -16.90
C1 NAG F . 31.20 -6.02 -21.67
C2 NAG F . 31.54 -4.80 -22.52
C3 NAG F . 32.39 -5.22 -23.71
C4 NAG F . 33.62 -5.98 -23.24
C5 NAG F . 33.20 -7.16 -22.36
C6 NAG F . 34.37 -7.89 -21.76
C7 NAG F . 29.39 -4.62 -23.74
C8 NAG F . 28.25 -3.71 -24.07
N2 NAG F . 30.34 -4.09 -22.95
O3 NAG F . 32.79 -4.07 -24.44
O4 NAG F . 34.37 -6.46 -24.35
O5 NAG F . 32.40 -6.69 -21.27
O6 NAG F . 34.90 -7.18 -20.65
O7 NAG F . 29.45 -5.77 -24.17
C1 BMA F . 35.54 -5.65 -24.50
C2 BMA F . 36.69 -6.54 -25.03
C3 BMA F . 37.89 -5.68 -25.43
C4 BMA F . 37.48 -4.49 -26.30
C5 BMA F . 36.39 -3.69 -25.58
C6 BMA F . 35.92 -2.51 -26.40
O2 BMA F . 36.27 -7.22 -26.20
O3 BMA F . 38.86 -6.45 -26.13
O4 BMA F . 38.60 -3.66 -26.55
O5 BMA F . 35.28 -4.56 -25.37
O6 BMA F . 36.14 -2.83 -27.77
C1 MAN F . 35.76 -1.71 -28.58
C2 MAN F . 34.43 -2.08 -29.26
C3 MAN F . 34.67 -3.13 -30.34
C4 MAN F . 35.82 -2.70 -31.28
C5 MAN F . 37.06 -2.47 -30.44
C6 MAN F . 38.27 -2.09 -31.27
O2 MAN F . 33.87 -0.95 -29.95
O3 MAN F . 33.49 -3.38 -31.10
O4 MAN F . 36.07 -3.72 -32.24
O5 MAN F . 36.79 -1.42 -29.52
O6 MAN F . 38.61 -0.73 -31.00
C1 MAN F . 32.94 -4.66 -30.73
C2 MAN F . 33.72 -5.74 -31.51
C3 MAN F . 33.45 -5.60 -33.00
C4 MAN F . 31.94 -5.59 -33.27
C5 MAN F . 31.26 -4.49 -32.43
C6 MAN F . 29.75 -4.50 -32.57
O2 MAN F . 33.27 -7.05 -31.16
O3 MAN F . 34.11 -6.60 -33.76
O4 MAN F . 31.71 -5.34 -34.65
O5 MAN F . 31.57 -4.71 -31.05
O6 MAN F . 29.44 -4.63 -33.96
C1 MAN F . 38.23 0.13 -32.10
C2 MAN F . 38.75 -0.47 -33.46
C3 MAN F . 40.25 -0.28 -33.61
C4 MAN F . 40.64 1.18 -33.33
C5 MAN F . 40.17 1.57 -31.93
C6 MAN F . 40.52 3.00 -31.57
O2 MAN F . 38.15 0.18 -34.58
O3 MAN F . 40.70 -0.67 -34.90
O4 MAN F . 42.06 1.33 -33.39
O5 MAN F . 38.73 1.44 -31.89
O6 MAN F . 41.85 3.24 -31.99
C1 MAN F . 39.50 -7.36 -25.19
C2 MAN F . 41.02 -7.06 -25.25
C3 MAN F . 41.59 -7.48 -26.60
C4 MAN F . 41.18 -8.92 -26.94
C5 MAN F . 39.65 -9.07 -26.86
C6 MAN F . 39.19 -10.50 -27.10
O2 MAN F . 41.73 -7.83 -24.27
O3 MAN F . 43.00 -7.35 -26.64
O4 MAN F . 41.62 -9.25 -28.25
O5 MAN F . 39.22 -8.69 -25.54
O6 MAN F . 37.76 -10.50 -27.06
C1 NAG G . 27.25 10.20 13.85
C2 NAG G . 28.31 9.95 14.93
C3 NAG G . 29.55 10.81 14.65
C4 NAG G . 30.05 10.56 13.22
C5 NAG G . 28.92 10.76 12.22
C6 NAG G . 29.31 10.41 10.81
C7 NAG G . 27.85 9.38 17.26
C8 NAG G . 27.27 9.83 18.57
N2 NAG G . 27.78 10.24 16.25
O3 NAG G . 30.55 10.48 15.59
O4 NAG G . 31.09 11.47 12.91
O5 NAG G . 27.81 9.92 12.56
O6 NAG G . 29.29 11.56 9.97
O7 NAG G . 28.35 8.26 17.14
C1 NAG G . 32.39 10.87 13.12
C2 NAG G . 33.44 11.70 12.37
C3 NAG G . 34.84 11.16 12.66
C4 NAG G . 35.09 11.05 14.15
C5 NAG G . 33.98 10.23 14.80
C6 NAG G . 34.09 10.16 16.31
C7 NAG G . 32.40 12.64 10.36
C8 NAG G . 32.24 12.51 8.88
N2 NAG G . 33.18 11.73 10.95
O3 NAG G . 35.80 12.02 12.07
O4 NAG G . 36.34 10.42 14.39
O5 NAG G . 32.70 10.83 14.51
O6 NAG G . 34.34 11.44 16.87
O7 NAG G . 31.85 13.53 11.00
C1 BMA G . 37.21 11.31 15.13
C2 BMA G . 38.57 10.60 15.32
C3 BMA G . 39.56 11.55 16.00
C4 BMA G . 39.60 12.92 15.31
C5 BMA G . 38.17 13.49 15.19
C6 BMA G . 38.13 14.83 14.46
O2 BMA G . 39.13 10.25 14.06
O3 BMA G . 40.87 10.99 16.06
O4 BMA G . 40.41 13.81 16.04
O5 BMA G . 37.37 12.55 14.46
O6 BMA G . 39.45 15.29 14.26
C1 MAN G . 41.04 10.33 17.33
C2 MAN G . 42.43 10.71 17.87
C3 MAN G . 43.52 10.02 17.04
C4 MAN G . 43.25 8.52 16.92
C5 MAN G . 41.85 8.29 16.33
C6 MAN G . 41.47 6.83 16.24
O2 MAN G . 42.62 10.24 19.21
O3 MAN G . 44.82 10.25 17.58
O4 MAN G . 44.22 7.92 16.08
O5 MAN G . 40.88 8.93 17.18
O6 MAN G . 41.23 6.35 17.55
C1 MAN G . 39.63 15.59 12.86
C2 MAN G . 41.06 15.14 12.46
C3 MAN G . 41.66 16.13 11.46
C4 MAN G . 40.59 16.60 10.47
C5 MAN G . 39.53 17.42 11.22
C6 MAN G . 38.15 17.33 10.59
O2 MAN G . 41.04 13.88 11.78
O3 MAN G . 42.77 15.57 10.77
O4 MAN G . 41.19 17.41 9.47
O5 MAN G . 39.42 16.98 12.60
O6 MAN G . 37.93 16.01 10.13
C1 NAG H . -5.44 23.96 19.13
C2 NAG H . -5.90 24.30 20.54
C3 NAG H . -5.51 25.73 20.91
C4 NAG H . -4.02 25.93 20.69
C5 NAG H . -3.63 25.53 19.27
C6 NAG H . -2.15 25.60 19.02
C7 NAG H . -7.91 23.14 21.36
C8 NAG H . -6.96 22.19 22.05
N2 NAG H . -7.34 24.12 20.67
O3 NAG H . -5.83 25.96 22.28
O4 NAG H . -3.70 27.31 20.89
O5 NAG H . -4.03 24.18 19.03
O6 NAG H . -1.75 24.74 17.96
O7 NAG H . -9.13 23.01 21.45
C1 NAG H . -2.80 27.50 22.00
C2 NAG H . -2.96 28.95 22.45
C3 NAG H . -3.26 29.03 23.96
C4 NAG H . -2.31 28.15 24.77
C5 NAG H . -2.15 26.78 24.14
C6 NAG H . -2.40 25.65 25.11
C7 NAG H . -1.56 30.29 20.93
C8 NAG H . -0.29 31.06 20.77
N2 NAG H . -1.76 29.73 22.13
O3 NAG H . -4.60 28.63 24.18
O4 NAG H . -1.04 28.78 24.90
O5 NAG H . -3.09 26.63 23.07
O6 NAG H . -3.28 26.05 26.16
O7 NAG H . -2.37 30.18 20.02
C1 BMA H . -1.01 29.46 26.18
C2 BMA H . -0.69 28.43 27.25
C3 BMA H . -0.83 29.08 28.63
C4 BMA H . -0.84 30.65 28.62
C5 BMA H . -0.08 31.32 27.42
C6 BMA H . 1.33 31.75 27.80
O2 BMA H . 0.65 27.99 27.14
O3 BMA H . 0.18 28.61 29.54
O4 BMA H . -2.19 31.12 28.68
O5 BMA H . 0.00 30.46 26.24
O6 BMA H . 1.90 32.52 26.74
C1 MAN H . -0.31 27.40 30.17
C2 MAN H . -0.55 27.70 31.68
C3 MAN H . 0.77 27.71 32.45
C4 MAN H . 1.60 26.47 32.13
C5 MAN H . 1.86 26.43 30.63
C6 MAN H . 2.71 25.24 30.20
O2 MAN H . -1.35 26.69 32.29
O3 MAN H . 0.56 27.80 33.86
O4 MAN H . 2.84 26.51 32.82
O5 MAN H . 0.60 26.32 29.96
O6 MAN H . 3.28 25.55 28.93
C1 MAN H . 2.98 33.31 27.29
C2 MAN H . 3.50 34.27 26.17
C3 MAN H . 4.31 33.51 25.13
C4 MAN H . 5.40 32.66 25.80
C5 MAN H . 4.74 31.70 26.79
C6 MAN H . 5.75 30.84 27.53
O2 MAN H . 4.38 35.26 26.70
O3 MAN H . 4.89 34.37 24.16
O4 MAN H . 6.10 31.91 24.82
O5 MAN H . 4.02 32.47 27.78
O6 MAN H . 6.46 31.66 28.45
C1 NAG I . -10.26 64.44 -11.41
C2 NAG I . -9.48 65.63 -10.84
C3 NAG I . -10.43 66.73 -10.40
C4 NAG I . -11.37 67.12 -11.53
C5 NAG I . -12.07 65.87 -12.07
C6 NAG I . -12.93 66.15 -13.27
C7 NAG I . -9.02 64.68 -8.59
C8 NAG I . -7.96 64.33 -7.61
N2 NAG I . -8.60 65.22 -9.74
O3 NAG I . -9.68 67.85 -9.96
O4 NAG I . -12.33 68.05 -11.04
O5 NAG I . -11.10 64.89 -12.46
O6 NAG I . -14.16 66.77 -12.90
O7 NAG I . -10.22 64.49 -8.36
C1 NAG I . -12.38 69.34 -11.73
C2 NAG I . -10.97 69.86 -12.07
C3 NAG I . -11.06 71.17 -12.86
C4 NAG I . -12.00 71.03 -14.05
C5 NAG I . -13.36 70.48 -13.60
C6 NAG I . -14.30 70.22 -14.74
C7 NAG I . -10.44 70.86 -9.88
C8 NAG I . -9.45 70.89 -8.75
N2 NAG I . -10.14 70.03 -10.88
O3 NAG I . -9.75 71.53 -13.32
O4 NAG I . -12.20 72.28 -14.70
O5 NAG I . -13.17 69.24 -12.92
O6 NAG I . -15.42 71.09 -14.70
O7 NAG I . -11.44 71.58 -9.88
C1 BMA I . -12.28 73.41 -13.78
C2 BMA I . -11.77 74.68 -14.52
C3 BMA I . -11.92 75.91 -13.62
C4 BMA I . -13.28 75.97 -12.90
C5 BMA I . -13.68 74.61 -12.29
C6 BMA I . -15.09 74.60 -11.73
O2 BMA I . -12.55 74.92 -15.68
O3 BMA I . -11.77 77.12 -14.37
O4 BMA I . -13.25 76.95 -11.87
O5 BMA I . -13.60 73.61 -13.31
O6 BMA I . -15.89 75.51 -12.47
C1 MAN I . -10.37 77.40 -14.63
C2 MAN I . -10.18 78.92 -14.41
C3 MAN I . -11.01 79.67 -15.47
C4 MAN I . -10.65 79.20 -16.88
C5 MAN I . -10.81 77.67 -16.97
C6 MAN I . -10.36 77.10 -18.31
O2 MAN I . -8.82 79.30 -14.63
O3 MAN I . -10.86 81.08 -15.36
O4 MAN I . -11.48 79.82 -17.82
O5 MAN I . -10.03 77.02 -15.94
O6 MAN I . -9.05 77.61 -18.58
C1 MAN I . -8.35 80.18 -13.58
C2 MAN I . -8.34 79.38 -12.23
C3 MAN I . -7.96 80.29 -11.05
C4 MAN I . -8.09 81.78 -11.40
C5 MAN I . -9.36 81.98 -12.24
C6 MAN I . -9.69 83.44 -12.46
O2 MAN I . -7.36 78.34 -12.25
O3 MAN I . -6.66 79.99 -10.55
O4 MAN I . -8.16 82.55 -10.22
O5 MAN I . -9.17 81.37 -13.53
O6 MAN I . -10.96 83.50 -13.11
C1 MAN I . -16.63 74.79 -13.49
C2 MAN I . -16.77 75.75 -14.73
C3 MAN I . -17.63 75.10 -15.84
C4 MAN I . -18.38 73.87 -15.33
C5 MAN I . -18.96 74.18 -13.94
C6 MAN I . -19.89 73.10 -13.43
O2 MAN I . -15.51 76.04 -15.32
O3 MAN I . -16.84 74.78 -16.98
O4 MAN I . -19.44 73.54 -16.22
O5 MAN I . -17.87 74.33 -12.99
O6 MAN I . -20.80 72.76 -14.46
C1 NAG J . 17.25 43.96 15.07
C2 NAG J . 18.74 43.95 14.77
C3 NAG J . 19.51 43.51 16.01
C4 NAG J . 19.13 44.36 17.22
C5 NAG J . 17.61 44.41 17.39
C6 NAG J . 17.17 45.37 18.47
C7 NAG J . 19.39 43.55 12.45
C8 NAG J . 19.66 42.52 11.39
N2 NAG J . 19.04 43.08 13.65
O3 NAG J . 20.91 43.62 15.75
O4 NAG J . 19.70 43.80 18.40
O5 NAG J . 16.98 44.82 16.17
O6 NAG J . 16.83 46.63 17.91
O7 NAG J . 19.46 44.75 12.22
C1 NAG J . 20.80 44.60 18.84
C2 NAG J . 20.95 44.39 20.34
C3 NAG J . 22.42 44.19 20.72
C4 NAG J . 23.32 45.18 19.99
C5 NAG J . 23.08 45.14 18.48
C6 NAG J . 24.28 44.64 17.71
C7 NAG J . 19.37 45.34 21.95
C8 NAG J . 18.90 46.59 22.64
N2 NAG J . 20.37 45.50 21.09
O3 NAG J . 22.80 42.86 20.41
O4 NAG J . 23.10 46.50 20.48
O5 NAG J . 22.00 44.24 18.19
O6 NAG J . 24.48 43.25 17.89
O7 NAG J . 18.86 44.25 22.19
C1 BMA J . 24.19 46.90 21.32
C2 BMA J . 23.61 47.25 22.73
C3 BMA J . 24.74 47.45 23.75
C4 BMA J . 25.79 46.34 23.67
C5 BMA J . 26.31 46.23 22.25
C6 BMA J . 27.39 45.17 22.08
O2 BMA J . 22.81 46.18 23.22
O3 BMA J . 24.22 47.56 25.08
O4 BMA J . 26.86 46.61 24.56
O5 BMA J . 25.20 45.89 21.41
O6 BMA J . 28.07 45.42 20.86
C1 NAG K . -27.65 16.31 -10.25
C2 NAG K . -29.13 16.52 -10.50
C3 NAG K . -29.34 17.78 -11.35
C4 NAG K . -28.63 18.98 -10.73
C5 NAG K . -27.17 18.63 -10.38
C6 NAG K . -26.49 19.72 -9.59
C7 NAG K . -30.23 14.34 -10.48
C8 NAG K . -30.81 13.23 -11.31
N2 NAG K . -29.72 15.37 -11.15
O3 NAG K . -30.73 18.03 -11.46
O4 NAG K . -28.59 20.05 -11.66
O5 NAG K . -27.11 17.44 -9.59
O6 NAG K . -25.82 20.64 -10.45
O7 NAG K . -30.22 14.28 -9.25
C1 NAG K . -29.69 20.95 -11.46
C2 NAG K . -29.27 22.34 -11.94
C3 NAG K . -30.43 23.32 -11.82
C4 NAG K . -31.65 22.77 -12.56
C5 NAG K . -31.98 21.37 -12.07
C6 NAG K . -33.09 20.72 -12.85
C7 NAG K . -28.07 23.06 -9.90
C8 NAG K . -26.77 23.57 -9.36
N2 NAG K . -28.10 22.83 -11.22
O3 NAG K . -30.06 24.58 -12.37
O4 NAG K . -32.78 23.62 -12.35
O5 NAG K . -30.83 20.52 -12.20
O6 NAG K . -32.58 19.85 -13.85
O7 NAG K . -29.04 22.86 -9.17
C1 BMA K . -33.01 24.35 -13.57
C2 BMA K . -34.50 24.74 -13.60
C3 BMA K . -34.77 25.62 -14.81
C4 BMA K . -33.78 26.78 -14.87
C5 BMA K . -32.35 26.27 -14.82
C6 BMA K . -31.34 27.39 -14.79
O2 BMA K . -34.83 25.50 -12.45
O3 BMA K . -36.10 26.12 -14.79
O4 BMA K . -33.98 27.52 -16.08
O5 BMA K . -32.19 25.50 -13.62
O6 BMA K . -31.99 28.52 -14.24
C1 MAN K . -31.07 29.64 -14.15
C2 MAN K . -30.69 29.78 -12.66
C3 MAN K . -31.85 30.32 -11.85
C4 MAN K . -32.46 31.56 -12.53
C5 MAN K . -32.85 31.21 -13.96
C6 MAN K . -33.49 32.38 -14.71
O2 MAN K . -29.63 30.72 -12.49
O3 MAN K . -31.45 30.64 -10.53
O4 MAN K . -33.61 31.99 -11.82
O5 MAN K . -31.67 30.80 -14.66
O6 MAN K . -32.49 33.03 -15.51
C1 MAN K . -31.99 29.67 -9.61
C2 MAN K . -33.41 30.13 -9.22
C3 MAN K . -33.31 31.45 -8.47
C4 MAN K . -32.33 31.36 -7.30
C5 MAN K . -30.96 30.84 -7.81
C6 MAN K . -29.96 30.62 -6.70
O2 MAN K . -34.02 29.21 -8.32
O3 MAN K . -34.59 31.87 -8.01
O4 MAN K . -32.15 32.63 -6.71
O5 MAN K . -31.16 29.59 -8.49
O6 MAN K . -29.61 31.89 -6.16
C1 MAN K . -32.07 34.29 -14.92
C2 MAN K . -33.32 35.11 -14.45
C3 MAN K . -34.04 35.76 -15.63
C4 MAN K . -33.05 36.50 -16.54
C5 MAN K . -31.99 35.51 -17.01
C6 MAN K . -30.97 36.14 -17.94
O2 MAN K . -32.94 36.18 -13.58
O3 MAN K . -35.06 36.65 -15.19
O4 MAN K . -33.73 37.02 -17.67
O5 MAN K . -31.28 35.02 -15.85
O6 MAN K . -31.67 36.82 -18.98
C1 MAN K . -37.02 25.02 -14.94
C2 MAN K . -37.68 25.16 -16.33
C3 MAN K . -38.61 26.37 -16.35
C4 MAN K . -39.58 26.35 -15.16
C5 MAN K . -38.79 26.23 -13.85
C6 MAN K . -39.69 26.13 -12.63
O2 MAN K . -38.52 24.03 -16.62
O3 MAN K . -39.33 26.46 -17.58
O4 MAN K . -40.33 27.55 -15.14
O5 MAN K . -37.98 25.04 -13.90
O6 MAN K . -38.85 26.07 -11.48
C1 NAG L . -6.67 -4.68 -31.51
C2 NAG L . -7.17 -5.57 -32.64
C3 NAG L . -7.32 -4.76 -33.92
C4 NAG L . -8.18 -3.54 -33.69
C5 NAG L . -7.66 -2.74 -32.49
C6 NAG L . -8.58 -1.60 -32.10
C7 NAG L . -6.52 -7.91 -32.30
C8 NAG L . -5.50 -8.97 -32.61
N2 NAG L . -6.29 -6.70 -32.84
O3 NAG L . -7.89 -5.59 -34.92
O4 NAG L . -8.12 -2.69 -34.84
O5 NAG L . -7.56 -3.59 -31.34
O6 NAG L . -8.01 -0.82 -31.06
O7 NAG L . -7.49 -8.13 -31.60
C1 NAG L . -9.31 -2.82 -35.62
C2 NAG L . -9.45 -1.57 -36.48
C3 NAG L . -10.65 -1.69 -37.40
C4 NAG L . -10.60 -2.98 -38.20
C5 NAG L . -10.42 -4.17 -37.26
C6 NAG L . -10.23 -5.47 -38.00
C7 NAG L . -8.63 0.61 -35.70
C8 NAG L . -8.87 1.77 -34.79
N2 NAG L . -9.53 -0.38 -35.65
O3 NAG L . -10.69 -0.57 -38.27
O4 NAG L . -11.80 -3.14 -38.94
O5 NAG L . -9.25 -3.97 -36.44
O6 NAG L . -11.01 -6.51 -37.42
O7 NAG L . -7.66 0.57 -36.45
C1 BMA L . -11.50 -3.00 -40.35
C2 BMA L . -12.47 -3.91 -41.13
C3 BMA L . -12.28 -3.69 -42.63
C4 BMA L . -12.32 -2.19 -42.99
C5 BMA L . -11.33 -1.41 -42.12
C6 BMA L . -11.43 0.08 -42.35
O2 BMA L . -13.82 -3.57 -40.84
O3 BMA L . -13.27 -4.38 -43.39
O4 BMA L . -12.00 -2.02 -44.36
O5 BMA L . -11.64 -1.65 -40.74
O6 BMA L . -12.77 0.46 -42.06
C1 MAN L . -12.80 1.86 -41.73
C2 MAN L . -13.88 2.05 -40.65
C3 MAN L . -15.27 1.76 -41.24
C4 MAN L . -15.48 2.57 -42.52
C5 MAN L . -14.35 2.31 -43.52
C6 MAN L . -14.41 3.17 -44.78
O2 MAN L . -13.93 3.40 -40.19
O3 MAN L . -16.31 2.06 -40.31
O4 MAN L . -16.72 2.21 -43.12
O5 MAN L . -13.09 2.62 -42.88
O6 MAN L . -15.78 3.46 -45.07
C1 MAN L . -16.19 1.18 -39.17
C2 MAN L . -17.04 -0.09 -39.47
C3 MAN L . -18.15 -0.29 -38.43
C4 MAN L . -18.93 1.03 -38.09
C5 MAN L . -18.00 2.26 -38.08
C6 MAN L . -18.26 3.18 -36.90
O2 MAN L . -16.23 -1.27 -39.41
O3 MAN L . -17.67 -0.89 -37.23
O4 MAN L . -19.98 1.22 -39.02
O5 MAN L . -16.64 1.82 -38.01
O6 MAN L . -17.33 4.27 -36.98
C1 MAN L . -15.93 4.89 -45.17
C2 MAN L . -17.44 5.21 -45.05
C3 MAN L . -17.69 6.73 -45.15
C4 MAN L . -16.47 7.46 -45.73
C5 MAN L . -15.89 6.63 -46.88
C6 MAN L . -14.77 7.34 -47.62
O2 MAN L . -17.97 4.82 -43.78
O3 MAN L . -18.07 7.29 -43.90
O4 MAN L . -16.85 8.74 -46.20
O5 MAN L . -15.35 5.39 -46.37
O6 MAN L . -14.38 6.54 -48.72
C1 MAN L . -12.73 -5.64 -43.82
C2 MAN L . -12.03 -5.42 -45.18
C3 MAN L . -13.06 -5.14 -46.27
C4 MAN L . -14.16 -6.21 -46.27
C5 MAN L . -14.79 -6.30 -44.87
C6 MAN L . -15.84 -7.40 -44.77
O2 MAN L . -11.33 -6.58 -45.61
O3 MAN L . -12.47 -5.05 -47.55
O4 MAN L . -15.16 -5.88 -47.22
O5 MAN L . -13.75 -6.61 -43.91
O6 MAN L . -15.17 -8.65 -44.84
N POV M . 16.40 -48.81 23.07
P POV M . 15.20 -44.59 22.02
C1 POV M . 13.47 -43.41 20.37
C2 POV M . 11.96 -43.45 20.56
C3 POV M . 11.64 -43.27 22.06
C210 POV M . 10.83 -36.51 17.17
C310 POV M . 14.16 -33.48 24.04
C11 POV M . 17.03 -46.48 22.38
O11 POV M . 14.02 -44.64 20.84
C211 POV M . 11.05 -36.41 15.64
C311 POV M . 15.64 -33.02 24.21
C12 POV M . 16.48 -47.86 21.91
O12 POV M . 16.51 -45.49 21.51
C212 POV M . 11.74 -35.09 15.23
C13 POV M . 17.57 -48.99 23.96
O13 POV M . 14.66 -45.17 23.30
C14 POV M . 16.09 -50.14 22.51
O14 POV M . 15.63 -43.16 22.25
C15 POV M . 15.29 -48.33 23.93
C21 POV M . 10.56 -44.58 19.02
O21 POV M . 11.46 -44.68 20.11
C22 POV M . 11.12 -44.45 17.57
O22 POV M . 9.39 -44.61 19.21
C23 POV M . 11.14 -42.98 17.07
C24 POV M . 12.28 -42.73 16.03
C25 POV M . 12.78 -41.26 16.07
C26 POV M . 13.40 -40.90 17.44
C27 POV M . 12.68 -39.70 18.14
C28 POV M . 12.00 -38.73 17.13
C29 POV M . 11.27 -37.58 17.85
C31 POV M . 12.55 -41.17 22.73
O31 POV M . 12.71 -42.59 22.67
C32 POV M . 11.17 -40.56 23.08
O32 POV M . 13.47 -40.46 22.51
C33 POV M . 11.28 -39.19 23.81
C34 POV M . 11.41 -39.35 25.35
C35 POV M . 12.51 -38.43 25.94
C36 POV M . 12.13 -36.93 25.84
C37 POV M . 13.27 -36.07 25.22
C38 POV M . 13.03 -35.78 23.71
C39 POV M . 14.03 -34.74 23.13
N POV N . 12.57 -24.35 -14.17
P POV N . 9.76 -26.10 -10.23
C1 POV N . 9.68 -27.19 -7.82
C2 POV N . 10.42 -28.19 -6.94
C3 POV N . 11.94 -28.17 -7.22
C11 POV N . 10.87 -25.09 -12.43
O11 POV N . 10.30 -27.19 -9.09
C12 POV N . 12.14 -25.46 -13.26
O12 POV N . 11.08 -25.61 -11.13
C13 POV N . 13.11 -23.09 -13.59
O13 POV N . 9.12 -24.93 -9.54
C14 POV N . 11.39 -23.97 -14.98
O14 POV N . 8.76 -26.79 -11.14
C15 POV N . 13.63 -24.90 -15.05
C21 POV N . 9.38 -30.09 -6.03
O21 POV N . 9.95 -29.48 -7.18
C22 POV N . 8.66 -31.47 -6.18
O22 POV N . 9.44 -29.55 -4.98
C23 POV N . 7.98 -31.91 -4.85
C24 POV N . 9.00 -32.50 -3.83
C25 POV N . 8.34 -32.81 -2.45
C26 POV N . 7.73 -34.25 -2.41
C27 POV N . 7.27 -34.64 -0.97
C28 POV N . 7.12 -36.18 -0.81
C29 POV N . 6.39 -36.82 -2.01
C31 POV N . 13.84 -29.41 -6.43
O31 POV N . 12.60 -28.77 -6.12
C32 POV N . 14.38 -30.51 -5.48
O32 POV N . 14.44 -29.12 -7.40
C33 POV N . 13.28 -31.53 -5.08
C34 POV N . 13.61 -32.32 -3.79
C35 POV N . 12.72 -33.58 -3.60
C36 POV N . 13.53 -34.91 -3.68
N POV O . 22.01 -13.69 13.23
P POV O . 17.47 -15.87 14.10
C1 POV O . 17.79 -16.40 16.67
C2 POV O . 17.06 -17.12 17.81
C3 POV O . 17.14 -16.24 19.06
C11 POV O . 19.90 -14.81 14.02
O11 POV O . 16.86 -16.10 15.63
C12 POV O . 20.53 -13.80 13.01
O12 POV O . 18.50 -14.56 14.11
C13 POV O . 22.56 -13.87 14.59
O13 POV O . 16.34 -15.62 13.13
C14 POV O . 22.40 -12.34 12.78
O14 POV O . 18.23 -17.11 13.67
C15 POV O . 22.64 -14.73 12.38
C21 POV O . 17.46 -19.00 19.26
O21 POV O . 17.70 -18.35 18.01
C22 POV O . 16.15 -19.81 19.47
O22 POV O . 18.26 -18.93 20.14
C23 POV O . 16.46 -21.24 20.01
C24 POV O . 15.79 -21.52 21.39
C25 POV O . 16.35 -22.81 22.06
C26 POV O . 17.51 -22.50 23.05
C31 POV O . 18.41 -14.43 19.97
O31 POV O . 18.33 -15.49 19.02
C32 POV O . 17.90 -14.66 21.42
O32 POV O . 18.87 -13.38 19.66
C33 POV O . 19.05 -15.11 22.38
C34 POV O . 18.61 -15.11 23.87
C35 POV O . 18.81 -16.50 24.55
C36 POV O . 18.36 -17.67 23.62
C37 POV O . 17.87 -18.91 24.42
C38 POV O . 18.29 -18.88 25.93
N POV P . 2.63 -29.99 45.87
P POV P . 0.27 -32.33 42.23
C1 POV P . -0.14 -30.66 40.25
C2 POV P . -0.03 -29.17 40.58
C3 POV P . -1.43 -28.57 40.74
C210 POV P . -0.53 -21.68 32.99
C310 POV P . -1.48 -17.26 35.31
C11 POV P . 0.87 -30.70 44.22
O11 POV P . 0.84 -31.35 41.02
C211 POV P . 0.84 -21.38 32.36
C311 POV P . -0.79 -17.04 33.93
C12 POV P . 1.34 -30.73 45.71
O12 POV P . 1.08 -31.98 43.65
C212 POV P . 0.99 -19.90 31.94
C312 POV P . -0.88 -15.57 33.43
C13 POV P . 3.09 -29.06 44.81
O13 POV P . 0.53 -33.78 41.87
C213 POV P . 2.46 -19.42 31.92
C313 POV P . -2.14 -15.30 32.58
C14 POV P . 3.68 -31.03 45.98
O14 POV P . -1.21 -32.11 42.41
C214 POV P . 2.70 -18.22 32.88
C314 POV P . -2.40 -13.79 32.34
C15 POV P . 2.55 -29.20 47.10
C215 POV P . 4.02 -18.36 33.71
C315 POV P . -2.49 -13.43 30.83
C316 POV P . -2.40 -11.91 30.59
C21 POV P . 1.32 -27.34 40.00
O21 POV P . 0.65 -28.50 39.56
C22 POV P . 1.65 -26.20 38.99
O22 POV P . 1.63 -27.23 41.13
C23 POV P . 3.17 -26.17 38.63
C24 POV P . 3.57 -24.81 37.99
C25 POV P . 2.74 -24.51 36.71
C26 POV P . 1.80 -23.28 36.89
C27 POV P . 0.45 -23.47 36.13
C28 POV P . 0.61 -23.19 34.61
C29 POV P . -0.65 -22.50 34.04
C31 POV P . -2.43 -26.45 41.19
O31 POV P . -1.34 -27.33 41.44
C32 POV P . -2.19 -24.99 40.71
O32 POV P . -3.54 -26.81 41.35
C33 POV P . -3.21 -24.57 39.61
C34 POV P . -3.27 -23.04 39.41
C35 POV P . -2.03 -22.48 38.65
C36 POV P . -1.91 -20.94 38.73
C37 POV P . -0.87 -20.38 37.69
C38 POV P . -1.53 -19.55 36.55
C39 POV P . -0.70 -18.27 36.20
N POV Q . 3.87 6.90 28.39
P POV Q . -0.84 6.34 28.22
C1 POV Q . -0.15 3.83 27.74
C2 POV Q . -0.77 2.55 28.33
C3 POV Q . -2.14 2.92 28.94
C210 POV Q . 10.80 1.59 27.45
C310 POV Q . -6.14 -7.26 31.47
C11 POV Q . 1.49 7.59 27.93
O11 POV Q . -0.23 4.87 28.71
C211 POV Q . 11.84 1.01 26.46
C311 POV Q . -6.78 -7.57 32.85
C12 POV Q . 2.54 6.43 27.89
O12 POV Q . 0.31 7.12 27.31
C212 POV Q . 12.64 -0.17 27.04
C312 POV Q . -8.09 -6.75 33.08
C13 POV Q . 4.43 8.17 27.85
O13 POV Q . -1.18 7.18 29.44
C213 POV Q . 11.72 -1.36 27.46
C313 POV Q . -8.14 -6.13 34.50
C14 POV Q . 4.84 5.83 28.07
O14 POV Q . -2.09 6.12 27.41
C214 POV Q . 12.01 -2.63 26.63
C314 POV Q . -7.59 -4.68 34.53
C15 POV Q . 3.75 7.09 29.85
C215 POV Q . 10.70 -3.36 26.19
C315 POV Q . -6.47 -4.49 35.58
C216 POV Q . 9.84 -3.79 27.41
C316 POV Q . -5.15 -5.21 35.18
C217 POV Q . 8.62 -4.65 26.99
C218 POV Q . 7.42 -4.49 27.97
C21 POV Q . 1.39 1.80 28.88
O21 POV Q . 0.06 2.02 29.31
C22 POV Q . 1.70 0.75 27.77
O22 POV Q . 2.29 2.41 29.37
C23 POV Q . 2.59 -0.42 28.29
C24 POV Q . 4.05 -0.30 27.78
C25 POV Q . 4.97 0.46 28.79
C26 POV Q . 6.48 0.39 28.40
C27 POV Q . 6.99 1.72 27.77
C28 POV Q . 8.45 2.04 28.19
C29 POV Q . 9.49 1.47 27.19
C31 POV Q . -3.52 2.08 30.68
O31 POV Q . -2.20 2.40 30.26
C32 POV Q . -4.44 1.21 29.78
O32 POV Q . -3.93 2.48 31.73
C33 POV Q . -3.86 -0.20 29.49
C34 POV Q . -4.76 -1.03 28.55
C35 POV Q . -5.01 -2.47 29.09
C36 POV Q . -3.69 -3.19 29.51
C37 POV Q . -3.88 -4.71 29.74
C38 POV Q . -5.20 -5.05 30.50
C39 POV Q . -5.00 -6.20 31.54
N POV R . -25.16 8.17 19.68
P POV R . -22.48 8.79 16.08
C1 POV R . -22.04 6.26 15.44
C2 POV R . -22.40 5.20 16.48
C3 POV R . -23.81 4.65 16.20
C210 POV R . -21.99 -4.25 19.88
C310 POV R . -26.15 -5.87 17.49
C11 POV R . -23.65 9.66 18.30
O11 POV R . -21.57 7.39 16.14
C211 POV R . -22.82 -4.84 21.05
C311 POV R . -27.01 -6.27 18.71
C12 POV R . -23.74 8.46 19.30
O12 POV R . -22.43 9.53 17.58
C312 POV R . -27.14 -7.82 18.87
C13 POV R . -26.10 7.66 18.66
O13 POV R . -23.91 8.46 15.71
C14 POV R . -25.74 9.44 20.19
O14 POV R . -21.89 9.73 15.04
C15 POV R . -25.12 7.16 20.75
C21 POV R . -21.37 5.30 18.60
O21 POV R . -22.38 5.80 17.75
C22 POV R . -21.23 3.78 18.86
O22 POV R . -20.62 6.06 19.13
C23 POV R . -19.91 3.42 19.58
C24 POV R . -20.04 2.15 20.47
C25 POV R . -19.86 0.84 19.65
C26 POV R . -20.15 -0.42 20.51
C27 POV R . -21.66 -0.56 20.86
C28 POV R . -22.10 -2.04 21.06
C29 POV R . -21.66 -2.96 19.88
C31 POV R . -24.28 3.26 14.32
O31 POV R . -24.01 4.59 14.80
C32 POV R . -23.97 2.03 15.21
O32 POV R . -24.75 3.11 13.24
C33 POV R . -24.24 0.69 14.48
C34 POV R . -23.95 -0.54 15.39
C35 POV R . -25.25 -1.31 15.77
C36 POV R . -25.45 -2.58 14.89
C37 POV R . -24.99 -3.88 15.58
C38 POV R . -24.77 -3.71 17.12
C39 POV R . -24.89 -5.06 17.89
N POV S . -34.58 -39.40 4.78
P POV S . -30.52 -41.47 4.07
C1 POV S . -29.65 -39.01 3.59
C2 POV S . -29.79 -38.52 2.14
C3 POV S . -28.58 -39.02 1.33
C11 POV S . -32.65 -40.84 5.51
O11 POV S . -29.34 -40.39 3.57
C12 POV S . -33.08 -39.48 4.89
O12 POV S . -31.23 -40.91 5.46
C13 POV S . -35.34 -40.59 4.34
O13 POV S . -29.88 -42.82 4.33
C14 POV S . -34.88 -38.33 3.81
O14 POV S . -31.56 -41.61 2.99
C15 POV S . -35.09 -39.03 6.12
C21 POV S . -30.84 -36.53 2.91
O21 POV S . -29.83 -37.12 2.11
C22 POV S . -30.51 -35.31 3.80
O22 POV S . -31.95 -36.97 2.90
C23 POV S . -30.47 -33.98 2.99
C24 POV S . -31.09 -34.14 1.56
C25 POV S . -30.00 -34.24 0.45
C26 POV S . -29.94 -32.96 -0.45
C27 POV S . -28.79 -32.00 -0.01
C28 POV S . -29.34 -30.72 0.68
C29 POV S . -30.42 -30.00 -0.18
C31 POV S . -27.22 -37.84 -0.24
O31 POV S . -27.72 -37.90 1.09
C32 POV S . -25.95 -36.99 -0.55
O32 POV S . -27.77 -38.43 -1.11
C33 POV S . -26.30 -35.50 -0.81
C34 POV S . -25.10 -34.71 -1.41
C35 POV S . -25.15 -33.20 -1.03
C36 POV S . -24.56 -32.30 -2.16
C2 POV T . -30.46 1.32 10.39
C3 POV T . -30.90 -0.14 10.61
C210 POV T . -29.56 -7.62 11.33
C310 POV T . -33.25 -8.21 8.87
C211 POV T . -29.30 -9.04 11.90
C311 POV T . -32.90 -9.68 9.25
C212 POV T . -30.09 -9.28 13.21
C312 POV T . -34.10 -10.44 9.87
C213 POV T . -30.27 -10.79 13.54
C313 POV T . -34.33 -10.07 11.36
C214 POV T . -29.42 -11.73 12.65
C314 POV T . -35.02 -11.21 12.15
C215 POV T . -30.23 -12.96 12.16
C315 POV T . -34.33 -11.49 13.51
C216 POV T . -31.09 -13.59 13.28
C316 POV T . -34.80 -12.82 14.15
C217 POV T . -30.24 -14.33 14.34
C218 POV T . -31.04 -15.44 15.07
C21 POV T . -28.23 2.01 10.69
O21 POV T . -29.45 1.65 11.31
C22 POV T . -27.36 0.92 9.99
O22 POV T . -27.86 3.15 10.70
C23 POV T . -26.34 0.29 10.96
C24 POV T . -26.85 -1.05 11.56
C25 POV T . -26.46 -2.28 10.69
C26 POV T . -27.71 -3.08 10.22
C27 POV T . -27.47 -4.62 10.22
C28 POV T . -28.78 -5.41 10.46
C29 POV T . -28.51 -6.82 11.02
C31 POV T . -31.77 -1.24 8.69
O31 POV T . -32.03 -0.39 9.80
C32 POV T . -32.19 -0.81 7.26
O32 POV T . -31.23 -2.28 8.86
C33 POV T . -33.14 -1.85 6.59
C34 POV T . -32.59 -2.37 5.23
C35 POV T . -32.34 -3.90 5.22
C36 POV T . -31.45 -4.38 6.40
C37 POV T . -32.22 -5.25 7.43
C38 POV T . -31.61 -6.68 7.59
C39 POV T . -32.68 -7.80 7.48
N POV U . -13.13 -47.95 1.64
P POV U . -9.75 -47.51 -0.76
C1 POV U . -8.76 -45.27 0.24
C2 POV U . -7.40 -44.74 0.71
C3 POV U . -7.37 -43.21 0.56
C210 POV U . -0.70 -41.88 -1.74
C11 POV U . -10.97 -49.08 1.03
O11 POV U . -8.56 -46.35 -0.66
C211 POV U . 0.46 -42.78 -2.23
C12 POV U . -12.43 -48.75 0.59
O12 POV U . -10.15 -47.95 0.80
C13 POV U . -12.63 -47.97 3.03
O13 POV U . -9.23 -48.72 -1.50
C14 POV U . -14.52 -48.44 1.68
O14 POV U . -10.95 -46.94 -1.48
C15 POV U . -13.09 -46.53 1.20
C21 POV U . -5.86 -46.53 0.46
O21 POV U . -6.38 -45.30 -0.05
C22 POV U . -4.88 -47.38 -0.39
O22 POV U . -6.20 -46.91 1.53
C23 POV U . -3.41 -46.87 -0.26
C24 POV U . -2.68 -46.85 -1.63
C25 POV U . -2.22 -45.41 -2.04
C26 POV U . -3.42 -44.44 -2.21
C27 POV U . -3.35 -43.63 -3.54
C28 POV U . -2.07 -42.75 -3.63
C29 POV U . -1.87 -41.87 -2.37
C31 POV U . -6.24 -42.12 -1.24
O31 POV U . -6.13 -42.85 -0.02
C32 POV U . -6.25 -40.57 -1.21
O32 POV U . -6.33 -42.70 -2.28
C33 POV U . -5.67 -39.96 -2.50
C34 POV U . -6.77 -39.65 -3.57
C35 POV U . -6.97 -38.11 -3.78
C36 POV U . -5.87 -37.50 -4.71
C37 POV U . -5.57 -36.02 -4.36
#